data_3ZOG
# 
_entry.id   3ZOG 
# 
_audit_conform.dict_name       mmcif_pdbx.dic 
_audit_conform.dict_version    5.383 
_audit_conform.dict_location   http://mmcif.pdb.org/dictionaries/ascii/mmcif_pdbx.dic 
# 
loop_
_database_2.database_id 
_database_2.database_code 
_database_2.pdbx_database_accession 
_database_2.pdbx_DOI 
PDB   3ZOG         pdb_00003zog 10.2210/pdb3zog/pdb 
PDBE  EBI-55920    ?            ?                   
WWPDB D_1290055920 ?            ?                   
# 
loop_
_pdbx_database_related.db_name 
_pdbx_database_related.db_id 
_pdbx_database_related.content_type 
_pdbx_database_related.details 
PDB 3ZOC unspecified 
'CRYSTAL STRUCTURE OF FMN-BINDING PROTEIN (NP_142786.1) FROM PYROCOCCUS HORIKOSHII WITH BOUND P- HYDROXYBENZALDEHYDE' 
PDB 3ZOD unspecified 
'CRYSTAL STRUCTURE OF FMN-BINDING PROTEIN (NP_142786.1) FROM PYROCOCCUS HORIKOSHII WITH BOUND BENZENE-1,4-DIOL'       
PDB 3ZOE unspecified 
'CRYSTAL STRUCTURE OF FMN-BINDING PROTEIN (YP_005476) FROM THERMUS THERMOPHILUS WITH BOUND P-HYDROXYBENZALDEHYDE'     
PDB 3ZOF unspecified 'CRYSTAL STRUCTURE OF FMN-BINDING PROTEIN (YP_005476) FROM THERMUS THERMOPHILUS WITH BOUND BENZENE-1,4-DIOL' 
PDB 3ZOH unspecified 
'CRYSTAL STRUCTURE OF FMN-BINDING PROTEIN (YP_005476) FROM THERMUS THERMOPHILUS WITH BOUND 1-CYCLOHEX-2- ENONE'       
# 
_pdbx_database_status.status_code                     REL 
_pdbx_database_status.entry_id                        3ZOG 
_pdbx_database_status.deposit_site                    PDBE 
_pdbx_database_status.process_site                    PDBE 
_pdbx_database_status.SG_entry                        . 
_pdbx_database_status.recvd_initial_deposition_date   2013-02-21 
_pdbx_database_status.pdb_format_compatible           Y 
_pdbx_database_status.status_code_sf                  REL 
_pdbx_database_status.status_code_mr                  ? 
_pdbx_database_status.status_code_cs                  ? 
_pdbx_database_status.methods_development_category    ? 
_pdbx_database_status.status_code_nmr_data            ? 
# 
loop_
_audit_author.name 
_audit_author.pdbx_ordinal 
'Pavkov-Keller, T.' 1 
'Steinkellner, G.'  2 
'Gruber, C.C.'      3 
'Steiner, K.'       4 
'Winkler, C.'       5 
'Schwamberger, O.'  6 
'Schwab, H.'        7 
'Faber, K.'         8 
'Gruber, K.'        9 
# 
_citation.id                        primary 
_citation.title                     
'Identification of Promiscuous Ene-Reductase Activity by Mining Structural Databases Using Active Site Constellations.' 
_citation.journal_abbrev            Nat.Commun. 
_citation.journal_volume            5 
_citation.page_first                4150 
_citation.page_last                 ? 
_citation.year                      2014 
_citation.journal_id_ASTM           ? 
_citation.country                   UK 
_citation.journal_id_ISSN           2041-1723 
_citation.journal_id_CSD            ? 
_citation.book_publisher            ? 
_citation.pdbx_database_id_PubMed   24954722 
_citation.pdbx_database_id_DOI      10.1038/NCOMMS5150 
# 
loop_
_citation_author.citation_id 
_citation_author.name 
_citation_author.ordinal 
_citation_author.identifier_ORCID 
primary 'Steinkellner, G.'  1  ? 
primary 'Gruber, C.C.'      2  ? 
primary 'Pavkov-Keller, T.' 3  ? 
primary 'Binter, A.'        4  ? 
primary 'Steiner, K.'       5  ? 
primary 'Winkler, C.'       6  ? 
primary 'Lyskowski, A.'     7  ? 
primary 'Schwamberger, O.'  8  ? 
primary 'Oberer, M.'        9  ? 
primary 'Schwab, H.'        10 ? 
primary 'Faber, K.'         11 ? 
primary 'Macheroux, P.'     12 ? 
primary 'Gruber, K.'        13 ? 
# 
_cell.entry_id           3ZOG 
_cell.length_a           46.060 
_cell.length_b           46.060 
_cell.length_c           268.600 
_cell.angle_alpha        90.00 
_cell.angle_beta         90.00 
_cell.angle_gamma        120.00 
_cell.Z_PDB              12 
_cell.pdbx_unique_axis   ? 
# 
_symmetry.entry_id                         3ZOG 
_symmetry.space_group_name_H-M             'P 61 2 2' 
_symmetry.pdbx_full_space_group_name_H-M   ? 
_symmetry.cell_setting                     ? 
_symmetry.Int_Tables_number                178 
# 
loop_
_entity.id 
_entity.type 
_entity.src_method 
_entity.pdbx_description 
_entity.formula_weight 
_entity.pdbx_number_of_molecules 
_entity.pdbx_ec 
_entity.pdbx_mutation 
_entity.pdbx_fragment 
_entity.details 
1 polymer     man 'FMN-BINDING PROTEIN'   21691.045 1  ? ? ? ? 
2 non-polymer syn 'FLAVIN MONONUCLEOTIDE' 456.344   1  ? ? ? ? 
3 non-polymer syn cyclohex-2-en-1-one     96.127    1  ? ? ? ? 
4 water       nat water                   18.015    62 ? ? ? ? 
# 
_entity_poly.entity_id                      1 
_entity_poly.type                           'polypeptide(L)' 
_entity_poly.nstd_linkage                   no 
_entity_poly.nstd_monomer                   no 
_entity_poly.pdbx_seq_one_letter_code       
;MGSDKIHHHHHHENLYFQGMEGYRLLYPMRTYLIVSGHGEETNVMAADWVTVVSFDPFIVGVAVAPKRTTHKLIKKYGEF
VISVPSLDVLRDVWIAGTKKGPSKLKEMSVTLIPSKKVKVPSIEEALANIECRVIDARSYGDHTFFVGEVVGYTYKDYAF
EKGKPNLKAKFLAHVSWSEFVTFSEKVHKAE
;
_entity_poly.pdbx_seq_one_letter_code_can   
;MGSDKIHHHHHHENLYFQGMEGYRLLYPMRTYLIVSGHGEETNVMAADWVTVVSFDPFIVGVAVAPKRTTHKLIKKYGEF
VISVPSLDVLRDVWIAGTKKGPSKLKEMSVTLIPSKKVKVPSIEEALANIECRVIDARSYGDHTFFVGEVVGYTYKDYAF
EKGKPNLKAKFLAHVSWSEFVTFSEKVHKAE
;
_entity_poly.pdbx_strand_id                 A 
_entity_poly.pdbx_target_identifier         ? 
# 
loop_
_entity_poly_seq.entity_id 
_entity_poly_seq.num 
_entity_poly_seq.mon_id 
_entity_poly_seq.hetero 
1 1   MET n 
1 2   GLY n 
1 3   SER n 
1 4   ASP n 
1 5   LYS n 
1 6   ILE n 
1 7   HIS n 
1 8   HIS n 
1 9   HIS n 
1 10  HIS n 
1 11  HIS n 
1 12  HIS n 
1 13  GLU n 
1 14  ASN n 
1 15  LEU n 
1 16  TYR n 
1 17  PHE n 
1 18  GLN n 
1 19  GLY n 
1 20  MET n 
1 21  GLU n 
1 22  GLY n 
1 23  TYR n 
1 24  ARG n 
1 25  LEU n 
1 26  LEU n 
1 27  TYR n 
1 28  PRO n 
1 29  MET n 
1 30  ARG n 
1 31  THR n 
1 32  TYR n 
1 33  LEU n 
1 34  ILE n 
1 35  VAL n 
1 36  SER n 
1 37  GLY n 
1 38  HIS n 
1 39  GLY n 
1 40  GLU n 
1 41  GLU n 
1 42  THR n 
1 43  ASN n 
1 44  VAL n 
1 45  MET n 
1 46  ALA n 
1 47  ALA n 
1 48  ASP n 
1 49  TRP n 
1 50  VAL n 
1 51  THR n 
1 52  VAL n 
1 53  VAL n 
1 54  SER n 
1 55  PHE n 
1 56  ASP n 
1 57  PRO n 
1 58  PHE n 
1 59  ILE n 
1 60  VAL n 
1 61  GLY n 
1 62  VAL n 
1 63  ALA n 
1 64  VAL n 
1 65  ALA n 
1 66  PRO n 
1 67  LYS n 
1 68  ARG n 
1 69  THR n 
1 70  THR n 
1 71  HIS n 
1 72  LYS n 
1 73  LEU n 
1 74  ILE n 
1 75  LYS n 
1 76  LYS n 
1 77  TYR n 
1 78  GLY n 
1 79  GLU n 
1 80  PHE n 
1 81  VAL n 
1 82  ILE n 
1 83  SER n 
1 84  VAL n 
1 85  PRO n 
1 86  SER n 
1 87  LEU n 
1 88  ASP n 
1 89  VAL n 
1 90  LEU n 
1 91  ARG n 
1 92  ASP n 
1 93  VAL n 
1 94  TRP n 
1 95  ILE n 
1 96  ALA n 
1 97  GLY n 
1 98  THR n 
1 99  LYS n 
1 100 LYS n 
1 101 GLY n 
1 102 PRO n 
1 103 SER n 
1 104 LYS n 
1 105 LEU n 
1 106 LYS n 
1 107 GLU n 
1 108 MET n 
1 109 SER n 
1 110 VAL n 
1 111 THR n 
1 112 LEU n 
1 113 ILE n 
1 114 PRO n 
1 115 SER n 
1 116 LYS n 
1 117 LYS n 
1 118 VAL n 
1 119 LYS n 
1 120 VAL n 
1 121 PRO n 
1 122 SER n 
1 123 ILE n 
1 124 GLU n 
1 125 GLU n 
1 126 ALA n 
1 127 LEU n 
1 128 ALA n 
1 129 ASN n 
1 130 ILE n 
1 131 GLU n 
1 132 CYS n 
1 133 ARG n 
1 134 VAL n 
1 135 ILE n 
1 136 ASP n 
1 137 ALA n 
1 138 ARG n 
1 139 SER n 
1 140 TYR n 
1 141 GLY n 
1 142 ASP n 
1 143 HIS n 
1 144 THR n 
1 145 PHE n 
1 146 PHE n 
1 147 VAL n 
1 148 GLY n 
1 149 GLU n 
1 150 VAL n 
1 151 VAL n 
1 152 GLY n 
1 153 TYR n 
1 154 THR n 
1 155 TYR n 
1 156 LYS n 
1 157 ASP n 
1 158 TYR n 
1 159 ALA n 
1 160 PHE n 
1 161 GLU n 
1 162 LYS n 
1 163 GLY n 
1 164 LYS n 
1 165 PRO n 
1 166 ASN n 
1 167 LEU n 
1 168 LYS n 
1 169 ALA n 
1 170 LYS n 
1 171 PHE n 
1 172 LEU n 
1 173 ALA n 
1 174 HIS n 
1 175 VAL n 
1 176 SER n 
1 177 TRP n 
1 178 SER n 
1 179 GLU n 
1 180 PHE n 
1 181 VAL n 
1 182 THR n 
1 183 PHE n 
1 184 SER n 
1 185 GLU n 
1 186 LYS n 
1 187 VAL n 
1 188 HIS n 
1 189 LYS n 
1 190 ALA n 
1 191 GLU n 
# 
_entity_src_gen.entity_id                          1 
_entity_src_gen.pdbx_src_id                        1 
_entity_src_gen.pdbx_alt_source_flag               sample 
_entity_src_gen.pdbx_seq_type                      ? 
_entity_src_gen.pdbx_beg_seq_num                   ? 
_entity_src_gen.pdbx_end_seq_num                   ? 
_entity_src_gen.gene_src_common_name               ? 
_entity_src_gen.gene_src_genus                     ? 
_entity_src_gen.pdbx_gene_src_gene                 ? 
_entity_src_gen.gene_src_species                   ? 
_entity_src_gen.gene_src_strain                    ? 
_entity_src_gen.gene_src_tissue                    ? 
_entity_src_gen.gene_src_tissue_fraction           ? 
_entity_src_gen.gene_src_details                   ? 
_entity_src_gen.pdbx_gene_src_fragment             ? 
_entity_src_gen.pdbx_gene_src_scientific_name      'PYROCOCCUS HORIKOSHII' 
_entity_src_gen.pdbx_gene_src_ncbi_taxonomy_id     53953 
_entity_src_gen.pdbx_gene_src_variant              ? 
_entity_src_gen.pdbx_gene_src_cell_line            ? 
_entity_src_gen.pdbx_gene_src_atcc                 ? 
_entity_src_gen.pdbx_gene_src_organ                ? 
_entity_src_gen.pdbx_gene_src_organelle            ? 
_entity_src_gen.pdbx_gene_src_cell                 ? 
_entity_src_gen.pdbx_gene_src_cellular_location    ? 
_entity_src_gen.host_org_common_name               ? 
_entity_src_gen.pdbx_host_org_scientific_name      'ESCHERICHIA COLI' 
_entity_src_gen.pdbx_host_org_ncbi_taxonomy_id     562 
_entity_src_gen.host_org_genus                     ? 
_entity_src_gen.pdbx_host_org_gene                 ? 
_entity_src_gen.pdbx_host_org_organ                ? 
_entity_src_gen.host_org_species                   ? 
_entity_src_gen.pdbx_host_org_tissue               ? 
_entity_src_gen.pdbx_host_org_tissue_fraction      ? 
_entity_src_gen.pdbx_host_org_strain               ? 
_entity_src_gen.pdbx_host_org_variant              ? 
_entity_src_gen.pdbx_host_org_cell_line            ? 
_entity_src_gen.pdbx_host_org_atcc                 ? 
_entity_src_gen.pdbx_host_org_culture_collection   ? 
_entity_src_gen.pdbx_host_org_cell                 ? 
_entity_src_gen.pdbx_host_org_organelle            ? 
_entity_src_gen.pdbx_host_org_cellular_location    ? 
_entity_src_gen.pdbx_host_org_vector_type          ? 
_entity_src_gen.pdbx_host_org_vector               ? 
_entity_src_gen.host_org_details                   ? 
_entity_src_gen.expression_system_id               ? 
_entity_src_gen.plasmid_name                       ? 
_entity_src_gen.plasmid_details                    ? 
_entity_src_gen.pdbx_description                   ? 
# 
_struct_ref.id                         1 
_struct_ref.db_name                    UNP 
_struct_ref.db_code                    Y856_PYRHO 
_struct_ref.entity_id                  1 
_struct_ref.pdbx_seq_one_letter_code   ? 
_struct_ref.pdbx_align_begin           ? 
_struct_ref.pdbx_db_accession          O58586 
_struct_ref.pdbx_db_isoform            ? 
# 
_struct_ref_seq.align_id                      1 
_struct_ref_seq.ref_id                        1 
_struct_ref_seq.pdbx_PDB_id_code              3ZOG 
_struct_ref_seq.pdbx_strand_id                A 
_struct_ref_seq.seq_align_beg                 20 
_struct_ref_seq.pdbx_seq_align_beg_ins_code   ? 
_struct_ref_seq.seq_align_end                 191 
_struct_ref_seq.pdbx_seq_align_end_ins_code   ? 
_struct_ref_seq.pdbx_db_accession             O58586 
_struct_ref_seq.db_align_beg                  1 
_struct_ref_seq.pdbx_db_align_beg_ins_code    ? 
_struct_ref_seq.db_align_end                  172 
_struct_ref_seq.pdbx_db_align_end_ins_code    ? 
_struct_ref_seq.pdbx_auth_seq_align_beg       1 
_struct_ref_seq.pdbx_auth_seq_align_end       172 
# 
loop_
_struct_ref_seq_dif.align_id 
_struct_ref_seq_dif.pdbx_pdb_id_code 
_struct_ref_seq_dif.mon_id 
_struct_ref_seq_dif.pdbx_pdb_strand_id 
_struct_ref_seq_dif.seq_num 
_struct_ref_seq_dif.pdbx_pdb_ins_code 
_struct_ref_seq_dif.pdbx_seq_db_name 
_struct_ref_seq_dif.pdbx_seq_db_accession_code 
_struct_ref_seq_dif.db_mon_id 
_struct_ref_seq_dif.pdbx_seq_db_seq_num 
_struct_ref_seq_dif.details 
_struct_ref_seq_dif.pdbx_auth_seq_num 
_struct_ref_seq_dif.pdbx_ordinal 
1 3ZOG MET A 1  ? UNP O58586 ? ? 'expression tag' -18 1  
1 3ZOG GLY A 2  ? UNP O58586 ? ? 'expression tag' -17 2  
1 3ZOG SER A 3  ? UNP O58586 ? ? 'expression tag' -16 3  
1 3ZOG ASP A 4  ? UNP O58586 ? ? 'expression tag' -15 4  
1 3ZOG LYS A 5  ? UNP O58586 ? ? 'expression tag' -14 5  
1 3ZOG ILE A 6  ? UNP O58586 ? ? 'expression tag' -13 6  
1 3ZOG HIS A 7  ? UNP O58586 ? ? 'expression tag' -12 7  
1 3ZOG HIS A 8  ? UNP O58586 ? ? 'expression tag' -11 8  
1 3ZOG HIS A 9  ? UNP O58586 ? ? 'expression tag' -10 9  
1 3ZOG HIS A 10 ? UNP O58586 ? ? 'expression tag' -9  10 
1 3ZOG HIS A 11 ? UNP O58586 ? ? 'expression tag' -8  11 
1 3ZOG HIS A 12 ? UNP O58586 ? ? 'expression tag' -7  12 
1 3ZOG GLU A 13 ? UNP O58586 ? ? 'expression tag' -6  13 
1 3ZOG ASN A 14 ? UNP O58586 ? ? 'expression tag' -5  14 
1 3ZOG LEU A 15 ? UNP O58586 ? ? 'expression tag' -4  15 
1 3ZOG TYR A 16 ? UNP O58586 ? ? 'expression tag' -3  16 
1 3ZOG PHE A 17 ? UNP O58586 ? ? 'expression tag' -2  17 
1 3ZOG GLN A 18 ? UNP O58586 ? ? 'expression tag' -1  18 
1 3ZOG GLY A 19 ? UNP O58586 ? ? 'expression tag' 0   19 
# 
loop_
_chem_comp.id 
_chem_comp.type 
_chem_comp.mon_nstd_flag 
_chem_comp.name 
_chem_comp.pdbx_synonyms 
_chem_comp.formula 
_chem_comp.formula_weight 
A2Q non-polymer         . cyclohex-2-en-1-one     cyclohex-2-enone           'C6 H8 O'         96.127  
ALA 'L-peptide linking' y ALANINE                 ?                          'C3 H7 N O2'      89.093  
ARG 'L-peptide linking' y ARGININE                ?                          'C6 H15 N4 O2 1'  175.209 
ASN 'L-peptide linking' y ASPARAGINE              ?                          'C4 H8 N2 O3'     132.118 
ASP 'L-peptide linking' y 'ASPARTIC ACID'         ?                          'C4 H7 N O4'      133.103 
CYS 'L-peptide linking' y CYSTEINE                ?                          'C3 H7 N O2 S'    121.158 
FMN non-polymer         . 'FLAVIN MONONUCLEOTIDE' 'RIBOFLAVIN MONOPHOSPHATE' 'C17 H21 N4 O9 P' 456.344 
GLN 'L-peptide linking' y GLUTAMINE               ?                          'C5 H10 N2 O3'    146.144 
GLU 'L-peptide linking' y 'GLUTAMIC ACID'         ?                          'C5 H9 N O4'      147.129 
GLY 'peptide linking'   y GLYCINE                 ?                          'C2 H5 N O2'      75.067  
HIS 'L-peptide linking' y HISTIDINE               ?                          'C6 H10 N3 O2 1'  156.162 
HOH non-polymer         . WATER                   ?                          'H2 O'            18.015  
ILE 'L-peptide linking' y ISOLEUCINE              ?                          'C6 H13 N O2'     131.173 
LEU 'L-peptide linking' y LEUCINE                 ?                          'C6 H13 N O2'     131.173 
LYS 'L-peptide linking' y LYSINE                  ?                          'C6 H15 N2 O2 1'  147.195 
MET 'L-peptide linking' y METHIONINE              ?                          'C5 H11 N O2 S'   149.211 
PHE 'L-peptide linking' y PHENYLALANINE           ?                          'C9 H11 N O2'     165.189 
PRO 'L-peptide linking' y PROLINE                 ?                          'C5 H9 N O2'      115.130 
SER 'L-peptide linking' y SERINE                  ?                          'C3 H7 N O3'      105.093 
THR 'L-peptide linking' y THREONINE               ?                          'C4 H9 N O3'      119.119 
TRP 'L-peptide linking' y TRYPTOPHAN              ?                          'C11 H12 N2 O2'   204.225 
TYR 'L-peptide linking' y TYROSINE                ?                          'C9 H11 N O3'     181.189 
VAL 'L-peptide linking' y VALINE                  ?                          'C5 H11 N O2'     117.146 
# 
_exptl.entry_id          3ZOG 
_exptl.method            'X-RAY DIFFRACTION' 
_exptl.crystals_number   1 
# 
_exptl_crystal.id                    1 
_exptl_crystal.density_meas          ? 
_exptl_crystal.density_Matthews      2 
_exptl_crystal.density_percent_sol   39 
_exptl_crystal.description           NONE 
# 
_exptl_crystal_grow.crystal_id      1 
_exptl_crystal_grow.method          'VAPOR DIFFUSION' 
_exptl_crystal_grow.temp            293 
_exptl_crystal_grow.temp_details    ? 
_exptl_crystal_grow.pH              ? 
_exptl_crystal_grow.pdbx_pH_range   ? 
_exptl_crystal_grow.pdbx_details    
;VAPOR DIFFUSION AT 293K; CONDITIONS CONTAINING PEG 3350 OR 6000 (10-20% W/V) AS PRECIPITATION AGENT AND DIFFERENT SALTS (50-200 MM MAGNESIUM CLORIDE, POTASSIUM FORMATE, NATRIUM FORMATE, AMMONIUM FORMATE, MAGNESIUM FORMATE)
;
# 
_diffrn.id                     1 
_diffrn.ambient_temp           100 
_diffrn.ambient_temp_details   ? 
_diffrn.crystal_id             1 
# 
_diffrn_detector.diffrn_id              1 
_diffrn_detector.detector               ? 
_diffrn_detector.type                   ? 
_diffrn_detector.pdbx_collection_date   2011-02-12 
_diffrn_detector.details                ? 
# 
_diffrn_radiation.diffrn_id                        1 
_diffrn_radiation.wavelength_id                    1 
_diffrn_radiation.pdbx_monochromatic_or_laue_m_l   M 
_diffrn_radiation.monochromator                    ? 
_diffrn_radiation.pdbx_diffrn_protocol             'SINGLE WAVELENGTH' 
_diffrn_radiation.pdbx_scattering_type             x-ray 
# 
_diffrn_radiation_wavelength.id           1 
_diffrn_radiation_wavelength.wavelength   1.0044 
_diffrn_radiation_wavelength.wt           1.0 
# 
_diffrn_source.diffrn_id                   1 
_diffrn_source.source                      SYNCHROTRON 
_diffrn_source.type                        'ESRF BEAMLINE ID14-4' 
_diffrn_source.pdbx_synchrotron_site       ESRF 
_diffrn_source.pdbx_synchrotron_beamline   ID14-4 
_diffrn_source.pdbx_wavelength             1.0044 
_diffrn_source.pdbx_wavelength_list        ? 
# 
_reflns.pdbx_diffrn_id               1 
_reflns.pdbx_ordinal                 1 
_reflns.entry_id                     3ZOG 
_reflns.observed_criterion_sigma_I   3.5 
_reflns.observed_criterion_sigma_F   ? 
_reflns.d_resolution_low             45.00 
_reflns.d_resolution_high            1.75 
_reflns.number_obs                   18259 
_reflns.number_all                   ? 
_reflns.percent_possible_obs         100.0 
_reflns.pdbx_Rmerge_I_obs            0.06 
_reflns.pdbx_Rsym_value              ? 
_reflns.pdbx_netI_over_sigmaI        26.20 
_reflns.B_iso_Wilson_estimate        ? 
_reflns.pdbx_redundancy              15.3 
# 
_reflns_shell.pdbx_diffrn_id         1 
_reflns_shell.pdbx_ordinal           1 
_reflns_shell.d_res_high             1.75 
_reflns_shell.d_res_low              1.85 
_reflns_shell.percent_possible_all   100.0 
_reflns_shell.Rmerge_I_obs           0.64 
_reflns_shell.pdbx_Rsym_value        ? 
_reflns_shell.meanI_over_sigI_obs    3.50 
_reflns_shell.pdbx_redundancy        10.8 
# 
_refine.pdbx_refine_id                           'X-RAY DIFFRACTION' 
_refine.entry_id                                 3ZOG 
_refine.pdbx_diffrn_id                           1 
_refine.pdbx_TLS_residual_ADP_flag               ? 
_refine.ls_number_reflns_obs                     17346 
_refine.ls_number_reflns_all                     ? 
_refine.pdbx_ls_sigma_I                          ? 
_refine.pdbx_ls_sigma_F                          . 
_refine.pdbx_data_cutoff_high_absF               ? 
_refine.pdbx_data_cutoff_low_absF                ? 
_refine.pdbx_data_cutoff_high_rms_absF           ? 
_refine.ls_d_res_low                             44.77 
_refine.ls_d_res_high                            1.75 
_refine.ls_percent_reflns_obs                    99.98 
_refine.ls_R_factor_obs                          0.19629 
_refine.ls_R_factor_all                          ? 
_refine.ls_R_factor_R_work                       0.19445 
_refine.ls_R_factor_R_free                       0.23149 
_refine.ls_R_factor_R_free_error                 ? 
_refine.ls_R_factor_R_free_error_details         ? 
_refine.ls_percent_reflns_R_free                 5.0 
_refine.ls_number_reflns_R_free                  913 
_refine.ls_number_parameters                     ? 
_refine.ls_number_restraints                     ? 
_refine.occupancy_min                            ? 
_refine.occupancy_max                            ? 
_refine.correlation_coeff_Fo_to_Fc               0.964 
_refine.correlation_coeff_Fo_to_Fc_free          0.951 
_refine.B_iso_mean                               30.728 
_refine.aniso_B[1][1]                            0.61 
_refine.aniso_B[2][2]                            0.61 
_refine.aniso_B[3][3]                            -1.99 
_refine.aniso_B[1][2]                            0.61 
_refine.aniso_B[1][3]                            0.00 
_refine.aniso_B[2][3]                            0.00 
_refine.solvent_model_details                    MASK 
_refine.solvent_model_param_ksol                 ? 
_refine.solvent_model_param_bsol                 ? 
_refine.pdbx_solvent_vdw_probe_radii             1.20 
_refine.pdbx_solvent_ion_probe_radii             0.80 
_refine.pdbx_solvent_shrinkage_radii             0.80 
_refine.pdbx_ls_cross_valid_method               THROUGHOUT 
_refine.details                                  'HYDROGENS HAVE BEEN ADDED IN THE RIDING POSITIONS.' 
_refine.pdbx_starting_model                      'PDB ENTRY 1USC' 
_refine.pdbx_method_to_determine_struct          'MOLECULAR REPLACEMENT' 
_refine.pdbx_isotropic_thermal_model             ? 
_refine.pdbx_stereochemistry_target_values       'MAXIMUM LIKELIHOOD' 
_refine.pdbx_stereochem_target_val_spec_case     ? 
_refine.pdbx_R_Free_selection_details            RANDOM 
_refine.pdbx_overall_ESU_R                       0.131 
_refine.pdbx_overall_ESU_R_Free                  0.125 
_refine.overall_SU_ML                            0.088 
_refine.pdbx_overall_phase_error                 ? 
_refine.overall_SU_B                             2.789 
_refine.overall_SU_R_Cruickshank_DPI             ? 
_refine.pdbx_overall_SU_R_free_Cruickshank_DPI   ? 
_refine.pdbx_overall_SU_R_Blow_DPI               ? 
_refine.pdbx_overall_SU_R_free_Blow_DPI          ? 
# 
_refine_hist.pdbx_refine_id                   'X-RAY DIFFRACTION' 
_refine_hist.cycle_id                         LAST 
_refine_hist.pdbx_number_atoms_protein        1437 
_refine_hist.pdbx_number_atoms_nucleic_acid   0 
_refine_hist.pdbx_number_atoms_ligand         38 
_refine_hist.number_atoms_solvent             62 
_refine_hist.number_atoms_total               1537 
_refine_hist.d_res_high                       1.75 
_refine_hist.d_res_low                        44.77 
# 
loop_
_refine_ls_restr.type 
_refine_ls_restr.dev_ideal 
_refine_ls_restr.dev_ideal_target 
_refine_ls_restr.weight 
_refine_ls_restr.number 
_refine_ls_restr.pdbx_refine_id 
_refine_ls_restr.pdbx_restraint_function 
r_bond_refined_d             0.008  0.019  ? 1566 'X-RAY DIFFRACTION' ? 
r_bond_other_d               ?      ?      ? ?    'X-RAY DIFFRACTION' ? 
r_angle_refined_deg          1.287  1.983  ? 2127 'X-RAY DIFFRACTION' ? 
r_angle_other_deg            ?      ?      ? ?    'X-RAY DIFFRACTION' ? 
r_dihedral_angle_1_deg       5.724  5.000  ? 189  'X-RAY DIFFRACTION' ? 
r_dihedral_angle_2_deg       35.626 22.903 ? 62   'X-RAY DIFFRACTION' ? 
r_dihedral_angle_3_deg       15.131 15.000 ? 269  'X-RAY DIFFRACTION' ? 
r_dihedral_angle_4_deg       20.153 15.000 ? 8    'X-RAY DIFFRACTION' ? 
r_chiral_restr               0.096  0.200  ? 230  'X-RAY DIFFRACTION' ? 
r_gen_planes_refined         0.006  0.021  ? 1172 'X-RAY DIFFRACTION' ? 
r_gen_planes_other           ?      ?      ? ?    'X-RAY DIFFRACTION' ? 
r_nbd_refined                ?      ?      ? ?    'X-RAY DIFFRACTION' ? 
r_nbd_other                  ?      ?      ? ?    'X-RAY DIFFRACTION' ? 
r_nbtor_refined              ?      ?      ? ?    'X-RAY DIFFRACTION' ? 
r_nbtor_other                ?      ?      ? ?    'X-RAY DIFFRACTION' ? 
r_xyhbond_nbd_refined        ?      ?      ? ?    'X-RAY DIFFRACTION' ? 
r_xyhbond_nbd_other          ?      ?      ? ?    'X-RAY DIFFRACTION' ? 
r_metal_ion_refined          ?      ?      ? ?    'X-RAY DIFFRACTION' ? 
r_metal_ion_other            ?      ?      ? ?    'X-RAY DIFFRACTION' ? 
r_symmetry_vdw_refined       ?      ?      ? ?    'X-RAY DIFFRACTION' ? 
r_symmetry_vdw_other         ?      ?      ? ?    'X-RAY DIFFRACTION' ? 
r_symmetry_hbond_refined     ?      ?      ? ?    'X-RAY DIFFRACTION' ? 
r_symmetry_hbond_other       ?      ?      ? ?    'X-RAY DIFFRACTION' ? 
r_symmetry_metal_ion_refined ?      ?      ? ?    'X-RAY DIFFRACTION' ? 
r_symmetry_metal_ion_other   ?      ?      ? ?    'X-RAY DIFFRACTION' ? 
r_mcbond_it                  ?      ?      ? ?    'X-RAY DIFFRACTION' ? 
r_mcbond_other               ?      ?      ? ?    'X-RAY DIFFRACTION' ? 
r_mcangle_it                 ?      ?      ? ?    'X-RAY DIFFRACTION' ? 
r_mcangle_other              ?      ?      ? ?    'X-RAY DIFFRACTION' ? 
r_scbond_it                  ?      ?      ? ?    'X-RAY DIFFRACTION' ? 
r_scbond_other               ?      ?      ? ?    'X-RAY DIFFRACTION' ? 
r_scangle_it                 ?      ?      ? ?    'X-RAY DIFFRACTION' ? 
r_scangle_other              ?      ?      ? ?    'X-RAY DIFFRACTION' ? 
r_long_range_B_refined       ?      ?      ? ?    'X-RAY DIFFRACTION' ? 
r_long_range_B_other         ?      ?      ? ?    'X-RAY DIFFRACTION' ? 
r_rigid_bond_restr           ?      ?      ? ?    'X-RAY DIFFRACTION' ? 
r_sphericity_free            ?      ?      ? ?    'X-RAY DIFFRACTION' ? 
r_sphericity_bonded          ?      ?      ? ?    'X-RAY DIFFRACTION' ? 
# 
_refine_ls_shell.pdbx_refine_id                   'X-RAY DIFFRACTION' 
_refine_ls_shell.pdbx_total_number_of_bins_used   20 
_refine_ls_shell.d_res_high                       1.750 
_refine_ls_shell.d_res_low                        1.796 
_refine_ls_shell.number_reflns_R_work             1238 
_refine_ls_shell.R_factor_R_work                  0.275 
_refine_ls_shell.percent_reflns_obs               100.00 
_refine_ls_shell.R_factor_R_free                  0.270 
_refine_ls_shell.R_factor_R_free_error            ? 
_refine_ls_shell.percent_reflns_R_free            ? 
_refine_ls_shell.number_reflns_R_free             65 
_refine_ls_shell.number_reflns_all                ? 
_refine_ls_shell.R_factor_all                     ? 
# 
_struct.entry_id                  3ZOG 
_struct.title                     
'Crystal structure of FMN-binding protein (NP_142786.1) from Pyrococcus horikoshii with bound 1-Cyclohex-2-enone' 
_struct.pdbx_model_details        ? 
_struct.pdbx_CASP_flag            ? 
_struct.pdbx_model_type_details   ? 
# 
_struct_keywords.entry_id        3ZOG 
_struct_keywords.pdbx_keywords   OXIDOREDUCTASE 
_struct_keywords.text            'OXIDOREDUCTASE, ELECTRON TRANSPORT' 
# 
loop_
_struct_asym.id 
_struct_asym.pdbx_blank_PDB_chainid_flag 
_struct_asym.pdbx_modified 
_struct_asym.entity_id 
_struct_asym.details 
A N N 1 ? 
B N N 2 ? 
C N N 3 ? 
D N N 4 ? 
# 
_struct_biol.id   1 
# 
loop_
_struct_conf.conf_type_id 
_struct_conf.id 
_struct_conf.pdbx_PDB_helix_id 
_struct_conf.beg_label_comp_id 
_struct_conf.beg_label_asym_id 
_struct_conf.beg_label_seq_id 
_struct_conf.pdbx_beg_PDB_ins_code 
_struct_conf.end_label_comp_id 
_struct_conf.end_label_asym_id 
_struct_conf.end_label_seq_id 
_struct_conf.pdbx_end_PDB_ins_code 
_struct_conf.beg_auth_comp_id 
_struct_conf.beg_auth_asym_id 
_struct_conf.beg_auth_seq_id 
_struct_conf.end_auth_comp_id 
_struct_conf.end_auth_asym_id 
_struct_conf.end_auth_seq_id 
_struct_conf.pdbx_PDB_helix_class 
_struct_conf.details 
_struct_conf.pdbx_PDB_helix_length 
HELX_P HELX_P1 1 GLU A 21  ? TYR A 27  ? GLU A 2   TYR A 8   5 ? 7  
HELX_P HELX_P2 2 HIS A 38  ? THR A 42  ? HIS A 19  THR A 23  5 ? 5  
HELX_P HELX_P3 3 ARG A 68  ? GLY A 78  ? ARG A 49  GLY A 59  1 ? 11 
HELX_P HELX_P4 4 VAL A 89  ? GLY A 97  ? VAL A 70  GLY A 78  1 ? 9  
HELX_P HELX_P5 5 GLY A 101 ? MET A 108 ? GLY A 82  MET A 89  5 ? 8  
HELX_P HELX_P6 6 ASP A 157 ? LYS A 164 ? ASP A 138 LYS A 145 5 ? 8  
HELX_P HELX_P7 7 ASN A 166 ? LYS A 170 ? ASN A 147 LYS A 151 5 ? 5  
# 
_struct_conf_type.id          HELX_P 
_struct_conf_type.criteria    ? 
_struct_conf_type.reference   ? 
# 
loop_
_struct_mon_prot_cis.pdbx_id 
_struct_mon_prot_cis.label_comp_id 
_struct_mon_prot_cis.label_seq_id 
_struct_mon_prot_cis.label_asym_id 
_struct_mon_prot_cis.label_alt_id 
_struct_mon_prot_cis.pdbx_PDB_ins_code 
_struct_mon_prot_cis.auth_comp_id 
_struct_mon_prot_cis.auth_seq_id 
_struct_mon_prot_cis.auth_asym_id 
_struct_mon_prot_cis.pdbx_label_comp_id_2 
_struct_mon_prot_cis.pdbx_label_seq_id_2 
_struct_mon_prot_cis.pdbx_label_asym_id_2 
_struct_mon_prot_cis.pdbx_PDB_ins_code_2 
_struct_mon_prot_cis.pdbx_auth_comp_id_2 
_struct_mon_prot_cis.pdbx_auth_seq_id_2 
_struct_mon_prot_cis.pdbx_auth_asym_id_2 
_struct_mon_prot_cis.pdbx_PDB_model_num 
_struct_mon_prot_cis.pdbx_omega_angle 
1 TYR 27 A . ? TYR 8  A PRO 28 A ? PRO 9  A 1 0.98  
2 ASP 56 A . ? ASP 37 A PRO 57 A ? PRO 38 A 1 -2.41 
# 
loop_
_struct_sheet.id 
_struct_sheet.type 
_struct_sheet.number_strands 
_struct_sheet.details 
AA ? 3 ? 
AB ? 7 ? 
AC ? 2 ? 
# 
loop_
_struct_sheet_order.sheet_id 
_struct_sheet_order.range_id_1 
_struct_sheet_order.range_id_2 
_struct_sheet_order.offset 
_struct_sheet_order.sense 
AA 1 2 ? anti-parallel 
AA 2 3 ? anti-parallel 
AB 1 2 ? anti-parallel 
AB 2 3 ? anti-parallel 
AB 3 4 ? anti-parallel 
AB 4 5 ? anti-parallel 
AB 5 6 ? anti-parallel 
AB 6 7 ? anti-parallel 
AC 1 2 ? anti-parallel 
# 
loop_
_struct_sheet_range.sheet_id 
_struct_sheet_range.id 
_struct_sheet_range.beg_label_comp_id 
_struct_sheet_range.beg_label_asym_id 
_struct_sheet_range.beg_label_seq_id 
_struct_sheet_range.pdbx_beg_PDB_ins_code 
_struct_sheet_range.end_label_comp_id 
_struct_sheet_range.end_label_asym_id 
_struct_sheet_range.end_label_seq_id 
_struct_sheet_range.pdbx_end_PDB_ins_code 
_struct_sheet_range.beg_auth_comp_id 
_struct_sheet_range.beg_auth_asym_id 
_struct_sheet_range.beg_auth_seq_id 
_struct_sheet_range.end_auth_comp_id 
_struct_sheet_range.end_auth_asym_id 
_struct_sheet_range.end_auth_seq_id 
AA 1 MET A 29  ? ARG A 30  ? MET A 10  ARG A 11  
AA 2 ALA A 173 ? SER A 176 ? ALA A 154 SER A 157 
AA 3 GLU A 179 ? VAL A 181 ? GLU A 160 VAL A 162 
AB 1 ASN A 43  ? ALA A 47  ? ASN A 24  ALA A 28  
AB 2 TYR A 32  ? SER A 36  ? TYR A 13  SER A 17  
AB 3 GLU A 79  ? VAL A 84  ? GLU A 60  VAL A 65  
AB 4 ALA A 128 ? TYR A 140 ? ALA A 109 TYR A 121 
AB 5 HIS A 143 ? TYR A 155 ? HIS A 124 TYR A 136 
AB 6 ILE A 59  ? VAL A 64  ? ILE A 40  VAL A 45  
AB 7 VAL A 50  ? SER A 54  ? VAL A 31  SER A 35  
AC 1 LEU A 112 ? ILE A 113 ? LEU A 93  ILE A 94  
AC 2 SER A 122 ? ILE A 123 ? SER A 103 ILE A 104 
# 
loop_
_pdbx_struct_sheet_hbond.sheet_id 
_pdbx_struct_sheet_hbond.range_id_1 
_pdbx_struct_sheet_hbond.range_id_2 
_pdbx_struct_sheet_hbond.range_1_label_atom_id 
_pdbx_struct_sheet_hbond.range_1_label_comp_id 
_pdbx_struct_sheet_hbond.range_1_label_asym_id 
_pdbx_struct_sheet_hbond.range_1_label_seq_id 
_pdbx_struct_sheet_hbond.range_1_PDB_ins_code 
_pdbx_struct_sheet_hbond.range_1_auth_atom_id 
_pdbx_struct_sheet_hbond.range_1_auth_comp_id 
_pdbx_struct_sheet_hbond.range_1_auth_asym_id 
_pdbx_struct_sheet_hbond.range_1_auth_seq_id 
_pdbx_struct_sheet_hbond.range_2_label_atom_id 
_pdbx_struct_sheet_hbond.range_2_label_comp_id 
_pdbx_struct_sheet_hbond.range_2_label_asym_id 
_pdbx_struct_sheet_hbond.range_2_label_seq_id 
_pdbx_struct_sheet_hbond.range_2_PDB_ins_code 
_pdbx_struct_sheet_hbond.range_2_auth_atom_id 
_pdbx_struct_sheet_hbond.range_2_auth_comp_id 
_pdbx_struct_sheet_hbond.range_2_auth_asym_id 
_pdbx_struct_sheet_hbond.range_2_auth_seq_id 
AA 1 2 N MET A 29  ? N MET A 10  O HIS A 174 ? O HIS A 155 
AA 2 3 N VAL A 175 ? N VAL A 156 O GLU A 179 ? O GLU A 160 
AB 1 2 N ALA A 47  ? N ALA A 28  O TYR A 32  ? O TYR A 13  
AB 2 3 N VAL A 35  ? N VAL A 16  O VAL A 81  ? O VAL A 62  
AB 3 4 N VAL A 84  ? N VAL A 65  O ALA A 128 ? O ALA A 109 
AB 4 5 N TYR A 140 ? N TYR A 121 O HIS A 143 ? O HIS A 124 
AB 5 6 N GLY A 148 ? N GLY A 129 O VAL A 60  ? O VAL A 41  
AB 6 7 N GLY A 61  ? N GLY A 42  O THR A 51  ? O THR A 32  
AC 1 2 N ILE A 113 ? N ILE A 94  O SER A 122 ? O SER A 103 
# 
loop_
_struct_site.id 
_struct_site.pdbx_evidence_code 
_struct_site.pdbx_auth_asym_id 
_struct_site.pdbx_auth_comp_id 
_struct_site.pdbx_auth_seq_id 
_struct_site.pdbx_auth_ins_code 
_struct_site.pdbx_num_residues 
_struct_site.details 
AC1 Software A FMN 173 ? 24 'BINDING SITE FOR RESIDUE FMN A 173' 
AC2 Software A A2Q 200 ? 5  'BINDING SITE FOR RESIDUE A2Q A 200' 
# 
loop_
_struct_site_gen.id 
_struct_site_gen.site_id 
_struct_site_gen.pdbx_num_res 
_struct_site_gen.label_comp_id 
_struct_site_gen.label_asym_id 
_struct_site_gen.label_seq_id 
_struct_site_gen.pdbx_auth_ins_code 
_struct_site_gen.auth_comp_id 
_struct_site_gen.auth_asym_id 
_struct_site_gen.auth_seq_id 
_struct_site_gen.label_atom_id 
_struct_site_gen.label_alt_id 
_struct_site_gen.symmetry 
_struct_site_gen.details 
1  AC1 24 ASN A 43  ? ASN A 24   . ? 1_555 ? 
2  AC1 24 MET A 45  ? MET A 26   . ? 1_555 ? 
3  AC1 24 ALA A 46  ? ALA A 27   . ? 1_555 ? 
4  AC1 24 ALA A 47  ? ALA A 28   . ? 1_555 ? 
5  AC1 24 ASP A 48  ? ASP A 29   . ? 1_555 ? 
6  AC1 24 TRP A 49  ? TRP A 30   . ? 1_555 ? 
7  AC1 24 ALA A 63  ? ALA A 44   . ? 1_555 ? 
8  AC1 24 VAL A 64  ? VAL A 45   . ? 1_555 ? 
9  AC1 24 ALA A 65  ? ALA A 46   . ? 1_555 ? 
10 AC1 24 ARG A 68  ? ARG A 49   . ? 1_555 ? 
11 AC1 24 THR A 69  ? THR A 50   . ? 1_555 ? 
12 AC1 24 THR A 70  ? THR A 51   . ? 1_555 ? 
13 AC1 24 ALA A 96  ? ALA A 77   . ? 1_555 ? 
14 AC1 24 GLY A 97  ? GLY A 78   . ? 1_555 ? 
15 AC1 24 THR A 98  ? THR A 79   . ? 1_555 ? 
16 AC1 24 LYS A 99  ? LYS A 80   . ? 1_555 ? 
17 AC1 24 LYS A 100 ? LYS A 81   . ? 1_555 ? 
18 AC1 24 GLY A 101 ? GLY A 82   . ? 1_555 ? 
19 AC1 24 LYS A 104 ? LYS A 85   . ? 1_555 ? 
20 AC1 24 HIS A 143 ? HIS A 124  . ? 1_555 ? 
21 AC1 24 HIS A 174 ? HIS A 155  . ? 1_555 ? 
22 AC1 24 A2Q C .   ? A2Q A 200  . ? 1_555 ? 
23 AC1 24 HOH D .   ? HOH A 2035 . ? 8_665 ? 
24 AC1 24 HOH D .   ? HOH A 2062 . ? 1_555 ? 
25 AC2 5  HIS A 12  ? HIS A -7   . ? 1_555 ? 
26 AC2 5  TRP A 49  ? TRP A 30   . ? 1_555 ? 
27 AC2 5  ARG A 68  ? ARG A 49   . ? 1_555 ? 
28 AC2 5  HIS A 143 ? HIS A 124  . ? 1_555 ? 
29 AC2 5  FMN B .   ? FMN A 173  . ? 1_555 ? 
# 
_atom_sites.entry_id                    3ZOG 
_atom_sites.fract_transf_matrix[1][1]   -0.00154107 
_atom_sites.fract_transf_matrix[1][2]   -0.02447485 
_atom_sites.fract_transf_matrix[1][3]   0.00520583 
_atom_sites.fract_transf_matrix[2][1]   -0.02216734 
_atom_sites.fract_transf_matrix[2][2]   -0.01166220 
_atom_sites.fract_transf_matrix[2][3]   -0.00102806 
_atom_sites.fract_transf_matrix[3][1]   0.00058740 
_atom_sites.fract_transf_matrix[3][2]   -0.00080021 
_atom_sites.fract_transf_matrix[3][3]   -0.00358823 
_atom_sites.fract_transf_vector[1]      0.467994 
_atom_sites.fract_transf_vector[2]      0.394170 
_atom_sites.fract_transf_vector[3]      -0.047117 
# 
loop_
_atom_type.symbol 
C 
N 
O 
P 
S 
# 
loop_
_atom_site.group_PDB 
_atom_site.id 
_atom_site.type_symbol 
_atom_site.label_atom_id 
_atom_site.label_alt_id 
_atom_site.label_comp_id 
_atom_site.label_asym_id 
_atom_site.label_entity_id 
_atom_site.label_seq_id 
_atom_site.pdbx_PDB_ins_code 
_atom_site.Cartn_x 
_atom_site.Cartn_y 
_atom_site.Cartn_z 
_atom_site.occupancy 
_atom_site.B_iso_or_equiv 
_atom_site.pdbx_formal_charge 
_atom_site.auth_seq_id 
_atom_site.auth_comp_id 
_atom_site.auth_asym_id 
_atom_site.auth_atom_id 
_atom_site.pdbx_PDB_model_num 
ATOM   1    N N     . HIS A 1 12  ? -11.443 -14.989 0.973   1.00 87.69 ? -7   HIS A N     1 
ATOM   2    C CA    . HIS A 1 12  ? -10.008 -15.381 0.872   1.00 90.65 ? -7   HIS A CA    1 
ATOM   3    C C     . HIS A 1 12  ? -9.904  -16.821 0.373   1.00 93.03 ? -7   HIS A C     1 
ATOM   4    O O     . HIS A 1 12  ? -10.750 -17.660 0.702   1.00 94.07 ? -7   HIS A O     1 
ATOM   5    C CB    . HIS A 1 12  ? -9.321  -15.237 2.238   1.00 86.67 ? -7   HIS A CB    1 
ATOM   6    C CG    . HIS A 1 12  ? -7.888  -14.799 2.163   1.00 83.48 ? -7   HIS A CG    1 
ATOM   7    N ND1   . HIS A 1 12  ? -6.854  -15.667 1.885   1.00 84.02 ? -7   HIS A ND1   1 
ATOM   8    C CD2   . HIS A 1 12  ? -7.317  -13.584 2.349   1.00 81.51 ? -7   HIS A CD2   1 
ATOM   9    C CE1   . HIS A 1 12  ? -5.709  -15.006 1.894   1.00 82.37 ? -7   HIS A CE1   1 
ATOM   10   N NE2   . HIS A 1 12  ? -5.962  -13.740 2.176   1.00 79.77 ? -7   HIS A NE2   1 
ATOM   11   N N     . GLU A 1 13  ? -8.877  -17.095 -0.435  1.00 93.43 ? -6   GLU A N     1 
ATOM   12   C CA    . GLU A 1 13  ? -8.576  -18.459 -0.879  1.00 92.54 ? -6   GLU A CA    1 
ATOM   13   C C     . GLU A 1 13  ? -7.688  -19.157 0.161   1.00 88.57 ? -6   GLU A C     1 
ATOM   14   O O     . GLU A 1 13  ? -6.788  -18.531 0.730   1.00 87.45 ? -6   GLU A O     1 
ATOM   15   C CB    . GLU A 1 13  ? -7.916  -18.456 -2.264  1.00 93.74 ? -6   GLU A CB    1 
ATOM   16   C CG    . GLU A 1 13  ? -8.034  -19.780 -3.010  1.00 96.17 ? -6   GLU A CG    1 
ATOM   17   C CD    . GLU A 1 13  ? -7.422  -19.737 -4.402  1.00 96.47 ? -6   GLU A CD    1 
ATOM   18   O OE1   . GLU A 1 13  ? -8.020  -19.113 -5.307  1.00 93.74 ? -6   GLU A OE1   1 
ATOM   19   O OE2   . GLU A 1 13  ? -6.346  -20.345 -4.598  1.00 97.33 ? -6   GLU A OE2   1 
ATOM   20   N N     . ASN A 1 14  ? -7.952  -20.447 0.390   1.00 81.63 ? -5   ASN A N     1 
ATOM   21   C CA    . ASN A 1 14  ? -7.357  -21.245 1.484   1.00 78.28 ? -5   ASN A CA    1 
ATOM   22   C C     . ASN A 1 14  ? -8.171  -21.232 2.789   1.00 74.59 ? -5   ASN A C     1 
ATOM   23   O O     . ASN A 1 14  ? -7.650  -21.578 3.857   1.00 73.67 ? -5   ASN A O     1 
ATOM   24   C CB    . ASN A 1 14  ? -5.884  -20.888 1.758   1.00 78.86 ? -5   ASN A CB    1 
ATOM   25   C CG    . ASN A 1 14  ? -4.910  -21.829 1.068   1.00 81.17 ? -5   ASN A CG    1 
ATOM   26   O OD1   . ASN A 1 14  ? -5.283  -22.601 0.179   1.00 80.81 ? -5   ASN A OD1   1 
ATOM   27   N ND2   . ASN A 1 14  ? -3.647  -21.770 1.480   1.00 78.21 ? -5   ASN A ND2   1 
ATOM   28   N N     . LEU A 1 15  ? -9.437  -20.828 2.692   1.00 68.66 ? -4   LEU A N     1 
ATOM   29   C CA    . LEU A 1 15  ? -10.365 -20.887 3.819   1.00 64.43 ? -4   LEU A CA    1 
ATOM   30   C C     . LEU A 1 15  ? -11.100 -22.233 3.786   1.00 62.27 ? -4   LEU A C     1 
ATOM   31   O O     . LEU A 1 15  ? -12.044 -22.427 3.009   1.00 59.79 ? -4   LEU A O     1 
ATOM   32   C CB    . LEU A 1 15  ? -11.348 -19.712 3.776   1.00 65.30 ? -4   LEU A CB    1 
ATOM   33   C CG    . LEU A 1 15  ? -12.393 -19.578 4.895   1.00 67.19 ? -4   LEU A CG    1 
ATOM   34   C CD1   . LEU A 1 15  ? -11.779 -19.113 6.212   1.00 66.50 ? -4   LEU A CD1   1 
ATOM   35   C CD2   . LEU A 1 15  ? -13.515 -18.643 4.463   1.00 66.16 ? -4   LEU A CD2   1 
ATOM   36   N N     . TYR A 1 16  ? -10.644 -23.161 4.623   1.00 56.82 ? -3   TYR A N     1 
ATOM   37   C CA    . TYR A 1 16  ? -11.174 -24.523 4.640   1.00 52.32 ? -3   TYR A CA    1 
ATOM   38   C C     . TYR A 1 16  ? -12.494 -24.615 5.400   1.00 48.19 ? -3   TYR A C     1 
ATOM   39   O O     . TYR A 1 16  ? -13.386 -25.371 5.009   1.00 45.32 ? -3   TYR A O     1 
ATOM   40   C CB    . TYR A 1 16  ? -10.148 -25.493 5.226   1.00 55.20 ? -3   TYR A CB    1 
ATOM   41   C CG    . TYR A 1 16  ? -8.777  -25.382 4.592   1.00 62.20 ? -3   TYR A CG    1 
ATOM   42   C CD1   . TYR A 1 16  ? -8.610  -25.514 3.207   1.00 64.46 ? -3   TYR A CD1   1 
ATOM   43   C CD2   . TYR A 1 16  ? -7.644  -25.145 5.375   1.00 65.27 ? -3   TYR A CD2   1 
ATOM   44   C CE1   . TYR A 1 16  ? -7.353  -25.412 2.622   1.00 67.49 ? -3   TYR A CE1   1 
ATOM   45   C CE2   . TYR A 1 16  ? -6.381  -25.044 4.800   1.00 69.43 ? -3   TYR A CE2   1 
ATOM   46   C CZ    . TYR A 1 16  ? -6.241  -25.179 3.425   1.00 70.16 ? -3   TYR A CZ    1 
ATOM   47   O OH    . TYR A 1 16  ? -4.993  -25.076 2.850   1.00 71.96 ? -3   TYR A OH    1 
ATOM   48   N N     . PHE A 1 17  ? -12.605 -23.856 6.489   1.00 44.39 ? -2   PHE A N     1 
ATOM   49   C CA    . PHE A 1 17  ? -13.848 -23.749 7.248   1.00 42.45 ? -2   PHE A CA    1 
ATOM   50   C C     . PHE A 1 17  ? -14.579 -22.471 6.891   1.00 39.72 ? -2   PHE A C     1 
ATOM   51   O O     . PHE A 1 17  ? -14.239 -21.393 7.376   1.00 40.64 ? -2   PHE A O     1 
ATOM   52   C CB    . PHE A 1 17  ? -13.577 -23.793 8.750   1.00 42.94 ? -2   PHE A CB    1 
ATOM   53   C CG    . PHE A 1 17  ? -12.813 -24.998 9.189   1.00 45.24 ? -2   PHE A CG    1 
ATOM   54   C CD1   . PHE A 1 17  ? -13.390 -26.263 9.135   1.00 43.70 ? -2   PHE A CD1   1 
ATOM   55   C CD2   . PHE A 1 17  ? -11.513 -24.872 9.667   1.00 46.46 ? -2   PHE A CD2   1 
ATOM   56   C CE1   . PHE A 1 17  ? -12.689 -27.382 9.548   1.00 44.54 ? -2   PHE A CE1   1 
ATOM   57   C CE2   . PHE A 1 17  ? -10.801 -25.990 10.081  1.00 47.27 ? -2   PHE A CE2   1 
ATOM   58   C CZ    . PHE A 1 17  ? -11.389 -27.246 10.022  1.00 46.88 ? -2   PHE A CZ    1 
ATOM   59   N N     . GLN A 1 18  ? -15.586 -22.599 6.036   1.00 36.02 ? -1   GLN A N     1 
ATOM   60   C CA    . GLN A 1 18  ? -16.330 -21.447 5.550   1.00 34.12 ? -1   GLN A CA    1 
ATOM   61   C C     . GLN A 1 18  ? -16.930 -20.604 6.675   1.00 36.22 ? -1   GLN A C     1 
ATOM   62   O O     . GLN A 1 18  ? -17.474 -21.122 7.657   1.00 35.31 ? -1   GLN A O     1 
ATOM   63   C CB    . GLN A 1 18  ? -17.446 -21.873 4.595   1.00 30.72 ? -1   GLN A CB    1 
ATOM   64   C CG    . GLN A 1 18  ? -18.382 -20.725 4.245   1.00 31.33 ? -1   GLN A CG    1 
ATOM   65   C CD    . GLN A 1 18  ? -19.455 -21.109 3.264   1.00 29.10 ? -1   GLN A CD    1 
ATOM   66   O OE1   . GLN A 1 18  ? -19.247 -21.962 2.399   1.00 30.12 ? -1   GLN A OE1   1 
ATOM   67   N NE2   . GLN A 1 18  ? -20.615 -20.475 3.384   1.00 29.02 ? -1   GLN A NE2   1 
ATOM   68   N N     . GLY A 1 19  ? -16.845 -19.294 6.494   1.00 35.97 ? 0    GLY A N     1 
ATOM   69   C CA    . GLY A 1 19  ? -17.354 -18.354 7.457   1.00 37.48 ? 0    GLY A CA    1 
ATOM   70   C C     . GLY A 1 19  ? -16.524 -17.100 7.320   1.00 40.55 ? 0    GLY A C     1 
ATOM   71   O O     . GLY A 1 19  ? -15.761 -16.932 6.341   1.00 39.91 ? 0    GLY A O     1 
ATOM   72   N N     A MET A 1 20  ? -16.656 -16.213 8.298   0.50 40.69 ? 1    MET A N     1 
ATOM   73   N N     B MET A 1 20  ? -16.665 -16.209 8.290   0.50 39.33 ? 1    MET A N     1 
ATOM   74   C CA    A MET A 1 20  ? -15.929 -14.954 8.271   0.50 41.44 ? 1    MET A CA    1 
ATOM   75   C CA    B MET A 1 20  ? -15.909 -14.974 8.263   0.50 39.06 ? 1    MET A CA    1 
ATOM   76   C C     A MET A 1 20  ? -14.483 -15.180 8.711   0.50 41.05 ? 1    MET A C     1 
ATOM   77   C C     B MET A 1 20  ? -14.473 -15.243 8.683   0.50 39.53 ? 1    MET A C     1 
ATOM   78   O O     A MET A 1 20  ? -14.235 -15.725 9.793   0.50 41.11 ? 1    MET A O     1 
ATOM   79   O O     B MET A 1 20  ? -14.222 -15.865 9.719   0.50 39.48 ? 1    MET A O     1 
ATOM   80   C CB    A MET A 1 20  ? -16.636 -13.897 9.136   0.50 41.86 ? 1    MET A CB    1 
ATOM   81   C CB    B MET A 1 20  ? -16.545 -13.912 9.161   0.50 37.55 ? 1    MET A CB    1 
ATOM   82   C CG    A MET A 1 20  ? -16.032 -13.660 10.511  0.50 42.13 ? 1    MET A CG    1 
ATOM   83   C CG    B MET A 1 20  ? -16.170 -12.496 8.756   0.50 35.41 ? 1    MET A CG    1 
ATOM   84   S SD    A MET A 1 20  ? -16.598 -12.081 11.180  0.50 42.03 ? 1    MET A SD    1 
ATOM   85   S SD    B MET A 1 20  ? -16.937 -11.294 9.845   0.50 33.83 ? 1    MET A SD    1 
ATOM   86   C CE    A MET A 1 20  ? -16.667 -11.114 9.676   0.50 41.35 ? 1    MET A CE    1 
ATOM   87   C CE    B MET A 1 20  ? -18.385 -12.202 10.385  0.50 35.18 ? 1    MET A CE    1 
ATOM   88   N N     . GLU A 1 21  ? -13.537 -14.789 7.854   1.00 39.03 ? 2    GLU A N     1 
ATOM   89   C CA    . GLU A 1 21  ? -12.123 -14.829 8.200   1.00 38.31 ? 2    GLU A CA    1 
ATOM   90   C C     . GLU A 1 21  ? -12.003 -13.981 9.467   1.00 33.29 ? 2    GLU A C     1 
ATOM   91   O O     . GLU A 1 21  ? -12.626 -12.922 9.560   1.00 30.56 ? 2    GLU A O     1 
ATOM   92   C CB    . GLU A 1 21  ? -11.265 -14.226 7.078   1.00 43.56 ? 2    GLU A CB    1 
ATOM   93   C CG    . GLU A 1 21  ? -11.304 -14.955 5.736   1.00 49.72 ? 2    GLU A CG    1 
ATOM   94   C CD    . GLU A 1 21  ? -12.466 -14.531 4.846   1.00 55.27 ? 2    GLU A CD    1 
ATOM   95   O OE1   . GLU A 1 21  ? -12.878 -13.349 4.889   1.00 57.37 ? 2    GLU A OE1   1 
ATOM   96   O OE2   . GLU A 1 21  ? -12.966 -15.388 4.087   1.00 60.26 ? 2    GLU A OE2   1 
ATOM   97   N N     . GLY A 1 22  ? -11.262 -14.462 10.457  1.00 29.46 ? 3    GLY A N     1 
ATOM   98   C CA    . GLY A 1 22  ? -11.103 -13.716 11.707  1.00 26.19 ? 3    GLY A CA    1 
ATOM   99   C C     . GLY A 1 22  ? -10.586 -12.312 11.414  1.00 23.99 ? 3    GLY A C     1 
ATOM   100  O O     . GLY A 1 22  ? -10.983 -11.341 12.067  1.00 21.52 ? 3    GLY A O     1 
ATOM   101  N N     . TYR A 1 23  ? -9.716  -12.201 10.416  1.00 23.96 ? 4    TYR A N     1 
ATOM   102  C CA    . TYR A 1 23  ? -9.140  -10.893 10.064  1.00 24.49 ? 4    TYR A CA    1 
ATOM   103  C C     . TYR A 1 23  ? -10.154 -9.817  9.678   1.00 23.11 ? 4    TYR A C     1 
ATOM   104  O O     . TYR A 1 23  ? -9.853  -8.614  9.789   1.00 21.53 ? 4    TYR A O     1 
ATOM   105  C CB    . TYR A 1 23  ? -8.032  -11.037 9.019   1.00 26.12 ? 4    TYR A CB    1 
ATOM   106  C CG    . TYR A 1 23  ? -8.462  -11.210 7.586   1.00 31.41 ? 4    TYR A CG    1 
ATOM   107  C CD1   . TYR A 1 23  ? -9.085  -10.175 6.884   1.00 32.64 ? 4    TYR A CD1   1 
ATOM   108  C CD2   . TYR A 1 23  ? -8.159  -12.383 6.889   1.00 36.47 ? 4    TYR A CD2   1 
ATOM   109  C CE1   . TYR A 1 23  ? -9.455  -10.317 5.556   1.00 35.75 ? 4    TYR A CE1   1 
ATOM   110  C CE2   . TYR A 1 23  ? -8.511  -12.530 5.552   1.00 39.30 ? 4    TYR A CE2   1 
ATOM   111  C CZ    . TYR A 1 23  ? -9.163  -11.494 4.894   1.00 38.85 ? 4    TYR A CZ    1 
ATOM   112  O OH    . TYR A 1 23  ? -9.519  -11.626 3.579   1.00 43.07 ? 4    TYR A OH    1 
ATOM   113  N N     A ARG A 1 24  ? -11.344 -10.219 9.234   0.50 22.50 ? 5    ARG A N     1 
ATOM   114  N N     B ARG A 1 24  ? -11.341 -10.248 9.244   0.50 22.95 ? 5    ARG A N     1 
ATOM   115  C CA    A ARG A 1 24  ? -12.360 -9.236  8.856   0.50 22.81 ? 5    ARG A CA    1 
ATOM   116  C CA    B ARG A 1 24  ? -12.440 -9.346  8.901   0.50 23.45 ? 5    ARG A CA    1 
ATOM   117  C C     A ARG A 1 24  ? -12.849 -8.409  10.050  0.50 21.27 ? 5    ARG A C     1 
ATOM   118  C C     B ARG A 1 24  ? -12.809 -8.412  10.045  0.50 21.60 ? 5    ARG A C     1 
ATOM   119  O O     A ARG A 1 24  ? -13.494 -7.370  9.865   0.50 21.00 ? 5    ARG A O     1 
ATOM   120  O O     B ARG A 1 24  ? -13.344 -7.318  9.822   0.50 21.11 ? 5    ARG A O     1 
ATOM   121  C CB    A ARG A 1 24  ? -13.537 -9.887  8.119   0.50 23.49 ? 5    ARG A CB    1 
ATOM   122  C CB    B ARG A 1 24  ? -13.680 -10.146 8.510   0.50 25.01 ? 5    ARG A CB    1 
ATOM   123  C CG    A ARG A 1 24  ? -14.422 -8.913  7.351   0.50 24.53 ? 5    ARG A CG    1 
ATOM   124  C CG    B ARG A 1 24  ? -13.460 -11.104 7.355   0.50 27.09 ? 5    ARG A CG    1 
ATOM   125  C CD    A ARG A 1 24  ? -13.704 -8.314  6.148   0.50 25.56 ? 5    ARG A CD    1 
ATOM   126  C CD    B ARG A 1 24  ? -14.150 -10.602 6.111   0.50 28.67 ? 5    ARG A CD    1 
ATOM   127  N NE    A ARG A 1 24  ? -13.423 -9.324  5.133   0.50 26.83 ? 5    ARG A NE    1 
ATOM   128  N NE    B ARG A 1 24  ? -14.687 -11.704 5.325   0.50 30.76 ? 5    ARG A NE    1 
ATOM   129  C CZ    A ARG A 1 24  ? -12.506 -9.194  4.181   0.50 26.98 ? 5    ARG A CZ    1 
ATOM   130  C CZ    B ARG A 1 24  ? -15.473 -11.541 4.269   0.50 32.85 ? 5    ARG A CZ    1 
ATOM   131  N NH1   A ARG A 1 24  ? -11.770 -8.094  4.115   0.50 25.99 ? 5    ARG A NH1   1 
ATOM   132  N NH1   B ARG A 1 24  ? -15.805 -10.323 3.885   0.50 33.45 ? 5    ARG A NH1   1 
ATOM   133  N NH2   A ARG A 1 24  ? -12.320 -10.169 3.303   0.50 27.45 ? 5    ARG A NH2   1 
ATOM   134  N NH2   B ARG A 1 24  ? -15.930 -12.595 3.600   0.50 34.38 ? 5    ARG A NH2   1 
ATOM   135  N N     . LEU A 1 25  ? -12.514 -8.847  11.263  1.00 20.45 ? 6    LEU A N     1 
ATOM   136  C CA    . LEU A 1 25  ? -12.886 -8.112  12.472  1.00 19.82 ? 6    LEU A CA    1 
ATOM   137  C C     . LEU A 1 25  ? -12.118 -6.809  12.600  1.00 19.50 ? 6    LEU A C     1 
ATOM   138  O O     . LEU A 1 25  ? -12.548 -5.924  13.346  1.00 21.11 ? 6    LEU A O     1 
ATOM   139  C CB    . LEU A 1 25  ? -12.677 -8.956  13.723  1.00 20.00 ? 6    LEU A CB    1 
ATOM   140  C CG    . LEU A 1 25  ? -13.618 -10.172 13.812  1.00 20.44 ? 6    LEU A CG    1 
ATOM   141  C CD1   . LEU A 1 25  ? -13.198 -10.961 15.037  1.00 21.38 ? 6    LEU A CD1   1 
ATOM   142  C CD2   . LEU A 1 25  ? -15.096 -9.755  13.857  1.00 21.58 ? 6    LEU A CD2   1 
ATOM   143  N N     . LEU A 1 26  ? -10.998 -6.709  11.878  1.00 18.45 ? 7    LEU A N     1 
ATOM   144  C CA    . LEU A 1 26  ? -10.215 -5.453  11.857  1.00 19.26 ? 7    LEU A CA    1 
ATOM   145  C C     . LEU A 1 26  ? -10.635 -4.505  10.744  1.00 19.02 ? 7    LEU A C     1 
ATOM   146  O O     . LEU A 1 26  ? -10.126 -3.387  10.681  1.00 18.89 ? 7    LEU A O     1 
ATOM   147  C CB    . LEU A 1 26  ? -8.703  -5.712  11.769  1.00 20.28 ? 7    LEU A CB    1 
ATOM   148  C CG    . LEU A 1 26  ? -7.959  -6.260  12.993  1.00 23.27 ? 7    LEU A CG    1 
ATOM   149  C CD1   . LEU A 1 26  ? -8.293  -5.468  14.251  1.00 23.74 ? 7    LEU A CD1   1 
ATOM   150  C CD2   . LEU A 1 26  ? -8.270  -7.726  13.203  1.00 24.89 ? 7    LEU A CD2   1 
ATOM   151  N N     . TYR A 1 27  ? -11.557 -4.947  9.885   1.00 17.19 ? 8    TYR A N     1 
ATOM   152  C CA    . TYR A 1 27  ? -11.999 -4.173  8.726   1.00 18.17 ? 8    TYR A CA    1 
ATOM   153  C C     . TYR A 1 27  ? -13.153 -3.221  9.084   1.00 17.62 ? 8    TYR A C     1 
ATOM   154  O O     . TYR A 1 27  ? -13.842 -3.470  10.062  1.00 18.63 ? 8    TYR A O     1 
ATOM   155  C CB    . TYR A 1 27  ? -12.374 -5.127  7.585   1.00 17.58 ? 8    TYR A CB    1 
ATOM   156  C CG    . TYR A 1 27  ? -11.143 -5.573  6.814   1.00 18.18 ? 8    TYR A CG    1 
ATOM   157  C CD1   . TYR A 1 27  ? -10.193 -6.411  7.406   1.00 18.03 ? 8    TYR A CD1   1 
ATOM   158  C CD2   . TYR A 1 27  ? -10.911 -5.111  5.515   1.00 18.21 ? 8    TYR A CD2   1 
ATOM   159  C CE1   . TYR A 1 27  ? -9.047  -6.793  6.714   1.00 18.51 ? 8    TYR A CE1   1 
ATOM   160  C CE2   . TYR A 1 27  ? -9.776  -5.498  4.809   1.00 18.25 ? 8    TYR A CE2   1 
ATOM   161  C CZ    . TYR A 1 27  ? -8.849  -6.338  5.418   1.00 17.46 ? 8    TYR A CZ    1 
ATOM   162  O OH    . TYR A 1 27  ? -7.711  -6.686  4.724   1.00 17.66 ? 8    TYR A OH    1 
ATOM   163  N N     . PRO A 1 28  ? -13.367 -2.143  8.295   1.00 18.33 ? 9    PRO A N     1 
ATOM   164  C CA    . PRO A 1 28  ? -12.642 -1.738  7.084   1.00 18.39 ? 9    PRO A CA    1 
ATOM   165  C C     . PRO A 1 28  ? -11.219 -1.266  7.396   1.00 18.88 ? 9    PRO A C     1 
ATOM   166  O O     . PRO A 1 28  ? -10.991 -0.665  8.443   1.00 17.85 ? 9    PRO A O     1 
ATOM   167  C CB    . PRO A 1 28  ? -13.468 -0.565  6.517   1.00 19.12 ? 9    PRO A CB    1 
ATOM   168  C CG    . PRO A 1 28  ? -14.761 -0.565  7.304   1.00 18.91 ? 9    PRO A CG    1 
ATOM   169  C CD    . PRO A 1 28  ? -14.444 -1.195  8.633   1.00 18.59 ? 9    PRO A CD    1 
ATOM   170  N N     . MET A 1 29  ? -10.303 -1.573  6.485   1.00 19.37 ? 10   MET A N     1 
ATOM   171  C CA    . MET A 1 29  ? -8.888  -1.169  6.582   1.00 19.03 ? 10   MET A CA    1 
ATOM   172  C C     . MET A 1 29  ? -8.557  -0.263  5.438   1.00 17.44 ? 10   MET A C     1 
ATOM   173  O O     . MET A 1 29  ? -9.049  -0.457  4.328   1.00 17.63 ? 10   MET A O     1 
ATOM   174  C CB    . MET A 1 29  ? -7.964  -2.383  6.446   1.00 20.68 ? 10   MET A CB    1 
ATOM   175  C CG    . MET A 1 29  ? -8.084  -3.327  7.616   1.00 22.74 ? 10   MET A CG    1 
ATOM   176  S SD    . MET A 1 29  ? -6.770  -4.576  7.682   1.00 24.82 ? 10   MET A SD    1 
ATOM   177  C CE    . MET A 1 29  ? -5.442  -3.636  8.414   1.00 25.85 ? 10   MET A CE    1 
ATOM   178  N N     . ARG A 1 30  ? -7.655  0.680   5.672   1.00 16.35 ? 11   ARG A N     1 
ATOM   179  C CA    . ARG A 1 30  ? -7.106  1.447   4.553   1.00 15.87 ? 11   ARG A CA    1 
ATOM   180  C C     . ARG A 1 30  ? -6.430  0.552   3.509   1.00 16.77 ? 11   ARG A C     1 
ATOM   181  O O     . ARG A 1 30  ? -5.780  -0.442  3.860   1.00 16.63 ? 11   ARG A O     1 
ATOM   182  C CB    . ARG A 1 30  ? -6.085  2.456   5.080   1.00 15.70 ? 11   ARG A CB    1 
ATOM   183  C CG    . ARG A 1 30  ? -6.700  3.630   5.847   1.00 16.64 ? 11   ARG A CG    1 
ATOM   184  C CD    . ARG A 1 30  ? -7.521  4.572   4.949   1.00 15.78 ? 11   ARG A CD    1 
ATOM   185  N NE    . ARG A 1 30  ? -6.738  5.023   3.798   1.00 15.94 ? 11   ARG A NE    1 
ATOM   186  C CZ    . ARG A 1 30  ? -5.747  5.904   3.866   1.00 15.36 ? 11   ARG A CZ    1 
ATOM   187  N NH1   . ARG A 1 30  ? -5.421  6.464   5.036   1.00 15.67 ? 11   ARG A NH1   1 
ATOM   188  N NH2   . ARG A 1 30  ? -5.079  6.229   2.765   1.00 16.17 ? 11   ARG A NH2   1 
ATOM   189  N N     . THR A 1 31  ? -6.575  0.912   2.230   1.00 16.64 ? 12   THR A N     1 
ATOM   190  C CA    . THR A 1 31  ? -5.901  0.224   1.128   1.00 16.47 ? 12   THR A CA    1 
ATOM   191  C C     . THR A 1 31  ? -4.802  1.114   0.551   1.00 16.44 ? 12   THR A C     1 
ATOM   192  O O     . THR A 1 31  ? -5.029  2.287   0.262   1.00 16.97 ? 12   THR A O     1 
ATOM   193  C CB    . THR A 1 31  ? -6.901  -0.165  0.026   1.00 17.38 ? 12   THR A CB    1 
ATOM   194  O OG1   . THR A 1 31  ? -7.857  -1.056  0.591   1.00 19.57 ? 12   THR A OG1   1 
ATOM   195  C CG2   . THR A 1 31  ? -6.199  -0.857  -1.142  1.00 18.54 ? 12   THR A CG2   1 
ATOM   196  N N     . TYR A 1 32  ? -3.602  0.552   0.411   1.00 15.58 ? 13   TYR A N     1 
ATOM   197  C CA    . TYR A 1 32  ? -2.479  1.241   -0.206  1.00 16.60 ? 13   TYR A CA    1 
ATOM   198  C C     . TYR A 1 32  ? -1.985  0.482   -1.446  1.00 16.78 ? 13   TYR A C     1 
ATOM   199  O O     . TYR A 1 32  ? -2.432  -0.640  -1.748  1.00 17.21 ? 13   TYR A O     1 
ATOM   200  C CB    . TYR A 1 32  ? -1.327  1.381   0.810   1.00 15.70 ? 13   TYR A CB    1 
ATOM   201  C CG    . TYR A 1 32  ? -1.749  2.004   2.125   1.00 16.07 ? 13   TYR A CG    1 
ATOM   202  C CD1   . TYR A 1 32  ? -1.744  3.407   2.302   1.00 16.67 ? 13   TYR A CD1   1 
ATOM   203  C CD2   . TYR A 1 32  ? -2.171  1.219   3.193   1.00 16.49 ? 13   TYR A CD2   1 
ATOM   204  C CE1   . TYR A 1 32  ? -2.139  3.984   3.500   1.00 16.57 ? 13   TYR A CE1   1 
ATOM   205  C CE2   . TYR A 1 32  ? -2.563  1.804   4.398   1.00 16.94 ? 13   TYR A CE2   1 
ATOM   206  C CZ    . TYR A 1 32  ? -2.543  3.183   4.540   1.00 16.85 ? 13   TYR A CZ    1 
ATOM   207  O OH    . TYR A 1 32  ? -2.935  3.750   5.730   1.00 17.97 ? 13   TYR A OH    1 
ATOM   208  N N     . LEU A 1 33  ? -1.043  1.099   -2.146  1.00 16.56 ? 14   LEU A N     1 
ATOM   209  C CA    . LEU A 1 33  ? -0.347  0.439   -3.238  1.00 16.40 ? 14   LEU A CA    1 
ATOM   210  C C     . LEU A 1 33  ? 1.093   0.256   -2.817  1.00 15.82 ? 14   LEU A C     1 
ATOM   211  O O     . LEU A 1 33  ? 1.682   1.129   -2.172  1.00 17.42 ? 14   LEU A O     1 
ATOM   212  C CB    . LEU A 1 33  ? -0.420  1.262   -4.529  1.00 17.47 ? 14   LEU A CB    1 
ATOM   213  C CG    . LEU A 1 33  ? -1.828  1.428   -5.097  1.00 18.55 ? 14   LEU A CG    1 
ATOM   214  C CD1   . LEU A 1 33  ? -1.805  2.347   -6.320  1.00 18.91 ? 14   LEU A CD1   1 
ATOM   215  C CD2   . LEU A 1 33  ? -2.444  0.078   -5.428  1.00 18.91 ? 14   LEU A CD2   1 
ATOM   216  N N     . ILE A 1 34  ? 1.650   -0.904  -3.136  1.00 15.92 ? 15   ILE A N     1 
ATOM   217  C CA    . ILE A 1 34  ? 3.069   -1.128  -2.869  1.00 15.54 ? 15   ILE A CA    1 
ATOM   218  C C     . ILE A 1 34  ? 3.770   -1.225  -4.206  1.00 16.40 ? 15   ILE A C     1 
ATOM   219  O O     . ILE A 1 34  ? 3.452   -2.112  -5.008  1.00 16.75 ? 15   ILE A O     1 
ATOM   220  C CB    . ILE A 1 34  ? 3.325   -2.430  -2.072  1.00 15.48 ? 15   ILE A CB    1 
ATOM   221  C CG1   . ILE A 1 34  ? 2.512   -2.454  -0.770  1.00 15.88 ? 15   ILE A CG1   1 
ATOM   222  C CG2   . ILE A 1 34  ? 4.822   -2.607  -1.856  1.00 15.82 ? 15   ILE A CG2   1 
ATOM   223  C CD1   . ILE A 1 34  ? 2.924   -1.418  0.264   1.00 18.12 ? 15   ILE A CD1   1 
ATOM   224  N N     . VAL A 1 35  ? 4.727   -0.325  -4.443  1.00 17.26 ? 16   VAL A N     1 
ATOM   225  C CA    . VAL A 1 35  ? 5.515   -0.363  -5.671  1.00 18.08 ? 16   VAL A CA    1 
ATOM   226  C C     . VAL A 1 35  ? 6.839   -1.048  -5.340  1.00 17.66 ? 16   VAL A C     1 
ATOM   227  O O     . VAL A 1 35  ? 7.399   -0.843  -4.269  1.00 18.58 ? 16   VAL A O     1 
ATOM   228  C CB    . VAL A 1 35  ? 5.806   1.048   -6.221  1.00 17.11 ? 16   VAL A CB    1 
ATOM   229  C CG1   . VAL A 1 35  ? 6.319   0.972   -7.662  1.00 17.78 ? 16   VAL A CG1   1 
ATOM   230  C CG2   . VAL A 1 35  ? 4.566   1.930   -6.167  1.00 16.59 ? 16   VAL A CG2   1 
ATOM   231  N N     . SER A 1 36  ? 7.322   -1.873  -6.252  1.00 19.88 ? 17   SER A N     1 
ATOM   232  C CA    . SER A 1 36  ? 8.587   -2.573  -6.046  1.00 20.18 ? 17   SER A CA    1 
ATOM   233  C C     . SER A 1 36  ? 9.291   -2.756  -7.391  1.00 21.38 ? 17   SER A C     1 
ATOM   234  O O     . SER A 1 36  ? 8.675   -2.602  -8.446  1.00 20.79 ? 17   SER A O     1 
ATOM   235  C CB    . SER A 1 36  ? 8.386   -3.930  -5.345  1.00 20.51 ? 17   SER A CB    1 
ATOM   236  O OG    . SER A 1 36  ? 7.536   -4.783  -6.104  1.00 20.32 ? 17   SER A OG    1 
ATOM   237  N N     . GLY A 1 37  ? 10.568  -3.099  -7.321  1.00 23.69 ? 18   GLY A N     1 
ATOM   238  C CA    . GLY A 1 37  ? 11.419  -3.210  -8.508  1.00 26.50 ? 18   GLY A CA    1 
ATOM   239  C C     . GLY A 1 37  ? 11.733  -1.858  -9.121  1.00 29.62 ? 18   GLY A C     1 
ATOM   240  O O     . GLY A 1 37  ? 11.337  -0.815  -8.613  1.00 27.08 ? 18   GLY A O     1 
ATOM   241  N N     . HIS A 1 38  ? 12.471  -1.874  -10.223 1.00 36.68 ? 19   HIS A N     1 
ATOM   242  C CA    . HIS A 1 38  ? 12.664  -0.672  -11.032 1.00 42.43 ? 19   HIS A CA    1 
ATOM   243  C C     . HIS A 1 38  ? 12.967  -1.067  -12.454 1.00 41.25 ? 19   HIS A C     1 
ATOM   244  O O     . HIS A 1 38  ? 13.170  -2.255  -12.749 1.00 40.76 ? 19   HIS A O     1 
ATOM   245  C CB    . HIS A 1 38  ? 13.761  0.244   -10.479 1.00 49.06 ? 19   HIS A CB    1 
ATOM   246  C CG    . HIS A 1 38  ? 14.941  -0.485  -9.918  1.00 56.80 ? 19   HIS A CG    1 
ATOM   247  N ND1   . HIS A 1 38  ? 15.221  -0.515  -8.568  1.00 60.14 ? 19   HIS A ND1   1 
ATOM   248  C CD2   . HIS A 1 38  ? 15.916  -1.207  -10.521 1.00 60.66 ? 19   HIS A CD2   1 
ATOM   249  C CE1   . HIS A 1 38  ? 16.321  -1.216  -8.363  1.00 61.47 ? 19   HIS A CE1   1 
ATOM   250  N NE2   . HIS A 1 38  ? 16.761  -1.650  -9.532  1.00 65.02 ? 19   HIS A NE2   1 
ATOM   251  N N     . GLY A 1 39  ? 12.990  -0.068  -13.328 1.00 43.24 ? 20   GLY A N     1 
ATOM   252  C CA    . GLY A 1 39  ? 13.135  -0.296  -14.754 1.00 43.62 ? 20   GLY A CA    1 
ATOM   253  C C     . GLY A 1 39  ? 11.966  -1.101  -15.273 1.00 44.62 ? 20   GLY A C     1 
ATOM   254  O O     . GLY A 1 39  ? 10.819  -0.863  -14.895 1.00 44.23 ? 20   GLY A O     1 
ATOM   255  N N     . GLU A 1 40  ? 12.267  -2.080  -16.117 1.00 46.40 ? 21   GLU A N     1 
ATOM   256  C CA    . GLU A 1 40  ? 11.250  -2.960  -16.680 1.00 46.52 ? 21   GLU A CA    1 
ATOM   257  C C     . GLU A 1 40  ? 10.686  -3.935  -15.634 1.00 41.92 ? 21   GLU A C     1 
ATOM   258  O O     . GLU A 1 40  ? 9.682   -4.604  -15.882 1.00 41.11 ? 21   GLU A O     1 
ATOM   259  C CB    . GLU A 1 40  ? 11.823  -3.710  -17.895 1.00 53.58 ? 21   GLU A CB    1 
ATOM   260  C CG    . GLU A 1 40  ? 12.335  -2.786  -19.002 1.00 63.87 ? 21   GLU A CG    1 
ATOM   261  C CD    . GLU A 1 40  ? 13.255  -3.480  -20.003 1.00 69.68 ? 21   GLU A CD    1 
ATOM   262  O OE1   . GLU A 1 40  ? 12.747  -4.227  -20.869 1.00 70.41 ? 21   GLU A OE1   1 
ATOM   263  O OE2   . GLU A 1 40  ? 14.489  -3.275  -19.926 1.00 71.22 ? 21   GLU A OE2   1 
ATOM   264  N N     . GLU A 1 41  ? 11.328  -4.011  -14.469 1.00 37.33 ? 22   GLU A N     1 
ATOM   265  C CA    . GLU A 1 41  ? 10.860  -4.901  -13.403 1.00 37.62 ? 22   GLU A CA    1 
ATOM   266  C C     . GLU A 1 41  ? 9.890   -4.233  -12.435 1.00 34.66 ? 22   GLU A C     1 
ATOM   267  O O     . GLU A 1 41  ? 9.447   -4.866  -11.476 1.00 33.12 ? 22   GLU A O     1 
ATOM   268  C CB    . GLU A 1 41  ? 12.031  -5.498  -12.625 1.00 40.14 ? 22   GLU A CB    1 
ATOM   269  C CG    . GLU A 1 41  ? 12.528  -6.823  -13.171 1.00 44.95 ? 22   GLU A CG    1 
ATOM   270  C CD    . GLU A 1 41  ? 13.482  -7.511  -12.218 1.00 47.55 ? 22   GLU A CD    1 
ATOM   271  O OE1   . GLU A 1 41  ? 14.363  -6.829  -11.666 1.00 48.42 ? 22   GLU A OE1   1 
ATOM   272  O OE2   . GLU A 1 41  ? 13.348  -8.732  -12.011 1.00 51.69 ? 22   GLU A OE2   1 
ATOM   273  N N     . THR A 1 42  ? 9.561   -2.968  -12.678 1.00 30.62 ? 23   THR A N     1 
ATOM   274  C CA    . THR A 1 42  ? 8.659   -2.241  -11.780 1.00 30.22 ? 23   THR A CA    1 
ATOM   275  C C     . THR A 1 42  ? 7.290   -2.914  -11.676 1.00 27.19 ? 23   THR A C     1 
ATOM   276  O O     . THR A 1 42  ? 6.664   -3.275  -12.685 1.00 26.15 ? 23   THR A O     1 
ATOM   277  C CB    . THR A 1 42  ? 8.512   -0.765  -12.196 1.00 31.16 ? 23   THR A CB    1 
ATOM   278  O OG1   . THR A 1 42  ? 9.798   -0.150  -12.134 1.00 33.16 ? 23   THR A OG1   1 
ATOM   279  C CG2   . THR A 1 42  ? 7.568   -0.021  -11.243 1.00 30.41 ? 23   THR A CG2   1 
ATOM   280  N N     . ASN A 1 43  ? 6.828   -3.083  -10.437 1.00 24.68 ? 24   ASN A N     1 
ATOM   281  C CA    . ASN A 1 43  ? 5.560   -3.738  -10.170 1.00 21.59 ? 24   ASN A CA    1 
ATOM   282  C C     . ASN A 1 43  ? 4.750   -2.946  -9.147  1.00 19.97 ? 24   ASN A C     1 
ATOM   283  O O     . ASN A 1 43  ? 5.304   -2.137  -8.409  1.00 19.67 ? 24   ASN A O     1 
ATOM   284  C CB    . ASN A 1 43  ? 5.820   -5.136  -9.616  1.00 22.27 ? 24   ASN A CB    1 
ATOM   285  C CG    . ASN A 1 43  ? 4.579   -6.010  -9.625  1.00 23.15 ? 24   ASN A CG    1 
ATOM   286  O OD1   . ASN A 1 43  ? 3.819   -6.010  -10.582 1.00 23.63 ? 24   ASN A OD1   1 
ATOM   287  N ND2   . ASN A 1 43  ? 4.372   -6.771  -8.552  1.00 22.84 ? 24   ASN A ND2   1 
ATOM   288  N N     . VAL A 1 44  ? 3.443   -3.167  -9.114  1.00 19.62 ? 25   VAL A N     1 
ATOM   289  C CA    . VAL A 1 44  ? 2.579   -2.540  -8.110  1.00 19.30 ? 25   VAL A CA    1 
ATOM   290  C C     . VAL A 1 44  ? 1.563   -3.585  -7.674  1.00 18.68 ? 25   VAL A C     1 
ATOM   291  O O     . VAL A 1 44  ? 0.991   -4.277  -8.514  1.00 21.00 ? 25   VAL A O     1 
ATOM   292  C CB    . VAL A 1 44  ? 1.818   -1.309  -8.676  1.00 19.91 ? 25   VAL A CB    1 
ATOM   293  C CG1   . VAL A 1 44  ? 1.002   -0.638  -7.578  1.00 19.24 ? 25   VAL A CG1   1 
ATOM   294  C CG2   . VAL A 1 44  ? 2.799   -0.318  -9.284  1.00 19.45 ? 25   VAL A CG2   1 
ATOM   295  N N     . MET A 1 45  ? 1.344   -3.716  -6.366  1.00 17.07 ? 26   MET A N     1 
ATOM   296  C CA    . MET A 1 45  ? 0.223   -4.520  -5.857  1.00 16.86 ? 26   MET A CA    1 
ATOM   297  C C     . MET A 1 45  ? -0.573  -3.701  -4.833  1.00 16.58 ? 26   MET A C     1 
ATOM   298  O O     . MET A 1 45  ? -0.078  -2.674  -4.332  1.00 17.43 ? 26   MET A O     1 
ATOM   299  C CB    . MET A 1 45  ? 0.709   -5.829  -5.215  1.00 16.41 ? 26   MET A CB    1 
ATOM   300  C CG    . MET A 1 45  ? 1.320   -5.662  -3.837  1.00 16.22 ? 26   MET A CG    1 
ATOM   301  S SD    . MET A 1 45  ? 1.498   -7.287  -3.054  1.00 17.89 ? 26   MET A SD    1 
ATOM   302  C CE    . MET A 1 45  ? 1.358   -6.803  -1.335  1.00 16.44 ? 26   MET A CE    1 
ATOM   303  N N     . ALA A 1 46  ? -1.800  -4.124  -4.561  1.00 15.92 ? 27   ALA A N     1 
ATOM   304  C CA    . ALA A 1 46  ? -2.589  -3.534  -3.479  1.00 15.47 ? 27   ALA A CA    1 
ATOM   305  C C     . ALA A 1 46  ? -2.215  -4.183  -2.164  1.00 15.48 ? 27   ALA A C     1 
ATOM   306  O O     . ALA A 1 46  ? -1.900  -5.390  -2.120  1.00 14.98 ? 27   ALA A O     1 
ATOM   307  C CB    . ALA A 1 46  ? -4.090  -3.719  -3.733  1.00 15.58 ? 27   ALA A CB    1 
ATOM   308  N N     . ALA A 1 47  ? -2.270  -3.395  -1.094  1.00 15.44 ? 28   ALA A N     1 
ATOM   309  C CA    . ALA A 1 47  ? -2.006  -3.893  0.252   1.00 15.52 ? 28   ALA A CA    1 
ATOM   310  C C     . ALA A 1 47  ? -2.828  -3.168  1.286   1.00 15.59 ? 28   ALA A C     1 
ATOM   311  O O     . ALA A 1 47  ? -2.788  -1.942  1.370   1.00 15.63 ? 28   ALA A O     1 
ATOM   312  C CB    . ALA A 1 47  ? -0.535  -3.731  0.599   1.00 15.38 ? 28   ALA A CB    1 
ATOM   313  N N     . ASP A 1 48  ? -3.509  -3.948  2.109   1.00 14.67 ? 29   ASP A N     1 
ATOM   314  C CA    . ASP A 1 48  ? -4.259  -3.438  3.247   1.00 14.15 ? 29   ASP A CA    1 
ATOM   315  C C     . ASP A 1 48  ? -3.404  -3.543  4.491   1.00 14.05 ? 29   ASP A C     1 
ATOM   316  O O     . ASP A 1 48  ? -3.596  -2.823  5.435   1.00 15.20 ? 29   ASP A O     1 
ATOM   317  C CB    . ASP A 1 48  ? -5.485  -4.321  3.506   1.00 16.59 ? 29   ASP A CB    1 
ATOM   318  C CG    . ASP A 1 48  ? -6.605  -4.119  2.520   1.00 17.81 ? 29   ASP A CG    1 
ATOM   319  O OD1   . ASP A 1 48  ? -6.611  -3.125  1.733   1.00 18.60 ? 29   ASP A OD1   1 
ATOM   320  O OD2   . ASP A 1 48  ? -7.488  -5.015  2.540   1.00 18.61 ? 29   ASP A OD2   1 
ATOM   321  N N     . TRP A 1 49  ? -2.464  -4.483  4.527   1.00 14.33 ? 30   TRP A N     1 
ATOM   322  C CA    . TRP A 1 49  ? -1.851  -4.843  5.802   1.00 14.73 ? 30   TRP A CA    1 
ATOM   323  C C     . TRP A 1 49  ? -0.562  -4.071  5.992   1.00 14.82 ? 30   TRP A C     1 
ATOM   324  O O     . TRP A 1 49  ? 0.547   -4.606  5.888   1.00 14.75 ? 30   TRP A O     1 
ATOM   325  C CB    . TRP A 1 49  ? -1.649  -6.347  5.908   1.00 15.17 ? 30   TRP A CB    1 
ATOM   326  C CG    . TRP A 1 49  ? -2.949  -7.101  5.917   1.00 15.86 ? 30   TRP A CG    1 
ATOM   327  C CD1   . TRP A 1 49  ? -4.209  -6.572  5.980   1.00 15.96 ? 30   TRP A CD1   1 
ATOM   328  C CD2   . TRP A 1 49  ? -3.122  -8.539  5.953   1.00 16.71 ? 30   TRP A CD2   1 
ATOM   329  N NE1   . TRP A 1 49  ? -5.154  -7.577  5.999   1.00 16.81 ? 30   TRP A NE1   1 
ATOM   330  C CE2   . TRP A 1 49  ? -4.516  -8.791  5.986   1.00 16.66 ? 30   TRP A CE2   1 
ATOM   331  C CE3   . TRP A 1 49  ? -2.233  -9.627  5.943   1.00 18.30 ? 30   TRP A CE3   1 
ATOM   332  C CZ2   . TRP A 1 49  ? -5.045  -10.083 6.011   1.00 17.46 ? 30   TRP A CZ2   1 
ATOM   333  C CZ3   . TRP A 1 49  ? -2.769  -10.931 5.980   1.00 17.68 ? 30   TRP A CZ3   1 
ATOM   334  C CH2   . TRP A 1 49  ? -4.156  -11.136 6.006   1.00 17.41 ? 30   TRP A CH2   1 
ATOM   335  N N     . VAL A 1 50  ? -0.752  -2.785  6.243   1.00 14.25 ? 31   VAL A N     1 
ATOM   336  C CA    . VAL A 1 50  ? 0.315   -1.806  6.287   1.00 15.23 ? 31   VAL A CA    1 
ATOM   337  C C     . VAL A 1 50  ? 0.102   -0.990  7.558   1.00 16.04 ? 31   VAL A C     1 
ATOM   338  O O     . VAL A 1 50  ? -1.016  -0.616  7.877   1.00 16.37 ? 31   VAL A O     1 
ATOM   339  C CB    . VAL A 1 50  ? 0.192   -0.845  5.080   1.00 14.65 ? 31   VAL A CB    1 
ATOM   340  C CG1   . VAL A 1 50  ? 1.184   0.314   5.187   1.00 15.37 ? 31   VAL A CG1   1 
ATOM   341  C CG2   . VAL A 1 50  ? 0.303   -1.594  3.747   1.00 15.41 ? 31   VAL A CG2   1 
ATOM   342  N N     . THR A 1 51  ? 1.163   -0.728  8.304   1.00 16.19 ? 32   THR A N     1 
ATOM   343  C CA    . THR A 1 51  ? 1.037   0.156   9.440   1.00 16.76 ? 32   THR A CA    1 
ATOM   344  C C     . THR A 1 51  ? 2.340   0.866   9.714   1.00 16.85 ? 32   THR A C     1 
ATOM   345  O O     . THR A 1 51  ? 3.356   0.564   9.111   1.00 17.52 ? 32   THR A O     1 
ATOM   346  C CB    . THR A 1 51  ? 0.565   -0.577  10.712  1.00 18.26 ? 32   THR A CB    1 
ATOM   347  O OG1   . THR A 1 51  ? 0.079   0.386   11.645  1.00 19.64 ? 32   THR A OG1   1 
ATOM   348  C CG2   . THR A 1 51  ? 1.691   -1.403  11.339  1.00 18.57 ? 32   THR A CG2   1 
ATOM   349  N N     . VAL A 1 52  ? 2.258   1.854   10.586  1.00 18.13 ? 33   VAL A N     1 
ATOM   350  C CA    . VAL A 1 52  ? 3.423   2.590   11.038  1.00 17.27 ? 33   VAL A CA    1 
ATOM   351  C C     . VAL A 1 52  ? 3.963   1.818   12.226  1.00 17.56 ? 33   VAL A C     1 
ATOM   352  O O     . VAL A 1 52  ? 3.186   1.340   13.066  1.00 16.99 ? 33   VAL A O     1 
ATOM   353  C CB    . VAL A 1 52  ? 3.008   4.000   11.483  1.00 16.69 ? 33   VAL A CB    1 
ATOM   354  C CG1   . VAL A 1 52  ? 4.214   4.739   12.032  1.00 16.07 ? 33   VAL A CG1   1 
ATOM   355  C CG2   . VAL A 1 52  ? 2.408   4.762   10.302  1.00 17.79 ? 33   VAL A CG2   1 
ATOM   356  N N     . VAL A 1 53  ? 5.281   1.657   12.315  1.00 18.44 ? 34   VAL A N     1 
ATOM   357  C CA    . VAL A 1 53  ? 5.841   0.975   13.484  1.00 18.73 ? 34   VAL A CA    1 
ATOM   358  C C     . VAL A 1 53  ? 6.781   1.854   14.321  1.00 19.85 ? 34   VAL A C     1 
ATOM   359  O O     . VAL A 1 53  ? 7.208   1.445   15.390  1.00 21.29 ? 34   VAL A O     1 
ATOM   360  C CB    . VAL A 1 53  ? 6.542   -0.355  13.138  1.00 19.73 ? 34   VAL A CB    1 
ATOM   361  C CG1   . VAL A 1 53  ? 5.599   -1.278  12.370  1.00 19.94 ? 34   VAL A CG1   1 
ATOM   362  C CG2   . VAL A 1 53  ? 7.815   -0.114  12.343  1.00 20.40 ? 34   VAL A CG2   1 
ATOM   363  N N     . SER A 1 54  ? 7.105   3.053   13.840  1.00 18.84 ? 35   SER A N     1 
ATOM   364  C CA    . SER A 1 54  ? 7.947   3.952   14.631  1.00 19.53 ? 35   SER A CA    1 
ATOM   365  C C     . SER A 1 54  ? 7.759   5.381   14.180  1.00 21.06 ? 35   SER A C     1 
ATOM   366  O O     . SER A 1 54  ? 7.621   5.630   12.986  1.00 19.94 ? 35   SER A O     1 
ATOM   367  C CB    . SER A 1 54  ? 9.425   3.561   14.507  1.00 20.24 ? 35   SER A CB    1 
ATOM   368  O OG    . SER A 1 54  ? 10.222  4.493   15.228  1.00 20.90 ? 35   SER A OG    1 
ATOM   369  N N     . PHE A 1 55  ? 7.765   6.305   15.138  1.00 23.12 ? 36   PHE A N     1 
ATOM   370  C CA    . PHE A 1 55  ? 7.649   7.723   14.852  1.00 27.63 ? 36   PHE A CA    1 
ATOM   371  C C     . PHE A 1 55  ? 9.002   8.336   14.480  1.00 28.37 ? 36   PHE A C     1 
ATOM   372  O O     . PHE A 1 55  ? 9.138   8.962   13.424  1.00 28.35 ? 36   PHE A O     1 
ATOM   373  C CB    . PHE A 1 55  ? 7.024   8.455   16.046  1.00 31.04 ? 36   PHE A CB    1 
ATOM   374  C CG    . PHE A 1 55  ? 7.238   9.941   16.018  1.00 35.37 ? 36   PHE A CG    1 
ATOM   375  C CD1   . PHE A 1 55  ? 6.820   10.703  14.929  1.00 35.58 ? 36   PHE A CD1   1 
ATOM   376  C CD2   . PHE A 1 55  ? 7.869   10.583  17.082  1.00 38.10 ? 36   PHE A CD2   1 
ATOM   377  C CE1   . PHE A 1 55  ? 7.031   12.073  14.902  1.00 39.46 ? 36   PHE A CE1   1 
ATOM   378  C CE2   . PHE A 1 55  ? 8.072   11.956  17.063  1.00 38.66 ? 36   PHE A CE2   1 
ATOM   379  C CZ    . PHE A 1 55  ? 7.656   12.701  15.970  1.00 37.59 ? 36   PHE A CZ    1 
ATOM   380  N N     . ASP A 1 56  ? 9.985   8.149   15.361  1.00 28.76 ? 37   ASP A N     1 
ATOM   381  C CA    . ASP A 1 56  ? 11.333  8.707   15.183  1.00 32.05 ? 37   ASP A CA    1 
ATOM   382  C C     . ASP A 1 56  ? 12.368  7.611   15.464  1.00 30.33 ? 37   ASP A C     1 
ATOM   383  O O     . ASP A 1 56  ? 12.529  7.201   16.609  1.00 31.80 ? 37   ASP A O     1 
ATOM   384  C CB    . ASP A 1 56  ? 11.537  9.906   16.126  1.00 36.54 ? 37   ASP A CB    1 
ATOM   385  C CG    . ASP A 1 56  ? 12.721  10.801  15.715  1.00 40.55 ? 37   ASP A CG    1 
ATOM   386  O OD1   . ASP A 1 56  ? 13.406  10.496  14.720  1.00 42.74 ? 37   ASP A OD1   1 
ATOM   387  O OD2   . ASP A 1 56  ? 12.965  11.825  16.389  1.00 43.54 ? 37   ASP A OD2   1 
ATOM   388  N N     . PRO A 1 57  ? 13.033  7.087   14.416  1.00 28.41 ? 38   PRO A N     1 
ATOM   389  C CA    . PRO A 1 57  ? 12.846  7.414   13.001  1.00 27.62 ? 38   PRO A CA    1 
ATOM   390  C C     . PRO A 1 57  ? 11.507  6.872   12.475  1.00 24.99 ? 38   PRO A C     1 
ATOM   391  O O     . PRO A 1 57  ? 10.919  5.988   13.085  1.00 24.40 ? 38   PRO A O     1 
ATOM   392  C CB    . PRO A 1 57  ? 13.995  6.681   12.324  1.00 28.31 ? 38   PRO A CB    1 
ATOM   393  C CG    . PRO A 1 57  ? 14.248  5.496   13.199  1.00 30.70 ? 38   PRO A CG    1 
ATOM   394  C CD    . PRO A 1 57  ? 13.916  5.920   14.600  1.00 30.01 ? 38   PRO A CD    1 
ATOM   395  N N     . PHE A 1 58  ? 11.049  7.418   11.358  1.00 24.03 ? 39   PHE A N     1 
ATOM   396  C CA    . PHE A 1 58  ? 9.796   6.984   10.729  1.00 21.40 ? 39   PHE A CA    1 
ATOM   397  C C     . PHE A 1 58  ? 10.021  5.637   10.049  1.00 20.75 ? 39   PHE A C     1 
ATOM   398  O O     . PHE A 1 58  ? 10.844  5.512   9.148   1.00 19.56 ? 39   PHE A O     1 
ATOM   399  C CB    . PHE A 1 58  ? 9.344   8.104   9.785   1.00 21.87 ? 39   PHE A CB    1 
ATOM   400  C CG    . PHE A 1 58  ? 8.099   7.825   8.994   1.00 22.06 ? 39   PHE A CG    1 
ATOM   401  C CD1   . PHE A 1 58  ? 7.101   6.955   9.439   1.00 21.92 ? 39   PHE A CD1   1 
ATOM   402  C CD2   . PHE A 1 58  ? 7.894   8.518   7.800   1.00 21.62 ? 39   PHE A CD2   1 
ATOM   403  C CE1   . PHE A 1 58  ? 5.961   6.750   8.671   1.00 20.96 ? 39   PHE A CE1   1 
ATOM   404  C CE2   . PHE A 1 58  ? 6.759   8.317   7.033   1.00 22.23 ? 39   PHE A CE2   1 
ATOM   405  C CZ    . PHE A 1 58  ? 5.786   7.436   7.471   1.00 19.86 ? 39   PHE A CZ    1 
ATOM   406  N N     . ILE A 1 59  ? 9.321   4.604   10.538  1.00 18.92 ? 40   ILE A N     1 
ATOM   407  C CA    . ILE A 1 59  ? 9.470   3.254   10.026  1.00 18.66 ? 40   ILE A CA    1 
ATOM   408  C C     . ILE A 1 59  ? 8.060   2.705   9.806   1.00 17.76 ? 40   ILE A C     1 
ATOM   409  O O     . ILE A 1 59  ? 7.169   2.952   10.626  1.00 19.82 ? 40   ILE A O     1 
ATOM   410  C CB    . ILE A 1 59  ? 10.220  2.326   11.007  1.00 19.07 ? 40   ILE A CB    1 
ATOM   411  C CG1   . ILE A 1 59  ? 11.566  2.950   11.434  1.00 20.10 ? 40   ILE A CG1   1 
ATOM   412  C CG2   . ILE A 1 59  ? 10.385  0.929   10.409  1.00 19.97 ? 40   ILE A CG2   1 
ATOM   413  C CD1   . ILE A 1 59  ? 12.305  2.142   12.492  1.00 21.56 ? 40   ILE A CD1   1 
ATOM   414  N N     . VAL A 1 60  ? 7.869   2.004   8.694   1.00 16.89 ? 41   VAL A N     1 
ATOM   415  C CA    . VAL A 1 60  ? 6.578   1.416   8.347   1.00 17.83 ? 41   VAL A CA    1 
ATOM   416  C C     . VAL A 1 60  ? 6.735   -0.082  8.164   1.00 18.05 ? 41   VAL A C     1 
ATOM   417  O O     . VAL A 1 60  ? 7.849   -0.592  8.085   1.00 20.05 ? 41   VAL A O     1 
ATOM   418  C CB    . VAL A 1 60  ? 5.983   2.054   7.081   1.00 18.19 ? 41   VAL A CB    1 
ATOM   419  C CG1   . VAL A 1 60  ? 5.610   3.498   7.371   1.00 17.49 ? 41   VAL A CG1   1 
ATOM   420  C CG2   . VAL A 1 60  ? 6.978   1.999   5.928   1.00 18.79 ? 41   VAL A CG2   1 
ATOM   421  N N     . GLY A 1 61  ? 5.631   -0.808  8.122   1.00 17.53 ? 42   GLY A N     1 
ATOM   422  C CA    . GLY A 1 61  ? 5.739   -2.234  7.832   1.00 16.39 ? 42   GLY A CA    1 
ATOM   423  C C     . GLY A 1 61  ? 4.594   -2.678  6.949   1.00 16.84 ? 42   GLY A C     1 
ATOM   424  O O     . GLY A 1 61  ? 3.533   -2.109  7.020   1.00 15.91 ? 42   GLY A O     1 
ATOM   425  N N     . VAL A 1 62  ? 4.827   -3.682  6.122   1.00 16.32 ? 43   VAL A N     1 
ATOM   426  C CA    . VAL A 1 62  ? 3.792   -4.252  5.254   1.00 16.74 ? 43   VAL A CA    1 
ATOM   427  C C     . VAL A 1 62  ? 3.902   -5.771  5.235   1.00 16.44 ? 43   VAL A C     1 
ATOM   428  O O     . VAL A 1 62  ? 5.009   -6.319  5.090   1.00 15.79 ? 43   VAL A O     1 
ATOM   429  C CB    . VAL A 1 62  ? 3.847   -3.667  3.825   1.00 17.53 ? 43   VAL A CB    1 
ATOM   430  C CG1   . VAL A 1 62  ? 5.199   -3.872  3.157   1.00 19.52 ? 43   VAL A CG1   1 
ATOM   431  C CG2   . VAL A 1 62  ? 2.737   -4.227  2.938   1.00 17.34 ? 43   VAL A CG2   1 
ATOM   432  N N     . ALA A 1 63  ? 2.758   -6.439  5.371   1.00 14.56 ? 44   ALA A N     1 
ATOM   433  C CA    . ALA A 1 63  ? 2.677   -7.905  5.337   1.00 14.14 ? 44   ALA A CA    1 
ATOM   434  C C     . ALA A 1 63  ? 2.433   -8.348  3.901   1.00 14.72 ? 44   ALA A C     1 
ATOM   435  O O     . ALA A 1 63  ? 1.415   -8.001  3.282   1.00 14.82 ? 44   ALA A O     1 
ATOM   436  C CB    . ALA A 1 63  ? 1.539   -8.376  6.236   1.00 13.09 ? 44   ALA A CB    1 
ATOM   437  N N     . VAL A 1 64  ? 3.367   -9.109  3.350   1.00 14.17 ? 45   VAL A N     1 
ATOM   438  C CA    . VAL A 1 64  ? 3.312   -9.498  1.943   1.00 14.71 ? 45   VAL A CA    1 
ATOM   439  C C     . VAL A 1 64  ? 3.491   -11.014 1.848   1.00 15.59 ? 45   VAL A C     1 
ATOM   440  O O     . VAL A 1 64  ? 4.486   -11.549 2.359   1.00 16.99 ? 45   VAL A O     1 
ATOM   441  C CB    . VAL A 1 64  ? 4.459   -8.833  1.140   1.00 14.70 ? 45   VAL A CB    1 
ATOM   442  C CG1   . VAL A 1 64  ? 4.438   -9.262  -0.327  1.00 14.96 ? 45   VAL A CG1   1 
ATOM   443  C CG2   . VAL A 1 64  ? 4.413   -7.309  1.264   1.00 15.30 ? 45   VAL A CG2   1 
ATOM   444  N N     . ALA A 1 65  ? 2.566   -11.700 1.198   1.00 15.47 ? 46   ALA A N     1 
ATOM   445  C CA    . ALA A 1 65  ? 2.661   -13.171 1.089   1.00 17.23 ? 46   ALA A CA    1 
ATOM   446  C C     . ALA A 1 65  ? 3.822   -13.533 0.162   1.00 18.51 ? 46   ALA A C     1 
ATOM   447  O O     . ALA A 1 65  ? 4.036   -12.850 -0.848  1.00 18.98 ? 46   ALA A O     1 
ATOM   448  C CB    . ALA A 1 65  ? 1.351   -13.761 0.581   1.00 16.55 ? 46   ALA A CB    1 
ATOM   449  N N     . PRO A 1 66  ? 4.585   -14.602 0.492   1.00 19.01 ? 47   PRO A N     1 
ATOM   450  C CA    . PRO A 1 66  ? 5.681   -15.006 -0.389  1.00 19.90 ? 47   PRO A CA    1 
ATOM   451  C C     . PRO A 1 66  ? 5.265   -15.294 -1.830  1.00 21.58 ? 47   PRO A C     1 
ATOM   452  O O     . PRO A 1 66  ? 6.111   -15.221 -2.732  1.00 23.13 ? 47   PRO A O     1 
ATOM   453  C CB    . PRO A 1 66  ? 6.206   -16.289 0.266   1.00 20.28 ? 47   PRO A CB    1 
ATOM   454  C CG    . PRO A 1 66  ? 5.849   -16.167 1.699   1.00 21.28 ? 47   PRO A CG    1 
ATOM   455  C CD    . PRO A 1 66  ? 4.544   -15.408 1.733   1.00 19.20 ? 47   PRO A CD    1 
ATOM   456  N N     . LYS A 1 67  ? 3.995   -15.606 -2.070  1.00 21.72 ? 48   LYS A N     1 
ATOM   457  C CA    . LYS A 1 67  ? 3.570   -15.844 -3.453  1.00 25.15 ? 48   LYS A CA    1 
ATOM   458  C C     . LYS A 1 67  ? 3.413   -14.595 -4.340  1.00 24.50 ? 48   LYS A C     1 
ATOM   459  O O     . LYS A 1 67  ? 3.305   -14.714 -5.560  1.00 25.81 ? 48   LYS A O     1 
ATOM   460  C CB    . LYS A 1 67  ? 2.315   -16.716 -3.511  1.00 27.37 ? 48   LYS A CB    1 
ATOM   461  C CG    . LYS A 1 67  ? 1.025   -15.978 -3.229  1.00 29.91 ? 48   LYS A CG    1 
ATOM   462  C CD    . LYS A 1 67  ? -0.200  -16.800 -3.614  1.00 34.10 ? 48   LYS A CD    1 
ATOM   463  C CE    . LYS A 1 67  ? -0.417  -17.992 -2.689  1.00 36.25 ? 48   LYS A CE    1 
ATOM   464  N NZ    . LYS A 1 67  ? 0.199   -19.239 -3.211  1.00 38.86 ? 48   LYS A NZ    1 
ATOM   465  N N     . ARG A 1 68  ? 3.429   -13.402 -3.745  1.00 22.83 ? 49   ARG A N     1 
ATOM   466  C CA    . ARG A 1 68  ? 3.315   -12.168 -4.527  1.00 22.36 ? 49   ARG A CA    1 
ATOM   467  C C     . ARG A 1 68  ? 4.622   -11.923 -5.255  1.00 21.62 ? 49   ARG A C     1 
ATOM   468  O O     . ARG A 1 68  ? 5.689   -12.113 -4.677  1.00 20.52 ? 49   ARG A O     1 
ATOM   469  C CB    . ARG A 1 68  ? 3.052   -10.954 -3.625  1.00 21.55 ? 49   ARG A CB    1 
ATOM   470  C CG    . ARG A 1 68  ? 1.985   -11.141 -2.546  1.00 19.87 ? 49   ARG A CG    1 
ATOM   471  C CD    . ARG A 1 68  ? 0.625   -11.510 -3.117  1.00 20.12 ? 49   ARG A CD    1 
ATOM   472  N NE    . ARG A 1 68  ? -0.343  -11.648 -2.037  1.00 19.46 ? 49   ARG A NE    1 
ATOM   473  C CZ    . ARG A 1 68  ? -1.317  -12.550 -1.999  1.00 20.69 ? 49   ARG A CZ    1 
ATOM   474  N NH1   . ARG A 1 68  ? -1.502  -13.408 -3.004  1.00 22.33 ? 49   ARG A NH1   1 
ATOM   475  N NH2   . ARG A 1 68  ? -2.117  -12.596 -0.957  1.00 21.77 ? 49   ARG A NH2   1 
ATOM   476  N N     . THR A 1 69  ? 4.539   -11.487 -6.513  1.00 22.07 ? 50   THR A N     1 
ATOM   477  C CA    . THR A 1 69  ? 5.730   -11.024 -7.237  1.00 22.26 ? 50   THR A CA    1 
ATOM   478  C C     . THR A 1 69  ? 6.416   -9.911  -6.469  1.00 21.11 ? 50   THR A C     1 
ATOM   479  O O     . THR A 1 69  ? 7.629   -9.847  -6.402  1.00 21.69 ? 50   THR A O     1 
ATOM   480  C CB    . THR A 1 69  ? 5.345   -10.497 -8.635  1.00 24.05 ? 50   THR A CB    1 
ATOM   481  O OG1   . THR A 1 69  ? 4.443   -11.417 -9.243  1.00 26.43 ? 50   THR A OG1   1 
ATOM   482  C CG2   . THR A 1 69  ? 6.596   -10.320 -9.507  1.00 26.30 ? 50   THR A CG2   1 
ATOM   483  N N     . THR A 1 70  ? 5.617   -9.013  -5.893  1.00 20.88 ? 51   THR A N     1 
ATOM   484  C CA    . THR A 1 70  ? 6.100   -7.977  -4.999  1.00 18.89 ? 51   THR A CA    1 
ATOM   485  C C     . THR A 1 70  ? 7.069   -8.515  -3.924  1.00 19.06 ? 51   THR A C     1 
ATOM   486  O O     . THR A 1 70  ? 8.083   -7.875  -3.639  1.00 20.29 ? 51   THR A O     1 
ATOM   487  C CB    . THR A 1 70  ? 4.892   -7.267  -4.336  1.00 19.14 ? 51   THR A CB    1 
ATOM   488  O OG1   . THR A 1 70  ? 4.078   -6.705  -5.369  1.00 18.93 ? 51   THR A OG1   1 
ATOM   489  C CG2   . THR A 1 70  ? 5.339   -6.167  -3.374  1.00 17.79 ? 51   THR A CG2   1 
ATOM   490  N N     . HIS A 1 71  ? 6.757   -9.675  -3.339  1.00 20.04 ? 52   HIS A N     1 
ATOM   491  C CA    . HIS A 1 71  ? 7.638   -10.279 -2.343  1.00 21.97 ? 52   HIS A CA    1 
ATOM   492  C C     . HIS A 1 71  ? 9.027   -10.514 -2.934  1.00 23.05 ? 52   HIS A C     1 
ATOM   493  O O     . HIS A 1 71  ? 10.042  -10.139 -2.334  1.00 24.06 ? 52   HIS A O     1 
ATOM   494  C CB    . HIS A 1 71  ? 7.075   -11.608 -1.847  1.00 21.68 ? 52   HIS A CB    1 
ATOM   495  C CG    . HIS A 1 71  ? 7.746   -12.131 -0.617  1.00 21.92 ? 52   HIS A CG    1 
ATOM   496  N ND1   . HIS A 1 71  ? 8.912   -12.871 -0.658  1.00 21.40 ? 52   HIS A ND1   1 
ATOM   497  C CD2   . HIS A 1 71  ? 7.375   -12.081 0.686   1.00 21.22 ? 52   HIS A CD2   1 
ATOM   498  C CE1   . HIS A 1 71  ? 9.241   -13.232 0.570   1.00 22.65 ? 52   HIS A CE1   1 
ATOM   499  N NE2   . HIS A 1 71  ? 8.334   -12.756 1.406   1.00 22.66 ? 52   HIS A NE2   1 
ATOM   500  N N     . LYS A 1 72  ? 9.057   -11.130 -4.112  1.00 24.40 ? 53   LYS A N     1 
ATOM   501  C CA    . LYS A 1 72  ? 10.325  -11.404 -4.817  1.00 26.50 ? 53   LYS A CA    1 
ATOM   502  C C     . LYS A 1 72  ? 11.083  -10.113 -5.122  1.00 25.68 ? 53   LYS A C     1 
ATOM   503  O O     . LYS A 1 72  ? 12.304  -10.039 -4.951  1.00 25.41 ? 53   LYS A O     1 
ATOM   504  C CB    . LYS A 1 72  ? 10.070  -12.215 -6.092  1.00 26.99 ? 53   LYS A CB    1 
ATOM   505  C CG    . LYS A 1 72  ? 9.480   -13.581 -5.773  1.00 31.14 ? 53   LYS A CG    1 
ATOM   506  C CD    . LYS A 1 72  ? 8.898   -14.284 -6.982  1.00 34.91 ? 53   LYS A CD    1 
ATOM   507  C CE    . LYS A 1 72  ? 8.074   -15.490 -6.532  1.00 38.41 ? 53   LYS A CE    1 
ATOM   508  N NZ    . LYS A 1 72  ? 6.780   -15.122 -5.879  1.00 39.93 ? 53   LYS A NZ    1 
ATOM   509  N N     . LEU A 1 73  ? 10.351  -9.080  -5.529  1.00 24.08 ? 54   LEU A N     1 
ATOM   510  C CA    . LEU A 1 73  ? 10.991  -7.822  -5.881  1.00 23.98 ? 54   LEU A CA    1 
ATOM   511  C C     . LEU A 1 73  ? 11.477  -7.049  -4.660  1.00 24.36 ? 54   LEU A C     1 
ATOM   512  O O     . LEU A 1 73  ? 12.508  -6.375  -4.726  1.00 24.96 ? 54   LEU A O     1 
ATOM   513  C CB    . LEU A 1 73  ? 10.066  -6.963  -6.760  1.00 23.62 ? 54   LEU A CB    1 
ATOM   514  C CG    . LEU A 1 73  ? 9.791   -7.563  -8.141  1.00 24.86 ? 54   LEU A CG    1 
ATOM   515  C CD1   . LEU A 1 73  ? 8.575   -6.907  -8.786  1.00 25.89 ? 54   LEU A CD1   1 
ATOM   516  C CD2   . LEU A 1 73  ? 10.997  -7.487  -9.066  1.00 26.12 ? 54   LEU A CD2   1 
ATOM   517  N N     . ILE A 1 74  ? 10.757  -7.137  -3.540  1.00 22.68 ? 55   ILE A N     1 
ATOM   518  C CA    . ILE A 1 74  ? 11.248  -6.479  -2.333  1.00 23.72 ? 55   ILE A CA    1 
ATOM   519  C C     . ILE A 1 74  ? 12.507  -7.176  -1.801  1.00 24.01 ? 55   ILE A C     1 
ATOM   520  O O     . ILE A 1 74  ? 13.454  -6.517  -1.364  1.00 25.14 ? 55   ILE A O     1 
ATOM   521  C CB    . ILE A 1 74  ? 10.168  -6.358  -1.243  1.00 21.38 ? 55   ILE A CB    1 
ATOM   522  C CG1   . ILE A 1 74  ? 9.085   -5.382  -1.723  1.00 22.04 ? 55   ILE A CG1   1 
ATOM   523  C CG2   . ILE A 1 74  ? 10.790  -5.858  0.062   1.00 23.45 ? 55   ILE A CG2   1 
ATOM   524  C CD1   . ILE A 1 74  ? 7.851   -5.371  -0.852  1.00 20.44 ? 55   ILE A CD1   1 
ATOM   525  N N     . LYS A 1 75  ? 12.514  -8.501  -1.869  1.00 26.66 ? 56   LYS A N     1 
ATOM   526  C CA    . LYS A 1 75  ? 13.673  -9.307  -1.468  1.00 30.40 ? 56   LYS A CA    1 
ATOM   527  C C     . LYS A 1 75  ? 14.892  -9.034  -2.358  1.00 31.07 ? 56   LYS A C     1 
ATOM   528  O O     . LYS A 1 75  ? 16.015  -8.947  -1.870  1.00 29.69 ? 56   LYS A O     1 
ATOM   529  C CB    . LYS A 1 75  ? 13.322  -10.789 -1.517  1.00 31.51 ? 56   LYS A CB    1 
ATOM   530  C CG    . LYS A 1 75  ? 12.567  -11.302 -0.300  1.00 34.29 ? 56   LYS A CG    1 
ATOM   531  C CD    . LYS A 1 75  ? 13.472  -11.379 0.920   1.00 37.91 ? 56   LYS A CD    1 
ATOM   532  C CE    . LYS A 1 75  ? 12.850  -12.205 2.037   1.00 41.06 ? 56   LYS A CE    1 
ATOM   533  N NZ    . LYS A 1 75  ? 13.509  -11.900 3.337   1.00 43.43 ? 56   LYS A NZ    1 
ATOM   534  N N     . LYS A 1 76  ? 14.649  -8.883  -3.654  1.00 32.90 ? 57   LYS A N     1 
ATOM   535  C CA    . LYS A 1 76  ? 15.707  -8.630  -4.628  1.00 34.25 ? 57   LYS A CA    1 
ATOM   536  C C     . LYS A 1 76  ? 16.373  -7.266  -4.416  1.00 34.07 ? 57   LYS A C     1 
ATOM   537  O O     . LYS A 1 76  ? 17.604  -7.171  -4.371  1.00 35.42 ? 57   LYS A O     1 
ATOM   538  C CB    . LYS A 1 76  ? 15.156  -8.760  -6.057  1.00 35.68 ? 57   LYS A CB    1 
ATOM   539  C CG    . LYS A 1 76  ? 16.198  -8.554  -7.149  1.00 40.59 ? 57   LYS A CG    1 
ATOM   540  C CD    . LYS A 1 76  ? 15.698  -9.026  -8.502  1.00 41.25 ? 57   LYS A CD    1 
ATOM   541  C CE    . LYS A 1 76  ? 16.813  -8.908  -9.535  1.00 44.35 ? 57   LYS A CE    1 
ATOM   542  N NZ    . LYS A 1 76  ? 16.459  -9.597  -10.802 1.00 45.79 ? 57   LYS A NZ    1 
ATOM   543  N N     . TYR A 1 77  ? 15.565  -6.219  -4.254  1.00 33.15 ? 58   TYR A N     1 
ATOM   544  C CA    . TYR A 1 77  ? 16.081  -4.848  -4.246  1.00 31.29 ? 58   TYR A CA    1 
ATOM   545  C C     . TYR A 1 77  ? 16.175  -4.159  -2.890  1.00 30.84 ? 58   TYR A C     1 
ATOM   546  O O     . TYR A 1 77  ? 16.858  -3.143  -2.759  1.00 31.53 ? 58   TYR A O     1 
ATOM   547  C CB    . TYR A 1 77  ? 15.295  -3.989  -5.235  1.00 32.98 ? 58   TYR A CB    1 
ATOM   548  C CG    . TYR A 1 77  ? 15.466  -4.443  -6.667  1.00 33.28 ? 58   TYR A CG    1 
ATOM   549  C CD1   . TYR A 1 77  ? 16.667  -4.205  -7.351  1.00 36.36 ? 58   TYR A CD1   1 
ATOM   550  C CD2   . TYR A 1 77  ? 14.441  -5.105  -7.343  1.00 33.66 ? 58   TYR A CD2   1 
ATOM   551  C CE1   . TYR A 1 77  ? 16.836  -4.613  -8.660  1.00 35.85 ? 58   TYR A CE1   1 
ATOM   552  C CE2   . TYR A 1 77  ? 14.600  -5.514  -8.662  1.00 35.03 ? 58   TYR A CE2   1 
ATOM   553  C CZ    . TYR A 1 77  ? 15.801  -5.258  -9.312  1.00 36.43 ? 58   TYR A CZ    1 
ATOM   554  O OH    . TYR A 1 77  ? 16.004  -5.653  -10.616 1.00 40.17 ? 58   TYR A OH    1 
ATOM   555  N N     . GLY A 1 78  ? 15.497  -4.704  -1.883  1.00 27.75 ? 59   GLY A N     1 
ATOM   556  C CA    . GLY A 1 78  ? 15.582  -4.164  -0.520  1.00 26.91 ? 59   GLY A CA    1 
ATOM   557  C C     . GLY A 1 78  ? 14.913  -2.806  -0.349  1.00 25.45 ? 59   GLY A C     1 
ATOM   558  O O     . GLY A 1 78  ? 15.179  -2.097  0.618   1.00 26.46 ? 59   GLY A O     1 
ATOM   559  N N     . GLU A 1 79  ? 14.045  -2.454  -1.300  1.00 25.20 ? 60   GLU A N     1 
ATOM   560  C CA    . GLU A 1 79  ? 13.343  -1.179  -1.310  1.00 25.11 ? 60   GLU A CA    1 
ATOM   561  C C     . GLU A 1 79  ? 11.870  -1.367  -1.724  1.00 22.15 ? 60   GLU A C     1 
ATOM   562  O O     . GLU A 1 79  ? 11.514  -2.332  -2.421  1.00 20.91 ? 60   GLU A O     1 
ATOM   563  C CB    . GLU A 1 79  ? 14.031  -0.184  -2.264  1.00 27.22 ? 60   GLU A CB    1 
ATOM   564  C CG    . GLU A 1 79  ? 15.452  0.225   -1.878  1.00 31.60 ? 60   GLU A CG    1 
ATOM   565  C CD    . GLU A 1 79  ? 16.089  1.234   -2.842  1.00 36.20 ? 60   GLU A CD    1 
ATOM   566  O OE1   . GLU A 1 79  ? 15.666  1.306   -4.021  1.00 37.07 ? 60   GLU A OE1   1 
ATOM   567  O OE2   . GLU A 1 79  ? 17.022  1.965   -2.421  1.00 39.91 ? 60   GLU A OE2   1 
ATOM   568  N N     . PHE A 1 80  ? 11.021  -0.458  -1.256  1.00 21.07 ? 61   PHE A N     1 
ATOM   569  C CA    . PHE A 1 80  ? 9.633   -0.371  -1.737  1.00 20.26 ? 61   PHE A CA    1 
ATOM   570  C C     . PHE A 1 80  ? 9.079   1.022   -1.536  1.00 20.27 ? 61   PHE A C     1 
ATOM   571  O O     . PHE A 1 80  ? 9.623   1.813   -0.772  1.00 21.73 ? 61   PHE A O     1 
ATOM   572  C CB    . PHE A 1 80  ? 8.706   -1.450  -1.124  1.00 20.17 ? 61   PHE A CB    1 
ATOM   573  C CG    . PHE A 1 80  ? 8.534   -1.368  0.374   1.00 20.68 ? 61   PHE A CG    1 
ATOM   574  C CD1   . PHE A 1 80  ? 9.390   -2.080  1.224   1.00 20.44 ? 61   PHE A CD1   1 
ATOM   575  C CD2   . PHE A 1 80  ? 7.473   -0.663  0.944   1.00 20.23 ? 61   PHE A CD2   1 
ATOM   576  C CE1   . PHE A 1 80  ? 9.228   -2.045  2.607   1.00 19.97 ? 61   PHE A CE1   1 
ATOM   577  C CE2   . PHE A 1 80  ? 7.312   -0.624  2.329   1.00 19.81 ? 61   PHE A CE2   1 
ATOM   578  C CZ    . PHE A 1 80  ? 8.188   -1.312  3.162   1.00 19.99 ? 61   PHE A CZ    1 
ATOM   579  N N     . VAL A 1 81  ? 7.995   1.321   -2.230  1.00 18.66 ? 62   VAL A N     1 
ATOM   580  C CA    . VAL A 1 81  ? 7.292   2.580   -2.041  1.00 18.31 ? 62   VAL A CA    1 
ATOM   581  C C     . VAL A 1 81  ? 5.845   2.268   -1.641  1.00 17.89 ? 62   VAL A C     1 
ATOM   582  O O     . VAL A 1 81  ? 5.199   1.417   -2.271  1.00 17.55 ? 62   VAL A O     1 
ATOM   583  C CB    . VAL A 1 81  ? 7.304   3.405   -3.345  1.00 18.95 ? 62   VAL A CB    1 
ATOM   584  C CG1   . VAL A 1 81  ? 6.410   4.635   -3.213  1.00 18.99 ? 62   VAL A CG1   1 
ATOM   585  C CG2   . VAL A 1 81  ? 8.727   3.816   -3.702  1.00 20.08 ? 62   VAL A CG2   1 
ATOM   586  N N     . ILE A 1 82  ? 5.339   2.968   -0.620  1.00 17.57 ? 63   ILE A N     1 
ATOM   587  C CA    . ILE A 1 82  ? 3.920   2.895   -0.298  1.00 17.93 ? 63   ILE A CA    1 
ATOM   588  C C     . ILE A 1 82  ? 3.292   4.102   -0.947  1.00 18.76 ? 63   ILE A C     1 
ATOM   589  O O     . ILE A 1 82  ? 3.616   5.236   -0.598  1.00 17.65 ? 63   ILE A O     1 
ATOM   590  C CB    . ILE A 1 82  ? 3.631   2.921   1.217   1.00 18.36 ? 63   ILE A CB    1 
ATOM   591  C CG1   . ILE A 1 82  ? 4.378   1.781   1.913   1.00 17.71 ? 63   ILE A CG1   1 
ATOM   592  C CG2   . ILE A 1 82  ? 2.118   2.847   1.462   1.00 17.80 ? 63   ILE A CG2   1 
ATOM   593  C CD1   . ILE A 1 82  ? 4.263   1.810   3.428   1.00 19.72 ? 63   ILE A CD1   1 
ATOM   594  N N     . SER A 1 83  ? 2.419   3.833   -1.904  1.00 18.80 ? 64   SER A N     1 
ATOM   595  C CA    A SER A 1 83  ? 1.682   4.896   -2.569  0.70 19.17 ? 64   SER A CA    1 
ATOM   596  C CA    B SER A 1 83  ? 1.678   4.871   -2.591  0.30 19.55 ? 64   SER A CA    1 
ATOM   597  C C     . SER A 1 83  ? 0.246   4.865   -2.063  1.00 19.90 ? 64   SER A C     1 
ATOM   598  O O     . SER A 1 83  ? -0.371  3.802   -1.936  1.00 21.56 ? 64   SER A O     1 
ATOM   599  C CB    A SER A 1 83  ? 1.714   4.741   -4.089  0.70 18.95 ? 64   SER A CB    1 
ATOM   600  C CB    B SER A 1 83  ? 1.710   4.616   -4.097  0.30 19.73 ? 64   SER A CB    1 
ATOM   601  O OG    A SER A 1 83  ? 3.035   4.649   -4.585  0.70 18.65 ? 64   SER A OG    1 
ATOM   602  O OG    B SER A 1 83  ? 0.935   5.561   -4.802  0.30 20.14 ? 64   SER A OG    1 
ATOM   603  N N     . VAL A 1 84  ? -0.271  6.042   -1.751  1.00 18.80 ? 65   VAL A N     1 
ATOM   604  C CA    . VAL A 1 84  ? -1.603  6.175   -1.216  1.00 18.48 ? 65   VAL A CA    1 
ATOM   605  C C     . VAL A 1 84  ? -2.581  6.520   -2.335  1.00 20.10 ? 65   VAL A C     1 
ATOM   606  O O     . VAL A 1 84  ? -2.498  7.615   -2.914  1.00 20.72 ? 65   VAL A O     1 
ATOM   607  C CB    . VAL A 1 84  ? -1.646  7.284   -0.158  1.00 18.71 ? 65   VAL A CB    1 
ATOM   608  C CG1   . VAL A 1 84  ? -3.061  7.434   0.400   1.00 18.41 ? 65   VAL A CG1   1 
ATOM   609  C CG2   . VAL A 1 84  ? -0.644  6.997   0.951   1.00 17.72 ? 65   VAL A CG2   1 
ATOM   610  N N     . PRO A 1 85  ? -3.519  5.604   -2.631  1.00 19.61 ? 66   PRO A N     1 
ATOM   611  C CA    . PRO A 1 85  ? -4.496  5.837   -3.679  1.00 20.01 ? 66   PRO A CA    1 
ATOM   612  C C     . PRO A 1 85  ? -5.764  6.513   -3.177  1.00 20.70 ? 66   PRO A C     1 
ATOM   613  O O     . PRO A 1 85  ? -6.203  6.342   -2.022  1.00 19.43 ? 66   PRO A O     1 
ATOM   614  C CB    . PRO A 1 85  ? -4.838  4.418   -4.148  1.00 19.86 ? 66   PRO A CB    1 
ATOM   615  C CG    . PRO A 1 85  ? -4.746  3.607   -2.881  1.00 19.61 ? 66   PRO A CG    1 
ATOM   616  C CD    . PRO A 1 85  ? -3.561  4.213   -2.147  1.00 18.80 ? 66   PRO A CD    1 
ATOM   617  N N     . SER A 1 86  ? -6.386  7.265   -4.069  1.00 22.13 ? 67   SER A N     1 
ATOM   618  C CA    . SER A 1 86  ? -7.716  7.756   -3.769  1.00 24.10 ? 67   SER A CA    1 
ATOM   619  C C     . SER A 1 86  ? -8.775  6.852   -4.393  1.00 24.22 ? 67   SER A C     1 
ATOM   620  O O     . SER A 1 86  ? -8.484  5.974   -5.218  1.00 23.12 ? 67   SER A O     1 
ATOM   621  C CB    . SER A 1 86  ? -7.878  9.199   -4.269  1.00 25.47 ? 67   SER A CB    1 
ATOM   622  O OG    . SER A 1 86  ? -8.052  9.203   -5.661  1.00 29.14 ? 67   SER A OG    1 
ATOM   623  N N     . LEU A 1 87  ? -10.014 7.089   -3.999  1.00 25.12 ? 68   LEU A N     1 
ATOM   624  C CA    . LEU A 1 87  ? -11.161 6.396   -4.561  1.00 29.25 ? 68   LEU A CA    1 
ATOM   625  C C     . LEU A 1 87  ? -11.193 6.538   -6.087  1.00 30.01 ? 68   LEU A C     1 
ATOM   626  O O     . LEU A 1 87  ? -11.653 5.632   -6.794  1.00 29.34 ? 68   LEU A O     1 
ATOM   627  C CB    . LEU A 1 87  ? -12.431 6.952   -3.927  1.00 29.77 ? 68   LEU A CB    1 
ATOM   628  C CG    . LEU A 1 87  ? -13.752 6.190   -4.010  1.00 33.08 ? 68   LEU A CG    1 
ATOM   629  C CD1   . LEU A 1 87  ? -13.591 4.680   -3.936  1.00 32.62 ? 68   LEU A CD1   1 
ATOM   630  C CD2   . LEU A 1 87  ? -14.645 6.674   -2.878  1.00 35.20 ? 68   LEU A CD2   1 
ATOM   631  N N     . ASP A 1 88  ? -10.672 7.655   -6.587  1.00 30.60 ? 69   ASP A N     1 
ATOM   632  C CA    . ASP A 1 88  ? -10.688 7.954   -8.022  1.00 31.74 ? 69   ASP A CA    1 
ATOM   633  C C     . ASP A 1 88  ? -9.876  6.969   -8.866  1.00 30.99 ? 69   ASP A C     1 
ATOM   634  O O     . ASP A 1 88  ? -10.183 6.771   -10.040 1.00 30.76 ? 69   ASP A O     1 
ATOM   635  C CB    . ASP A 1 88  ? -10.202 9.385   -8.275  1.00 34.28 ? 69   ASP A CB    1 
ATOM   636  C CG    . ASP A 1 88  ? -11.225 10.444  -7.837  1.00 40.33 ? 69   ASP A CG    1 
ATOM   637  O OD1   . ASP A 1 88  ? -12.430 10.123  -7.662  1.00 41.15 ? 69   ASP A OD1   1 
ATOM   638  O OD2   . ASP A 1 88  ? -10.816 11.615  -7.688  1.00 42.16 ? 69   ASP A OD2   1 
ATOM   639  N N     . VAL A 1 89  ? -8.849  6.349   -8.277  1.00 26.48 ? 70   VAL A N     1 
ATOM   640  C CA    . VAL A 1 89  ? -8.030  5.395   -9.004  1.00 25.58 ? 70   VAL A CA    1 
ATOM   641  C C     . VAL A 1 89  ? -8.349  3.951   -8.603  1.00 24.04 ? 70   VAL A C     1 
ATOM   642  O O     . VAL A 1 89  ? -7.521  3.061   -8.784  1.00 25.80 ? 70   VAL A O     1 
ATOM   643  C CB    . VAL A 1 89  ? -6.517  5.692   -8.860  1.00 26.17 ? 70   VAL A CB    1 
ATOM   644  C CG1   . VAL A 1 89  ? -6.161  7.015   -9.532  1.00 27.16 ? 70   VAL A CG1   1 
ATOM   645  C CG2   . VAL A 1 89  ? -6.110  5.734   -7.395  1.00 25.36 ? 70   VAL A CG2   1 
ATOM   646  N N     . LEU A 1 90  ? -9.564  3.720   -8.117  1.00 24.25 ? 71   LEU A N     1 
ATOM   647  C CA    . LEU A 1 90  ? -9.985  2.384   -7.677  1.00 24.55 ? 71   LEU A CA    1 
ATOM   648  C C     . LEU A 1 90  ? -9.801  1.324   -8.759  1.00 25.79 ? 71   LEU A C     1 
ATOM   649  O O     . LEU A 1 90  ? -9.454  0.179   -8.460  1.00 24.16 ? 71   LEU A O     1 
ATOM   650  C CB    . LEU A 1 90  ? -11.435 2.387   -7.182  1.00 26.43 ? 71   LEU A CB    1 
ATOM   651  C CG    . LEU A 1 90  ? -11.946 1.039   -6.674  1.00 26.96 ? 71   LEU A CG    1 
ATOM   652  C CD1   . LEU A 1 90  ? -11.091 0.518   -5.519  1.00 27.73 ? 71   LEU A CD1   1 
ATOM   653  C CD2   . LEU A 1 90  ? -13.414 1.082   -6.282  1.00 28.25 ? 71   LEU A CD2   1 
ATOM   654  N N     . ARG A 1 91  ? -10.039 1.691   -10.019 1.00 25.19 ? 72   ARG A N     1 
ATOM   655  C CA    . ARG A 1 91  ? -9.895  0.696   -11.074 1.00 28.17 ? 72   ARG A CA    1 
ATOM   656  C C     . ARG A 1 91  ? -8.465  0.191   -11.151 1.00 25.74 ? 72   ARG A C     1 
ATOM   657  O O     . ARG A 1 91  ? -8.244  -1.009  -11.350 1.00 26.99 ? 72   ARG A O     1 
ATOM   658  C CB    . ARG A 1 91  ? -10.375 1.224   -12.433 1.00 29.71 ? 72   ARG A CB    1 
ATOM   659  C CG    . ARG A 1 91  ? -11.893 1.156   -12.601 1.00 34.77 ? 72   ARG A CG    1 
ATOM   660  C CD    . ARG A 1 91  ? -12.336 1.865   -13.880 1.00 37.36 ? 72   ARG A CD    1 
ATOM   661  N NE    . ARG A 1 91  ? -13.733 2.309   -13.829 1.00 40.58 ? 72   ARG A NE    1 
ATOM   662  C CZ    . ARG A 1 91  ? -14.133 3.516   -13.430 1.00 41.67 ? 72   ARG A CZ    1 
ATOM   663  N NH1   . ARG A 1 91  ? -13.249 4.437   -13.041 1.00 41.64 ? 72   ARG A NH1   1 
ATOM   664  N NH2   . ARG A 1 91  ? -15.426 3.806   -13.421 1.00 44.39 ? 72   ARG A NH2   1 
ATOM   665  N N     . ASP A 1 92  ? -7.501  1.100   -10.982 1.00 26.94 ? 73   ASP A N     1 
ATOM   666  C CA    . ASP A 1 92  ? -6.080  0.740   -10.964 1.00 25.45 ? 73   ASP A CA    1 
ATOM   667  C C     . ASP A 1 92  ? -5.688  -0.059  -9.716  1.00 24.84 ? 73   ASP A C     1 
ATOM   668  O O     . ASP A 1 92  ? -4.852  -0.976  -9.803  1.00 21.99 ? 73   ASP A O     1 
ATOM   669  C CB    . ASP A 1 92  ? -5.193  1.979   -11.052 1.00 28.77 ? 73   ASP A CB    1 
ATOM   670  C CG    . ASP A 1 92  ? -5.298  2.705   -12.389 1.00 35.26 ? 73   ASP A CG    1 
ATOM   671  O OD1   . ASP A 1 92  ? -5.633  2.085   -13.429 1.00 39.17 ? 73   ASP A OD1   1 
ATOM   672  O OD2   . ASP A 1 92  ? -5.024  3.923   -12.393 1.00 39.12 ? 73   ASP A OD2   1 
ATOM   673  N N     . VAL A 1 93  ? -6.290  0.281   -8.572  1.00 23.09 ? 74   VAL A N     1 
ATOM   674  C CA    . VAL A 1 93  ? -6.077  -0.476  -7.321  1.00 21.60 ? 74   VAL A CA    1 
ATOM   675  C C     . VAL A 1 93  ? -6.540  -1.926  -7.494  1.00 22.15 ? 74   VAL A C     1 
ATOM   676  O O     . VAL A 1 93  ? -5.843  -2.889  -7.115  1.00 19.95 ? 74   VAL A O     1 
ATOM   677  C CB    . VAL A 1 93  ? -6.813  0.183   -6.133  1.00 21.63 ? 74   VAL A CB    1 
ATOM   678  C CG1   . VAL A 1 93  ? -6.781  -0.730  -4.906  1.00 21.62 ? 74   VAL A CG1   1 
ATOM   679  C CG2   . VAL A 1 93  ? -6.200  1.534   -5.819  1.00 22.10 ? 74   VAL A CG2   1 
ATOM   680  N N     . TRP A 1 94  ? -7.716  -2.082  -8.098  1.00 20.99 ? 75   TRP A N     1 
ATOM   681  C CA    . TRP A 1 94  ? -8.257  -3.403  -8.363  1.00 22.69 ? 75   TRP A CA    1 
ATOM   682  C C     . TRP A 1 94  ? -7.364  -4.223  -9.285  1.00 22.24 ? 75   TRP A C     1 
ATOM   683  O O     . TRP A 1 94  ? -7.102  -5.403  -9.006  1.00 21.05 ? 75   TRP A O     1 
ATOM   684  C CB    . TRP A 1 94  ? -9.693  -3.292  -8.904  1.00 23.53 ? 75   TRP A CB    1 
ATOM   685  C CG    . TRP A 1 94  ? -10.378 -4.593  -8.907  1.00 25.60 ? 75   TRP A CG    1 
ATOM   686  C CD1   . TRP A 1 94  ? -10.798 -5.293  -10.003 1.00 25.75 ? 75   TRP A CD1   1 
ATOM   687  C CD2   . TRP A 1 94  ? -10.672 -5.405  -7.764  1.00 26.40 ? 75   TRP A CD2   1 
ATOM   688  N NE1   . TRP A 1 94  ? -11.362 -6.483  -9.604  1.00 28.20 ? 75   TRP A NE1   1 
ATOM   689  C CE2   . TRP A 1 94  ? -11.299 -6.576  -8.238  1.00 27.89 ? 75   TRP A CE2   1 
ATOM   690  C CE3   . TRP A 1 94  ? -10.491 -5.244  -6.378  1.00 26.88 ? 75   TRP A CE3   1 
ATOM   691  C CZ2   . TRP A 1 94  ? -11.746 -7.589  -7.379  1.00 28.43 ? 75   TRP A CZ2   1 
ATOM   692  C CZ3   . TRP A 1 94  ? -10.934 -6.249  -5.522  1.00 26.92 ? 75   TRP A CZ3   1 
ATOM   693  C CH2   . TRP A 1 94  ? -11.552 -7.408  -6.029  1.00 29.34 ? 75   TRP A CH2   1 
ATOM   694  N N     . ILE A 1 95  ? -6.844  -3.600  -10.345 1.00 22.13 ? 76   ILE A N     1 
ATOM   695  C CA    . ILE A 1 95  ? -5.883  -4.283  -11.201 1.00 22.88 ? 76   ILE A CA    1 
ATOM   696  C C     . ILE A 1 95  ? -4.621  -4.655  -10.409 1.00 23.18 ? 76   ILE A C     1 
ATOM   697  O O     . ILE A 1 95  ? -4.171  -5.795  -10.489 1.00 22.18 ? 76   ILE A O     1 
ATOM   698  C CB    . ILE A 1 95  ? -5.532  -3.490  -12.471 1.00 25.15 ? 76   ILE A CB    1 
ATOM   699  C CG1   . ILE A 1 95  ? -6.709  -3.567  -13.447 1.00 27.86 ? 76   ILE A CG1   1 
ATOM   700  C CG2   . ILE A 1 95  ? -4.235  -4.014  -13.092 1.00 23.31 ? 76   ILE A CG2   1 
ATOM   701  C CD1   . ILE A 1 95  ? -6.864  -2.358  -14.330 1.00 31.28 ? 76   ILE A CD1   1 
ATOM   702  N N     . ALA A 1 96  ? -4.083  -3.716  -9.629  1.00 20.86 ? 77   ALA A N     1 
ATOM   703  C CA    . ALA A 1 96  ? -2.908  -4.008  -8.784  1.00 21.31 ? 77   ALA A CA    1 
ATOM   704  C C     . ALA A 1 96  ? -3.162  -5.169  -7.825  1.00 20.35 ? 77   ALA A C     1 
ATOM   705  O O     . ALA A 1 96  ? -2.239  -5.924  -7.518  1.00 20.12 ? 77   ALA A O     1 
ATOM   706  C CB    . ALA A 1 96  ? -2.479  -2.771  -8.005  1.00 19.78 ? 77   ALA A CB    1 
ATOM   707  N N     . GLY A 1 97  ? -4.398  -5.311  -7.356  1.00 20.41 ? 78   GLY A N     1 
ATOM   708  C CA    . GLY A 1 97  ? -4.719  -6.331  -6.358  1.00 21.18 ? 78   GLY A CA    1 
ATOM   709  C C     . GLY A 1 97  ? -5.232  -7.639  -6.926  1.00 22.48 ? 78   GLY A C     1 
ATOM   710  O O     . GLY A 1 97  ? -5.572  -8.544  -6.169  1.00 21.41 ? 78   GLY A O     1 
ATOM   711  N N     . THR A 1 98  ? -5.311  -7.729  -8.257  1.00 22.90 ? 79   THR A N     1 
ATOM   712  C CA    . THR A 1 98  ? -5.832  -8.948  -8.922  1.00 25.17 ? 79   THR A CA    1 
ATOM   713  C C     . THR A 1 98  ? -4.881  -9.513  -9.986  1.00 24.95 ? 79   THR A C     1 
ATOM   714  O O     . THR A 1 98  ? -4.759  -10.731 -10.113 1.00 26.39 ? 79   THR A O     1 
ATOM   715  C CB    . THR A 1 98  ? -7.235  -8.741  -9.544  1.00 24.89 ? 79   THR A CB    1 
ATOM   716  O OG1   . THR A 1 98  ? -7.221  -7.582  -10.396 1.00 25.40 ? 79   THR A OG1   1 
ATOM   717  C CG2   . THR A 1 98  ? -8.287  -8.572  -8.480  1.00 24.17 ? 79   THR A CG2   1 
ATOM   718  N N     . LYS A 1 99  ? -4.196  -8.655  -10.740 1.00 25.22 ? 80   LYS A N     1 
ATOM   719  C CA    . LYS A 1 99  ? -3.274  -9.154  -11.760 1.00 26.22 ? 80   LYS A CA    1 
ATOM   720  C C     . LYS A 1 99  ? -1.896  -9.363  -11.139 1.00 26.52 ? 80   LYS A C     1 
ATOM   721  O O     . LYS A 1 99  ? -1.606  -8.834  -10.056 1.00 25.54 ? 80   LYS A O     1 
ATOM   722  C CB    . LYS A 1 99  ? -3.207  -8.224  -12.982 1.00 27.76 ? 80   LYS A CB    1 
ATOM   723  C CG    . LYS A 1 99  ? -4.539  -8.015  -13.702 1.00 30.65 ? 80   LYS A CG    1 
ATOM   724  C CD    . LYS A 1 99  ? -5.177  -9.334  -14.137 1.00 34.65 ? 80   LYS A CD    1 
ATOM   725  C CE    . LYS A 1 99  ? -6.556  -9.113  -14.748 1.00 36.52 ? 80   LYS A CE    1 
ATOM   726  N NZ    . LYS A 1 99  ? -6.469  -8.321  -16.002 1.00 38.26 ? 80   LYS A NZ    1 
ATOM   727  N N     . LYS A 1 100 ? -1.056  -10.144 -11.816 1.00 27.65 ? 81   LYS A N     1 
ATOM   728  C CA    . LYS A 1 100 ? 0.236   -10.546 -11.253 1.00 28.38 ? 81   LYS A CA    1 
ATOM   729  C C     . LYS A 1 100 ? 1.394   -10.031 -12.079 1.00 27.79 ? 81   LYS A C     1 
ATOM   730  O O     . LYS A 1 100 ? 1.442   -10.249 -13.290 1.00 30.32 ? 81   LYS A O     1 
ATOM   731  C CB    . LYS A 1 100 ? 0.329   -12.077 -11.169 1.00 30.93 ? 81   LYS A CB    1 
ATOM   732  C CG    . LYS A 1 100 ? -0.920  -12.765 -10.630 1.00 32.54 ? 81   LYS A CG    1 
ATOM   733  C CD    . LYS A 1 100 ? -1.117  -12.436 -9.166  1.00 32.86 ? 81   LYS A CD    1 
ATOM   734  C CE    . LYS A 1 100 ? -2.372  -13.076 -8.602  1.00 35.70 ? 81   LYS A CE    1 
ATOM   735  N NZ    . LYS A 1 100 ? -2.775  -12.391 -7.338  1.00 31.66 ? 81   LYS A NZ    1 
ATOM   736  N N     . GLY A 1 101 ? 2.314   -9.333  -11.437 1.00 25.39 ? 82   GLY A N     1 
ATOM   737  C CA    . GLY A 1 101 ? 3.563   -8.990  -12.070 1.00 24.53 ? 82   GLY A CA    1 
ATOM   738  C C     . GLY A 1 101 ? 3.530   -7.755  -12.938 1.00 25.15 ? 82   GLY A C     1 
ATOM   739  O O     . GLY A 1 101 ? 2.460   -7.220  -13.237 1.00 23.16 ? 82   GLY A O     1 
ATOM   740  N N     . PRO A 1 102 ? 4.715   -7.293  -13.340 1.00 25.25 ? 83   PRO A N     1 
ATOM   741  C CA    . PRO A 1 102 ? 4.960   -6.057  -14.072 1.00 26.68 ? 83   PRO A CA    1 
ATOM   742  C C     . PRO A 1 102 ? 4.121   -5.849  -15.330 1.00 27.80 ? 83   PRO A C     1 
ATOM   743  O O     . PRO A 1 102 ? 3.860   -4.699  -15.692 1.00 27.60 ? 83   PRO A O     1 
ATOM   744  C CB    . PRO A 1 102 ? 6.450   -6.151  -14.407 1.00 28.82 ? 83   PRO A CB    1 
ATOM   745  C CG    . PRO A 1 102 ? 7.014   -6.959  -13.286 1.00 28.57 ? 83   PRO A CG    1 
ATOM   746  C CD    . PRO A 1 102 ? 5.970   -8.005  -13.041 1.00 27.45 ? 83   PRO A CD    1 
ATOM   747  N N     . SER A 1 103 ? 3.674   -6.927  -15.970 1.00 29.34 ? 84   SER A N     1 
ATOM   748  C CA    . SER A 1 103 ? 2.798   -6.788  -17.153 1.00 30.99 ? 84   SER A CA    1 
ATOM   749  C C     . SER A 1 103 ? 1.441   -6.101  -16.862 1.00 30.77 ? 84   SER A C     1 
ATOM   750  O O     . SER A 1 103 ? 0.785   -5.602  -17.773 1.00 28.99 ? 84   SER A O     1 
ATOM   751  C CB    . SER A 1 103 ? 2.582   -8.136  -17.840 1.00 30.78 ? 84   SER A CB    1 
ATOM   752  O OG    . SER A 1 103 ? 1.587   -8.886  -17.169 1.00 35.26 ? 84   SER A OG    1 
ATOM   753  N N     . LYS A 1 104 ? 1.023   -6.061  -15.592 1.00 28.59 ? 85   LYS A N     1 
ATOM   754  C CA    . LYS A 1 104 ? -0.246  -5.417  -15.249 1.00 26.21 ? 85   LYS A CA    1 
ATOM   755  C C     . LYS A 1 104 ? -0.246  -3.890  -15.463 1.00 26.51 ? 85   LYS A C     1 
ATOM   756  O O     . LYS A 1 104 ? -1.312  -3.292  -15.606 1.00 25.88 ? 85   LYS A O     1 
ATOM   757  C CB    . LYS A 1 104 ? -0.663  -5.745  -13.804 1.00 24.80 ? 85   LYS A CB    1 
ATOM   758  C CG    . LYS A 1 104 ? 0.142   -4.983  -12.758 1.00 23.10 ? 85   LYS A CG    1 
ATOM   759  C CD    . LYS A 1 104 ? -0.334  -5.294  -11.351 1.00 21.20 ? 85   LYS A CD    1 
ATOM   760  C CE    . LYS A 1 104 ? 0.390   -6.523  -10.835 1.00 21.09 ? 85   LYS A CE    1 
ATOM   761  N NZ    . LYS A 1 104 ? 0.112   -6.716  -9.380  1.00 19.83 ? 85   LYS A NZ    1 
ATOM   762  N N     . LEU A 1 105 ? 0.933   -3.272  -15.455 1.00 27.88 ? 86   LEU A N     1 
ATOM   763  C CA    . LEU A 1 105 ? 1.053   -1.806  -15.516 1.00 31.31 ? 86   LEU A CA    1 
ATOM   764  C C     . LEU A 1 105 ? 0.520   -1.258  -16.831 1.00 32.82 ? 86   LEU A C     1 
ATOM   765  O O     . LEU A 1 105 ? 0.024   -0.124  -16.890 1.00 31.02 ? 86   LEU A O     1 
ATOM   766  C CB    . LEU A 1 105 ? 2.503   -1.370  -15.330 1.00 32.22 ? 86   LEU A CB    1 
ATOM   767  C CG    . LEU A 1 105 ? 3.039   -1.085  -13.924 1.00 34.02 ? 86   LEU A CG    1 
ATOM   768  C CD1   . LEU A 1 105 ? 2.691   -2.166  -12.916 1.00 36.55 ? 86   LEU A CD1   1 
ATOM   769  C CD2   . LEU A 1 105 ? 4.546   -0.900  -13.991 1.00 37.55 ? 86   LEU A CD2   1 
ATOM   770  N N     . LYS A 1 106 ? 0.596   -2.068  -17.883 1.00 33.74 ? 87   LYS A N     1 
ATOM   771  C CA    . LYS A 1 106 ? 0.082   -1.622  -19.175 1.00 35.10 ? 87   LYS A CA    1 
ATOM   772  C C     . LYS A 1 106 ? -1.453  -1.609  -19.194 1.00 34.55 ? 87   LYS A C     1 
ATOM   773  O O     . LYS A 1 106 ? -2.070  -1.130  -20.145 1.00 35.02 ? 87   LYS A O     1 
ATOM   774  C CB    . LYS A 1 106 ? 0.697   -2.420  -20.325 1.00 40.59 ? 87   LYS A CB    1 
ATOM   775  C CG    . LYS A 1 106 ? 0.167   -3.832  -20.493 1.00 44.69 ? 87   LYS A CG    1 
ATOM   776  C CD    . LYS A 1 106 ? 1.283   -4.812  -20.846 1.00 49.58 ? 87   LYS A CD    1 
ATOM   777  C CE    . LYS A 1 106 ? 2.198   -4.308  -21.950 1.00 51.32 ? 87   LYS A CE    1 
ATOM   778  N NZ    . LYS A 1 106 ? 3.524   -4.966  -21.817 1.00 54.35 ? 87   LYS A NZ    1 
ATOM   779  N N     . GLU A 1 107 ? -2.065  -2.104  -18.123 1.00 31.33 ? 88   GLU A N     1 
ATOM   780  C CA    . GLU A 1 107 ? -3.510  -1.983  -17.953 1.00 32.75 ? 88   GLU A CA    1 
ATOM   781  C C     . GLU A 1 107 ? -3.861  -0.916  -16.931 1.00 30.83 ? 88   GLU A C     1 
ATOM   782  O O     . GLU A 1 107 ? -5.037  -0.711  -16.652 1.00 32.23 ? 88   GLU A O     1 
ATOM   783  C CB    . GLU A 1 107 ? -4.117  -3.292  -17.469 1.00 37.04 ? 88   GLU A CB    1 
ATOM   784  C CG    . GLU A 1 107 ? -4.232  -4.405  -18.487 1.00 44.04 ? 88   GLU A CG    1 
ATOM   785  C CD    . GLU A 1 107 ? -4.545  -5.719  -17.803 1.00 49.86 ? 88   GLU A CD    1 
ATOM   786  O OE1   . GLU A 1 107 ? -5.630  -5.828  -17.185 1.00 51.42 ? 88   GLU A OE1   1 
ATOM   787  O OE2   . GLU A 1 107 ? -3.692  -6.635  -17.857 1.00 52.36 ? 88   GLU A OE2   1 
ATOM   788  N N     . MET A 1 108 ? -2.859  -0.258  -16.352 1.00 29.85 ? 89   MET A N     1 
ATOM   789  C CA    . MET A 1 108 ? -3.118  0.702   -15.282 1.00 30.19 ? 89   MET A CA    1 
ATOM   790  C C     . MET A 1 108 ? -2.940  2.140   -15.743 1.00 30.45 ? 89   MET A C     1 
ATOM   791  O O     . MET A 1 108 ? -1.969  2.468   -16.429 1.00 32.24 ? 89   MET A O     1 
ATOM   792  C CB    . MET A 1 108 ? -2.232  0.423   -14.064 1.00 29.56 ? 89   MET A CB    1 
ATOM   793  C CG    . MET A 1 108 ? -2.634  -0.823  -13.291 1.00 30.59 ? 89   MET A CG    1 
ATOM   794  S SD    . MET A 1 108 ? -1.371  -1.371  -12.110 1.00 30.13 ? 89   MET A SD    1 
ATOM   795  C CE    . MET A 1 108 ? -1.324  -0.013  -10.941 1.00 29.79 ? 89   MET A CE    1 
ATOM   796  N N     . SER A 1 109 ? -3.868  2.994   -15.321 1.00 33.20 ? 90   SER A N     1 
ATOM   797  C CA    . SER A 1 109 ? -3.902  4.396   -15.729 1.00 37.14 ? 90   SER A CA    1 
ATOM   798  C C     . SER A 1 109 ? -2.781  5.238   -15.146 1.00 39.17 ? 90   SER A C     1 
ATOM   799  O O     . SER A 1 109 ? -2.524  6.342   -15.624 1.00 41.14 ? 90   SER A O     1 
ATOM   800  C CB    . SER A 1 109 ? -5.245  5.007   -15.356 1.00 39.56 ? 90   SER A CB    1 
ATOM   801  O OG    . SER A 1 109 ? -5.206  6.414   -15.528 1.00 48.60 ? 90   SER A OG    1 
ATOM   802  N N     . VAL A 1 110 ? -2.111  4.709   -14.127 1.00 39.15 ? 91   VAL A N     1 
ATOM   803  C CA    . VAL A 1 110 ? -1.112  5.446   -13.350 1.00 40.24 ? 91   VAL A CA    1 
ATOM   804  C C     . VAL A 1 110 ? 0.192   5.683   -14.100 1.00 39.84 ? 91   VAL A C     1 
ATOM   805  O O     . VAL A 1 110 ? 0.577   4.892   -14.958 1.00 40.66 ? 91   VAL A O     1 
ATOM   806  C CB    . VAL A 1 110 ? -0.762  4.721   -12.017 1.00 40.21 ? 91   VAL A CB    1 
ATOM   807  C CG1   . VAL A 1 110 ? -1.983  4.589   -11.115 1.00 39.62 ? 91   VAL A CG1   1 
ATOM   808  C CG2   . VAL A 1 110 ? -0.116  3.365   -12.280 1.00 40.26 ? 91   VAL A CG2   1 
ATOM   809  N N     . THR A 1 111 ? 0.875   6.765   -13.733 1.00 38.83 ? 92   THR A N     1 
ATOM   810  C CA    . THR A 1 111 ? 2.164   7.132   -14.295 1.00 40.72 ? 92   THR A CA    1 
ATOM   811  C C     . THR A 1 111 ? 3.254   6.937   -13.254 1.00 39.44 ? 92   THR A C     1 
ATOM   812  O O     . THR A 1 111 ? 3.132   7.436   -12.135 1.00 39.54 ? 92   THR A O     1 
ATOM   813  C CB    . THR A 1 111 ? 2.177   8.622   -14.690 1.00 41.86 ? 92   THR A CB    1 
ATOM   814  O OG1   . THR A 1 111 ? 1.027   8.907   -15.488 1.00 43.32 ? 92   THR A OG1   1 
ATOM   815  C CG2   . THR A 1 111 ? 3.433   8.977   -15.472 1.00 43.14 ? 92   THR A CG2   1 
ATOM   816  N N     . LEU A 1 112 ? 4.317   6.233   -13.630 1.00 36.74 ? 93   LEU A N     1 
ATOM   817  C CA    . LEU A 1 112 ? 5.477   6.071   -12.773 1.00 36.53 ? 93   LEU A CA    1 
ATOM   818  C C     . LEU A 1 112 ? 6.416   7.253   -12.929 1.00 39.41 ? 93   LEU A C     1 
ATOM   819  O O     . LEU A 1 112 ? 6.706   7.679   -14.049 1.00 40.35 ? 93   LEU A O     1 
ATOM   820  C CB    . LEU A 1 112 ? 6.236   4.778   -13.095 1.00 37.24 ? 93   LEU A CB    1 
ATOM   821  C CG    . LEU A 1 112 ? 5.502   3.434   -13.038 1.00 36.74 ? 93   LEU A CG    1 
ATOM   822  C CD1   . LEU A 1 112 ? 6.363   2.357   -13.685 1.00 37.06 ? 93   LEU A CD1   1 
ATOM   823  C CD2   . LEU A 1 112 ? 5.102   3.043   -11.618 1.00 36.74 ? 93   LEU A CD2   1 
ATOM   824  N N     . ILE A 1 113 ? 6.891   7.769   -11.798 1.00 37.68 ? 94   ILE A N     1 
ATOM   825  C CA    . ILE A 1 113 ? 7.841   8.883   -11.760 1.00 37.55 ? 94   ILE A CA    1 
ATOM   826  C C     . ILE A 1 113 ? 9.016   8.510   -10.854 1.00 37.82 ? 94   ILE A C     1 
ATOM   827  O O     . ILE A 1 113 ? 8.895   7.608   -10.029 1.00 35.68 ? 94   ILE A O     1 
ATOM   828  C CB    . ILE A 1 113 ? 7.164   10.215  -11.342 1.00 37.80 ? 94   ILE A CB    1 
ATOM   829  C CG1   . ILE A 1 113 ? 6.475   10.105  -9.971  1.00 37.84 ? 94   ILE A CG1   1 
ATOM   830  C CG2   . ILE A 1 113 ? 6.156   10.652  -12.397 1.00 38.20 ? 94   ILE A CG2   1 
ATOM   831  C CD1   . ILE A 1 113 ? 6.077   11.444  -9.382  1.00 37.67 ? 94   ILE A CD1   1 
ATOM   832  N N     . PRO A 1 114 ? 10.180  9.151   -11.037 1.00 37.41 ? 95   PRO A N     1 
ATOM   833  C CA    . PRO A 1 114 ? 11.302  8.756   -10.181 1.00 35.68 ? 95   PRO A CA    1 
ATOM   834  C C     . PRO A 1 114 ? 11.065  9.091   -8.704  1.00 36.16 ? 95   PRO A C     1 
ATOM   835  O O     . PRO A 1 114 ? 10.409  10.081  -8.389  1.00 35.90 ? 95   PRO A O     1 
ATOM   836  C CB    . PRO A 1 114 ? 12.483  9.563   -10.741 1.00 36.31 ? 95   PRO A CB    1 
ATOM   837  C CG    . PRO A 1 114 ? 11.876  10.630  -11.592 1.00 36.42 ? 95   PRO A CG    1 
ATOM   838  C CD    . PRO A 1 114 ? 10.601  10.057  -12.121 1.00 37.10 ? 95   PRO A CD    1 
ATOM   839  N N     . SER A 1 115 ? 11.569  8.250   -7.812  1.00 35.91 ? 96   SER A N     1 
ATOM   840  C CA    . SER A 1 115 ? 11.528  8.563   -6.384  1.00 36.72 ? 96   SER A CA    1 
ATOM   841  C C     . SER A 1 115 ? 12.746  9.409   -6.041  1.00 39.29 ? 96   SER A C     1 
ATOM   842  O O     . SER A 1 115 ? 13.706  9.449   -6.811  1.00 40.77 ? 96   SER A O     1 
ATOM   843  C CB    . SER A 1 115 ? 11.483  7.282   -5.555  1.00 35.05 ? 96   SER A CB    1 
ATOM   844  O OG    . SER A 1 115 ? 10.251  6.605   -5.761  1.00 32.19 ? 96   SER A OG    1 
ATOM   845  N N     . LYS A 1 116 ? 12.702  10.088  -4.897  1.00 41.99 ? 97   LYS A N     1 
ATOM   846  C CA    . LYS A 1 116 ? 13.768  11.005  -4.495  1.00 43.86 ? 97   LYS A CA    1 
ATOM   847  C C     . LYS A 1 116 ? 15.008  10.279  -3.983  1.00 44.49 ? 97   LYS A C     1 
ATOM   848  O O     . LYS A 1 116 ? 16.121  10.699  -4.269  1.00 46.85 ? 97   LYS A O     1 
ATOM   849  C CB    . LYS A 1 116 ? 13.274  11.979  -3.419  1.00 46.61 ? 97   LYS A CB    1 
ATOM   850  C CG    . LYS A 1 116 ? 11.993  12.718  -3.757  1.00 48.60 ? 97   LYS A CG    1 
ATOM   851  C CD    . LYS A 1 116 ? 12.233  13.850  -4.744  1.00 50.71 ? 97   LYS A CD    1 
ATOM   852  C CE    . LYS A 1 116 ? 10.919  14.277  -5.371  1.00 52.90 ? 97   LYS A CE    1 
ATOM   853  N NZ    . LYS A 1 116 ? 10.990  15.616  -6.012  1.00 56.76 ? 97   LYS A NZ    1 
ATOM   854  N N     . LYS A 1 117 ? 14.811  9.197   -3.230  1.00 41.14 ? 98   LYS A N     1 
ATOM   855  C CA    . LYS A 1 117 ? 15.905  8.518   -2.539  1.00 40.41 ? 98   LYS A CA    1 
ATOM   856  C C     . LYS A 1 117 ? 16.076  7.048   -2.925  1.00 41.61 ? 98   LYS A C     1 
ATOM   857  O O     . LYS A 1 117 ? 17.205  6.562   -3.028  1.00 44.99 ? 98   LYS A O     1 
ATOM   858  C CB    . LYS A 1 117 ? 15.725  8.642   -1.024  1.00 40.82 ? 98   LYS A CB    1 
ATOM   859  C CG    . LYS A 1 117 ? 16.997  8.453   -0.224  1.00 44.81 ? 98   LYS A CG    1 
ATOM   860  C CD    . LYS A 1 117 ? 17.832  9.726   -0.215  1.00 49.19 ? 98   LYS A CD    1 
ATOM   861  C CE    . LYS A 1 117 ? 19.232  9.495   0.336   1.00 52.74 ? 98   LYS A CE    1 
ATOM   862  N NZ    . LYS A 1 117 ? 19.218  8.766   1.638   1.00 55.37 ? 98   LYS A NZ    1 
ATOM   863  N N     . VAL A 1 118 ? 14.973  6.329   -3.114  1.00 35.42 ? 99   VAL A N     1 
ATOM   864  C CA    . VAL A 1 118 ? 15.066  4.925   -3.489  1.00 32.71 ? 99   VAL A CA    1 
ATOM   865  C C     . VAL A 1 118 ? 15.048  4.825   -5.006  1.00 31.67 ? 99   VAL A C     1 
ATOM   866  O O     . VAL A 1 118 ? 14.733  5.804   -5.677  1.00 30.44 ? 99   VAL A O     1 
ATOM   867  C CB    . VAL A 1 118 ? 13.946  4.051   -2.857  1.00 31.06 ? 99   VAL A CB    1 
ATOM   868  C CG1   . VAL A 1 118 ? 14.043  4.097   -1.341  1.00 29.14 ? 99   VAL A CG1   1 
ATOM   869  C CG2   . VAL A 1 118 ? 12.567  4.476   -3.347  1.00 29.47 ? 99   VAL A CG2   1 
ATOM   870  N N     . LYS A 1 119 ? 15.389  3.649   -5.525  1.00 32.92 ? 100  LYS A N     1 
ATOM   871  C CA    . LYS A 1 119 ? 15.374  3.387   -6.967  1.00 33.15 ? 100  LYS A CA    1 
ATOM   872  C C     . LYS A 1 119 ? 13.976  3.027   -7.455  1.00 32.30 ? 100  LYS A C     1 
ATOM   873  O O     . LYS A 1 119 ? 13.640  3.301   -8.607  1.00 31.52 ? 100  LYS A O     1 
ATOM   874  C CB    . LYS A 1 119 ? 16.341  2.261   -7.334  1.00 34.86 ? 100  LYS A CB    1 
ATOM   875  C CG    . LYS A 1 119 ? 17.765  2.460   -6.841  1.00 39.80 ? 100  LYS A CG    1 
ATOM   876  C CD    . LYS A 1 119 ? 18.528  1.144   -6.836  1.00 44.28 ? 100  LYS A CD    1 
ATOM   877  C CE    . LYS A 1 119 ? 19.718  1.201   -5.893  1.00 46.91 ? 100  LYS A CE    1 
ATOM   878  N NZ    . LYS A 1 119 ? 20.740  0.193   -6.285  1.00 50.72 ? 100  LYS A NZ    1 
ATOM   879  N N     . VAL A 1 120 ? 13.170  2.411   -6.583  1.00 29.90 ? 101  VAL A N     1 
ATOM   880  C CA    . VAL A 1 120 ? 11.789  2.032   -6.904  1.00 27.99 ? 101  VAL A CA    1 
ATOM   881  C C     . VAL A 1 120 ? 11.031  3.305   -7.226  1.00 27.52 ? 101  VAL A C     1 
ATOM   882  O O     . VAL A 1 120 ? 11.172  4.289   -6.502  1.00 28.82 ? 101  VAL A O     1 
ATOM   883  C CB    . VAL A 1 120 ? 11.108  1.311   -5.706  1.00 26.21 ? 101  VAL A CB    1 
ATOM   884  C CG1   . VAL A 1 120 ? 9.646   1.004   -5.995  1.00 24.84 ? 101  VAL A CG1   1 
ATOM   885  C CG2   . VAL A 1 120 ? 11.850  0.037   -5.329  1.00 25.68 ? 101  VAL A CG2   1 
ATOM   886  N N     . PRO A 1 121 ? 10.245  3.316   -8.319  1.00 28.80 ? 102  PRO A N     1 
ATOM   887  C CA    . PRO A 1 121 ? 9.543   4.564   -8.638  1.00 29.36 ? 102  PRO A CA    1 
ATOM   888  C C     . PRO A 1 121 ? 8.317   4.876   -7.759  1.00 28.92 ? 102  PRO A C     1 
ATOM   889  O O     . PRO A 1 121 ? 7.840   4.017   -7.001  1.00 26.74 ? 102  PRO A O     1 
ATOM   890  C CB    . PRO A 1 121 ? 9.104   4.362   -10.093 1.00 30.58 ? 102  PRO A CB    1 
ATOM   891  C CG    . PRO A 1 121 ? 9.065   2.890   -10.285 1.00 30.81 ? 102  PRO A CG    1 
ATOM   892  C CD    . PRO A 1 121 ? 10.147  2.329   -9.410  1.00 30.83 ? 102  PRO A CD    1 
ATOM   893  N N     . SER A 1 122 ? 7.846   6.115   -7.866  1.00 26.59 ? 103  SER A N     1 
ATOM   894  C CA    . SER A 1 122 ? 6.627   6.573   -7.213  1.00 27.35 ? 103  SER A CA    1 
ATOM   895  C C     . SER A 1 122 ? 5.513   6.679   -8.237  1.00 26.84 ? 103  SER A C     1 
ATOM   896  O O     . SER A 1 122 ? 5.765   6.632   -9.450  1.00 29.27 ? 103  SER A O     1 
ATOM   897  C CB    . SER A 1 122 ? 6.864   7.934   -6.545  1.00 26.70 ? 103  SER A CB    1 
ATOM   898  O OG    . SER A 1 122 ? 7.811   7.827   -5.488  1.00 24.08 ? 103  SER A OG    1 
ATOM   899  N N     . ILE A 1 123 ? 4.279   6.808   -7.761  1.00 26.58 ? 104  ILE A N     1 
ATOM   900  C CA    . ILE A 1 123 ? 3.128   6.953   -8.639  1.00 26.95 ? 104  ILE A CA    1 
ATOM   901  C C     . ILE A 1 123 ? 2.671   8.419   -8.599  1.00 28.30 ? 104  ILE A C     1 
ATOM   902  O O     . ILE A 1 123 ? 2.380   8.954   -7.533  1.00 25.17 ? 104  ILE A O     1 
ATOM   903  C CB    . ILE A 1 123 ? 1.991   5.981   -8.238  1.00 26.32 ? 104  ILE A CB    1 
ATOM   904  C CG1   . ILE A 1 123 ? 2.469   4.524   -8.385  1.00 26.73 ? 104  ILE A CG1   1 
ATOM   905  C CG2   . ILE A 1 123 ? 0.732   6.233   -9.055  1.00 24.01 ? 104  ILE A CG2   1 
ATOM   906  C CD1   . ILE A 1 123 ? 1.502   3.491   -7.844  1.00 27.65 ? 104  ILE A CD1   1 
ATOM   907  N N     . GLU A 1 124 ? 2.637   9.073   -9.759  1.00 31.85 ? 105  GLU A N     1 
ATOM   908  C CA    . GLU A 1 124 ? 2.341   10.514  -9.822  1.00 33.97 ? 105  GLU A CA    1 
ATOM   909  C C     . GLU A 1 124 ? 0.940   10.861  -9.319  1.00 33.73 ? 105  GLU A C     1 
ATOM   910  O O     . GLU A 1 124 ? 0.726   11.902  -8.708  1.00 33.31 ? 105  GLU A O     1 
ATOM   911  C CB    . GLU A 1 124 ? 2.504   11.025  -11.259 1.00 40.20 ? 105  GLU A CB    1 
ATOM   912  C CG    . GLU A 1 124 ? 2.378   12.537  -11.401 1.00 48.24 ? 105  GLU A CG    1 
ATOM   913  C CD    . GLU A 1 124 ? 2.806   13.016  -12.772 1.00 54.51 ? 105  GLU A CD    1 
ATOM   914  O OE1   . GLU A 1 124 ? 2.142   12.641  -13.767 1.00 56.06 ? 105  GLU A OE1   1 
ATOM   915  O OE2   . GLU A 1 124 ? 3.817   13.755  -12.852 1.00 57.80 ? 105  GLU A OE2   1 
ATOM   916  N N     . GLU A 1 125 ? -0.002  9.966   -9.585  1.00 32.48 ? 106  GLU A N     1 
ATOM   917  C CA    . GLU A 1 125 ? -1.398  10.173  -9.265  1.00 32.85 ? 106  GLU A CA    1 
ATOM   918  C C     . GLU A 1 125 ? -1.704  9.947   -7.778  1.00 31.50 ? 106  GLU A C     1 
ATOM   919  O O     . GLU A 1 125 ? -2.778  10.306  -7.299  1.00 30.64 ? 106  GLU A O     1 
ATOM   920  C CB    . GLU A 1 125 ? -2.258  9.243   -10.127 1.00 36.08 ? 106  GLU A CB    1 
ATOM   921  C CG    . GLU A 1 125 ? -2.249  9.552   -11.629 1.00 40.28 ? 106  GLU A CG    1 
ATOM   922  C CD    . GLU A 1 125 ? -0.983  9.112   -12.360 1.00 42.28 ? 106  GLU A CD    1 
ATOM   923  O OE1   . GLU A 1 125 ? -0.161  8.362   -11.793 1.00 39.80 ? 106  GLU A OE1   1 
ATOM   924  O OE2   . GLU A 1 125 ? -0.803  9.527   -13.523 1.00 45.11 ? 106  GLU A OE2   1 
ATOM   925  N N     . ALA A 1 126 ? -0.761  9.350   -7.057  1.00 30.24 ? 107  ALA A N     1 
ATOM   926  C CA    . ALA A 1 126 ? -0.968  9.003   -5.650  1.00 28.17 ? 107  ALA A CA    1 
ATOM   927  C C     . ALA A 1 126 ? -1.047  10.233  -4.764  1.00 25.56 ? 107  ALA A C     1 
ATOM   928  O O     . ALA A 1 126 ? -0.409  11.246  -5.043  1.00 27.15 ? 107  ALA A O     1 
ATOM   929  C CB    . ALA A 1 126 ? 0.158   8.105   -5.172  1.00 26.36 ? 107  ALA A CB    1 
ATOM   930  N N     . LEU A 1 127 ? -1.810  10.131  -3.681  1.00 23.69 ? 108  LEU A N     1 
ATOM   931  C CA    . LEU A 1 127 ? -1.923  11.229  -2.718  1.00 22.01 ? 108  LEU A CA    1 
ATOM   932  C C     . LEU A 1 127 ? -0.608  11.418  -1.961  1.00 21.54 ? 108  LEU A C     1 
ATOM   933  O O     . LEU A 1 127 ? -0.297  12.505  -1.507  1.00 22.15 ? 108  LEU A O     1 
ATOM   934  C CB    . LEU A 1 127 ? -3.088  10.995  -1.759  1.00 21.15 ? 108  LEU A CB    1 
ATOM   935  C CG    . LEU A 1 127 ? -4.445  10.680  -2.390  1.00 22.53 ? 108  LEU A CG    1 
ATOM   936  C CD1   . LEU A 1 127 ? -5.474  10.541  -1.290  1.00 22.16 ? 108  LEU A CD1   1 
ATOM   937  C CD2   . LEU A 1 127 ? -4.876  11.756  -3.398  1.00 23.67 ? 108  LEU A CD2   1 
ATOM   938  N N     . ALA A 1 128 ? 0.160   10.340  -1.822  1.00 20.43 ? 109  ALA A N     1 
ATOM   939  C CA    . ALA A 1 128 ? 1.464   10.380  -1.171  1.00 18.47 ? 109  ALA A CA    1 
ATOM   940  C C     . ALA A 1 128 ? 2.231   9.174   -1.665  1.00 19.07 ? 109  ALA A C     1 
ATOM   941  O O     . ALA A 1 128 ? 1.628   8.195   -2.087  1.00 18.96 ? 109  ALA A O     1 
ATOM   942  C CB    . ALA A 1 128 ? 1.317   10.321  0.350   1.00 18.27 ? 109  ALA A CB    1 
ATOM   943  N N     . ASN A 1 129 ? 3.552   9.273   -1.638  1.00 20.29 ? 110  ASN A N     1 
ATOM   944  C CA    . ASN A 1 129 ? 4.433   8.168   -1.932  1.00 22.24 ? 110  ASN A CA    1 
ATOM   945  C C     . ASN A 1 129 ? 5.457   8.123   -0.817  1.00 23.27 ? 110  ASN A C     1 
ATOM   946  O O     . ASN A 1 129 ? 6.179   9.104   -0.582  1.00 23.25 ? 110  ASN A O     1 
ATOM   947  C CB    . ASN A 1 129 ? 5.138   8.370   -3.270  1.00 22.41 ? 110  ASN A CB    1 
ATOM   948  C CG    . ASN A 1 129 ? 4.211   8.188   -4.437  1.00 23.72 ? 110  ASN A CG    1 
ATOM   949  O OD1   . ASN A 1 129 ? 3.914   7.064   -4.836  1.00 23.22 ? 110  ASN A OD1   1 
ATOM   950  N ND2   . ASN A 1 129 ? 3.741   9.300   -5.000  1.00 24.76 ? 110  ASN A ND2   1 
ATOM   951  N N     . ILE A 1 130 ? 5.543   6.978   -0.146  1.00 20.63 ? 111  ILE A N     1 
ATOM   952  C CA    . ILE A 1 130 ? 6.470   6.831   0.981   1.00 20.70 ? 111  ILE A CA    1 
ATOM   953  C C     . ILE A 1 130 ? 7.581   5.857   0.618   1.00 21.61 ? 111  ILE A C     1 
ATOM   954  O O     . ILE A 1 130 ? 7.328   4.671   0.402   1.00 21.29 ? 111  ILE A O     1 
ATOM   955  C CB    . ILE A 1 130 ? 5.707   6.378   2.243   1.00 20.19 ? 111  ILE A CB    1 
ATOM   956  C CG1   . ILE A 1 130 ? 4.630   7.403   2.596   1.00 21.42 ? 111  ILE A CG1   1 
ATOM   957  C CG2   . ILE A 1 130 ? 6.647   6.211   3.416   1.00 19.61 ? 111  ILE A CG2   1 
ATOM   958  C CD1   . ILE A 1 130 ? 3.298   6.776   2.952   1.00 23.00 ? 111  ILE A CD1   1 
ATOM   959  N N     . GLU A 1 131 ? 8.812   6.369   0.541   1.00 22.44 ? 112  GLU A N     1 
ATOM   960  C CA    . GLU A 1 131 ? 9.941   5.611   0.005   1.00 23.70 ? 112  GLU A CA    1 
ATOM   961  C C     . GLU A 1 131 ? 10.645  4.872   1.126   1.00 22.04 ? 112  GLU A C     1 
ATOM   962  O O     . GLU A 1 131 ? 11.034  5.480   2.105   1.00 23.88 ? 112  GLU A O     1 
ATOM   963  C CB    . GLU A 1 131 ? 10.925  6.548   -0.701  1.00 24.50 ? 112  GLU A CB    1 
ATOM   964  C CG    . GLU A 1 131 ? 10.293  7.380   -1.814  1.00 27.94 ? 112  GLU A CG    1 
ATOM   965  C CD    . GLU A 1 131 ? 11.248  8.438   -2.356  1.00 30.74 ? 112  GLU A CD    1 
ATOM   966  O OE1   . GLU A 1 131 ? 12.479  8.246   -2.219  1.00 30.44 ? 112  GLU A OE1   1 
ATOM   967  O OE2   . GLU A 1 131 ? 10.766  9.447   -2.934  1.00 32.35 ? 112  GLU A OE2   1 
ATOM   968  N N     . CYS A 1 132 ? 10.823  3.563   0.975   1.00 23.79 ? 113  CYS A N     1 
ATOM   969  C CA    . CYS A 1 132 ? 11.277  2.758   2.095   1.00 23.17 ? 113  CYS A CA    1 
ATOM   970  C C     . CYS A 1 132 ? 12.462  1.882   1.786   1.00 24.51 ? 113  CYS A C     1 
ATOM   971  O O     . CYS A 1 132 ? 12.529  1.260   0.717   1.00 24.68 ? 113  CYS A O     1 
ATOM   972  C CB    . CYS A 1 132 ? 10.151  1.836   2.577   1.00 23.93 ? 113  CYS A CB    1 
ATOM   973  S SG    . CYS A 1 132 ? 8.647   2.690   3.080   1.00 24.75 ? 113  CYS A SG    1 
ATOM   974  N N     A ARG A 1 133 ? 13.391  1.821   2.736   0.50 24.85 ? 114  ARG A N     1 
ATOM   975  N N     B ARG A 1 133 ? 13.381  1.801   2.742   0.50 25.38 ? 114  ARG A N     1 
ATOM   976  C CA    A ARG A 1 133 ? 14.506  0.877   2.687   0.50 25.09 ? 114  ARG A CA    1 
ATOM   977  C CA    B ARG A 1 133 ? 14.508  0.876   2.664   0.50 26.02 ? 114  ARG A CA    1 
ATOM   978  C C     A ARG A 1 133 ? 14.267  -0.233  3.702   0.50 24.63 ? 114  ARG A C     1 
ATOM   979  C C     B ARG A 1 133 ? 14.290  -0.229  3.695   0.50 25.20 ? 114  ARG A C     1 
ATOM   980  O O     A ARG A 1 133 ? 14.074  0.043   4.890   0.50 25.31 ? 114  ARG A O     1 
ATOM   981  O O     B ARG A 1 133 ? 14.124  0.056   4.886   0.50 25.83 ? 114  ARG A O     1 
ATOM   982  C CB    A ARG A 1 133 ? 15.826  1.596   2.998   0.50 26.57 ? 114  ARG A CB    1 
ATOM   983  C CB    B ARG A 1 133 ? 15.814  1.630   2.942   0.50 28.61 ? 114  ARG A CB    1 
ATOM   984  C CG    A ARG A 1 133 ? 16.982  0.661   3.310   0.50 27.91 ? 114  ARG A CG    1 
ATOM   985  C CG    B ARG A 1 133 ? 17.046  1.062   2.254   0.50 31.13 ? 114  ARG A CG    1 
ATOM   986  C CD    A ARG A 1 133 ? 18.296  1.415   3.456   0.50 28.13 ? 114  ARG A CD    1 
ATOM   987  C CD    B ARG A 1 133 ? 18.143  2.118   2.167   0.50 32.56 ? 114  ARG A CD    1 
ATOM   988  N NE    A ARG A 1 133 ? 18.177  2.553   4.361   0.50 29.38 ? 114  ARG A NE    1 
ATOM   989  N NE    B ARG A 1 133 ? 17.936  3.026   1.040   0.50 35.19 ? 114  ARG A NE    1 
ATOM   990  C CZ    A ARG A 1 133 ? 18.332  2.477   5.679   0.50 29.47 ? 114  ARG A CZ    1 
ATOM   991  C CZ    B ARG A 1 133 ? 18.316  4.300   1.027   0.50 35.34 ? 114  ARG A CZ    1 
ATOM   992  N NH1   A ARG A 1 133 ? 18.617  1.320   6.247   0.50 29.37 ? 114  ARG A NH1   1 
ATOM   993  N NH1   B ARG A 1 133 ? 18.915  4.831   2.087   0.50 36.26 ? 114  ARG A NH1   1 
ATOM   994  N NH2   A ARG A 1 133 ? 18.203  3.561   6.428   0.50 30.00 ? 114  ARG A NH2   1 
ATOM   995  N NH2   B ARG A 1 133 ? 18.090  5.048   -0.042  0.50 37.15 ? 114  ARG A NH2   1 
ATOM   996  N N     . VAL A 1 134 ? 14.282  -1.481  3.240   1.00 24.85 ? 115  VAL A N     1 
ATOM   997  C CA    . VAL A 1 134 ? 14.001  -2.630  4.111   1.00 26.20 ? 115  VAL A CA    1 
ATOM   998  C C     . VAL A 1 134 ? 15.078  -2.796  5.180   1.00 28.03 ? 115  VAL A C     1 
ATOM   999  O O     . VAL A 1 134 ? 16.264  -2.849  4.861   1.00 30.14 ? 115  VAL A O     1 
ATOM   1000 C CB    . VAL A 1 134 ? 13.827  -3.935  3.306   1.00 26.54 ? 115  VAL A CB    1 
ATOM   1001 C CG1   . VAL A 1 134 ? 13.634  -5.122  4.222   1.00 26.29 ? 115  VAL A CG1   1 
ATOM   1002 C CG2   . VAL A 1 134 ? 12.637  -3.812  2.357   1.00 27.93 ? 115  VAL A CG2   1 
ATOM   1003 N N     . ILE A 1 135 ? 14.652  -2.836  6.438   1.00 26.00 ? 116  ILE A N     1 
ATOM   1004 C CA    . ILE A 1 135 ? 15.556  -3.045  7.567   1.00 28.20 ? 116  ILE A CA    1 
ATOM   1005 C C     . ILE A 1 135 ? 15.275  -4.359  8.280   1.00 28.89 ? 116  ILE A C     1 
ATOM   1006 O O     . ILE A 1 135 ? 16.076  -4.819  9.091   1.00 29.17 ? 116  ILE A O     1 
ATOM   1007 C CB    . ILE A 1 135 ? 15.525  -1.876  8.563   1.00 28.23 ? 116  ILE A CB    1 
ATOM   1008 C CG1   . ILE A 1 135 ? 14.125  -1.708  9.182   1.00 29.42 ? 116  ILE A CG1   1 
ATOM   1009 C CG2   . ILE A 1 135 ? 15.965  -0.586  7.876   1.00 28.90 ? 116  ILE A CG2   1 
ATOM   1010 C CD1   . ILE A 1 135 ? 14.117  -0.900  10.470  1.00 29.47 ? 116  ILE A CD1   1 
ATOM   1011 N N     . ASP A 1 136 ? 14.135  -4.970  7.986   1.00 27.28 ? 117  ASP A N     1 
ATOM   1012 C CA    . ASP A 1 136 ? 13.822  -6.264  8.574   1.00 28.03 ? 117  ASP A CA    1 
ATOM   1013 C C     . ASP A 1 136 ? 12.775  -6.985  7.738   1.00 28.83 ? 117  ASP A C     1 
ATOM   1014 O O     . ASP A 1 136 ? 12.003  -6.372  6.996   1.00 28.06 ? 117  ASP A O     1 
ATOM   1015 C CB    . ASP A 1 136 ? 13.335  -6.108  10.026  1.00 29.15 ? 117  ASP A CB    1 
ATOM   1016 C CG    . ASP A 1 136 ? 13.653  -7.328  10.904  1.00 32.13 ? 117  ASP A CG    1 
ATOM   1017 O OD1   . ASP A 1 136 ? 14.394  -8.237  10.468  1.00 32.69 ? 117  ASP A OD1   1 
ATOM   1018 O OD2   . ASP A 1 136 ? 13.150  -7.378  12.050  1.00 32.13 ? 117  ASP A OD2   1 
ATOM   1019 N N     . ALA A 1 137 ? 12.757  -8.303  7.867   1.00 27.49 ? 118  ALA A N     1 
ATOM   1020 C CA    . ALA A 1 137 ? 11.776  -9.127  7.210   1.00 29.61 ? 118  ALA A CA    1 
ATOM   1021 C C     . ALA A 1 137 ? 11.596  -10.343 8.094   1.00 31.95 ? 118  ALA A C     1 
ATOM   1022 O O     . ALA A 1 137 ? 12.549  -11.099 8.327   1.00 35.53 ? 118  ALA A O     1 
ATOM   1023 C CB    . ALA A 1 137 ? 12.236  -9.518  5.815   1.00 29.99 ? 118  ALA A CB    1 
ATOM   1024 N N     . ARG A 1 138 ? 10.398  -10.496 8.643   1.00 30.11 ? 119  ARG A N     1 
ATOM   1025 C CA    . ARG A 1 138 ? 10.103  -11.597 9.553   1.00 29.47 ? 119  ARG A CA    1 
ATOM   1026 C C     . ARG A 1 138 ? 8.951   -12.377 8.987   1.00 29.53 ? 119  ARG A C     1 
ATOM   1027 O O     . ARG A 1 138 ? 8.027   -11.789 8.417   1.00 29.56 ? 119  ARG A O     1 
ATOM   1028 C CB    . ARG A 1 138 ? 9.680   -11.071 10.926  1.00 32.82 ? 119  ARG A CB    1 
ATOM   1029 C CG    . ARG A 1 138 ? 10.683  -10.172 11.608  1.00 37.59 ? 119  ARG A CG    1 
ATOM   1030 C CD    . ARG A 1 138 ? 11.805  -10.978 12.231  1.00 41.45 ? 119  ARG A CD    1 
ATOM   1031 N NE    . ARG A 1 138 ? 12.728  -10.084 12.919  1.00 47.92 ? 119  ARG A NE    1 
ATOM   1032 C CZ    . ARG A 1 138 ? 13.936  -10.428 13.352  1.00 54.23 ? 119  ARG A CZ    1 
ATOM   1033 N NH1   . ARG A 1 138 ? 14.380  -11.666 13.170  1.00 55.67 ? 119  ARG A NH1   1 
ATOM   1034 N NH2   . ARG A 1 138 ? 14.701  -9.526  13.965  1.00 54.33 ? 119  ARG A NH2   1 
ATOM   1035 N N     A SER A 1 139 ? 8.970   -13.695 9.169   0.50 27.38 ? 120  SER A N     1 
ATOM   1036 N N     B SER A 1 139 ? 9.014   -13.696 9.120   0.50 26.91 ? 120  SER A N     1 
ATOM   1037 C CA    A SER A 1 139 ? 7.895   -14.550 8.682   0.50 27.17 ? 120  SER A CA    1 
ATOM   1038 C CA    B SER A 1 139 ? 7.903   -14.542 8.760   0.50 26.38 ? 120  SER A CA    1 
ATOM   1039 C C     A SER A 1 139 ? 6.893   -14.914 9.781   0.50 26.10 ? 120  SER A C     1 
ATOM   1040 C C     B SER A 1 139 ? 6.975   -14.656 9.949   0.50 26.00 ? 120  SER A C     1 
ATOM   1041 O O     A SER A 1 139 ? 7.182   -15.709 10.665  0.50 25.70 ? 120  SER A O     1 
ATOM   1042 O O     B SER A 1 139 ? 7.407   -15.001 11.056  0.50 25.78 ? 120  SER A O     1 
ATOM   1043 C CB    A SER A 1 139 ? 8.472   -15.822 8.052   0.50 27.74 ? 120  SER A CB    1 
ATOM   1044 C CB    B SER A 1 139 ? 8.393   -15.931 8.340   0.50 26.24 ? 120  SER A CB    1 
ATOM   1045 O OG    A SER A 1 139 ? 7.436   -16.631 7.530   0.50 28.67 ? 120  SER A OG    1 
ATOM   1046 O OG    B SER A 1 139 ? 9.044   -15.859 7.090   0.50 25.02 ? 120  SER A OG    1 
ATOM   1047 N N     . TYR A 1 140 ? 5.708   -14.323 9.728   1.00 25.35 ? 121  TYR A N     1 
ATOM   1048 C CA    . TYR A 1 140 ? 4.660   -14.615 10.697  1.00 25.61 ? 121  TYR A CA    1 
ATOM   1049 C C     . TYR A 1 140 ? 3.559   -15.292 9.926   1.00 26.66 ? 121  TYR A C     1 
ATOM   1050 O O     . TYR A 1 140 ? 2.985   -14.702 8.998   1.00 26.03 ? 121  TYR A O     1 
ATOM   1051 C CB    . TYR A 1 140 ? 4.136   -13.348 11.382  1.00 25.42 ? 121  TYR A CB    1 
ATOM   1052 C CG    . TYR A 1 140 ? 5.192   -12.562 12.112  1.00 26.24 ? 121  TYR A CG    1 
ATOM   1053 C CD1   . TYR A 1 140 ? 5.854   -13.106 13.219  1.00 24.92 ? 121  TYR A CD1   1 
ATOM   1054 C CD2   . TYR A 1 140 ? 5.537   -11.280 11.702  1.00 24.48 ? 121  TYR A CD2   1 
ATOM   1055 C CE1   . TYR A 1 140 ? 6.816   -12.390 13.893  1.00 25.91 ? 121  TYR A CE1   1 
ATOM   1056 C CE2   . TYR A 1 140 ? 6.505   -10.554 12.372  1.00 25.08 ? 121  TYR A CE2   1 
ATOM   1057 C CZ    . TYR A 1 140 ? 7.138   -11.114 13.465  1.00 25.88 ? 121  TYR A CZ    1 
ATOM   1058 O OH    . TYR A 1 140 ? 8.105   -10.397 14.119  1.00 27.64 ? 121  TYR A OH    1 
ATOM   1059 N N     . GLY A 1 141 ? 3.289   -16.548 10.278  1.00 25.20 ? 122  GLY A N     1 
ATOM   1060 C CA    . GLY A 1 141 ? 2.358   -17.371 9.526   1.00 24.42 ? 122  GLY A CA    1 
ATOM   1061 C C     . GLY A 1 141 ? 2.636   -17.306 8.042   1.00 25.24 ? 122  GLY A C     1 
ATOM   1062 O O     . GLY A 1 141 ? 3.787   -17.448 7.615   1.00 25.75 ? 122  GLY A O     1 
ATOM   1063 N N     . ASP A 1 142 ? 1.587   -17.062 7.264   1.00 25.24 ? 123  ASP A N     1 
ATOM   1064 C CA    . ASP A 1 142 ? 1.660   -17.137 5.811   1.00 24.12 ? 123  ASP A CA    1 
ATOM   1065 C C     . ASP A 1 142 ? 2.065   -15.831 5.080   1.00 23.15 ? 123  ASP A C     1 
ATOM   1066 O O     . ASP A 1 142 ? 1.975   -15.758 3.845   1.00 23.15 ? 123  ASP A O     1 
ATOM   1067 C CB    . ASP A 1 142 ? 0.344   -17.700 5.261   1.00 23.83 ? 123  ASP A CB    1 
ATOM   1068 C CG    . ASP A 1 142 ? -0.867  -16.828 5.591   1.00 25.91 ? 123  ASP A CG    1 
ATOM   1069 O OD1   . ASP A 1 142 ? -0.706  -15.661 6.031   1.00 25.80 ? 123  ASP A OD1   1 
ATOM   1070 O OD2   . ASP A 1 142 ? -2.004  -17.301 5.399   1.00 26.92 ? 123  ASP A OD2   1 
ATOM   1071 N N     . HIS A 1 143 ? 2.538   -14.823 5.816   1.00 20.85 ? 124  HIS A N     1 
ATOM   1072 C CA    . HIS A 1 143 ? 3.089   -13.595 5.200   1.00 19.72 ? 124  HIS A CA    1 
ATOM   1073 C C     . HIS A 1 143 ? 4.454   -13.252 5.765   1.00 19.45 ? 124  HIS A C     1 
ATOM   1074 O O     . HIS A 1 143 ? 4.787   -13.650 6.887   1.00 20.18 ? 124  HIS A O     1 
ATOM   1075 C CB    . HIS A 1 143 ? 2.172   -12.389 5.469   1.00 18.70 ? 124  HIS A CB    1 
ATOM   1076 C CG    . HIS A 1 143 ? 0.918   -12.371 4.649   1.00 18.21 ? 124  HIS A CG    1 
ATOM   1077 N ND1   . HIS A 1 143 ? -0.061  -13.338 4.755   1.00 18.20 ? 124  HIS A ND1   1 
ATOM   1078 C CD2   . HIS A 1 143 ? 0.476   -11.486 3.727   1.00 17.91 ? 124  HIS A CD2   1 
ATOM   1079 C CE1   . HIS A 1 143 ? -1.043  -13.057 3.915   1.00 18.96 ? 124  HIS A CE1   1 
ATOM   1080 N NE2   . HIS A 1 143 ? -0.752  -11.922 3.296   1.00 18.40 ? 124  HIS A NE2   1 
ATOM   1081 N N     . THR A 1 144 ? 5.227   -12.472 5.007   1.00 18.58 ? 125  THR A N     1 
ATOM   1082 C CA    . THR A 1 144 ? 6.449   -11.842 5.478   1.00 19.72 ? 125  THR A CA    1 
ATOM   1083 C C     . THR A 1 144 ? 6.095   -10.412 5.843   1.00 19.62 ? 125  THR A C     1 
ATOM   1084 O O     . THR A 1 144 ? 5.430   -9.737  5.060   1.00 20.35 ? 125  THR A O     1 
ATOM   1085 C CB    . THR A 1 144 ? 7.487   -11.794 4.345   1.00 20.78 ? 125  THR A CB    1 
ATOM   1086 O OG1   . THR A 1 144 ? 7.858   -13.129 4.007   1.00 21.41 ? 125  THR A OG1   1 
ATOM   1087 C CG2   . THR A 1 144 ? 8.728   -11.020 4.739   1.00 20.73 ? 125  THR A CG2   1 
ATOM   1088 N N     . PHE A 1 145 ? 6.509   -9.977  7.026   1.00 18.46 ? 126  PHE A N     1 
ATOM   1089 C CA    . PHE A 1 145 ? 6.337   -8.578  7.448   1.00 18.12 ? 126  PHE A CA    1 
ATOM   1090 C C     . PHE A 1 145 ? 7.607   -7.828  7.097   1.00 19.03 ? 126  PHE A C     1 
ATOM   1091 O O     . PHE A 1 145 ? 8.643   -7.973  7.779   1.00 18.98 ? 126  PHE A O     1 
ATOM   1092 C CB    . PHE A 1 145 ? 6.041   -8.483  8.949   1.00 18.82 ? 126  PHE A CB    1 
ATOM   1093 C CG    . PHE A 1 145 ? 5.534   -7.133  9.390   1.00 19.49 ? 126  PHE A CG    1 
ATOM   1094 C CD1   . PHE A 1 145 ? 4.363   -6.598  8.839   1.00 20.15 ? 126  PHE A CD1   1 
ATOM   1095 C CD2   . PHE A 1 145 ? 6.223   -6.393  10.345  1.00 21.10 ? 126  PHE A CD2   1 
ATOM   1096 C CE1   . PHE A 1 145 ? 3.903   -5.343  9.253   1.00 20.24 ? 126  PHE A CE1   1 
ATOM   1097 C CE2   . PHE A 1 145 ? 5.777   -5.145  10.751  1.00 20.57 ? 126  PHE A CE2   1 
ATOM   1098 C CZ    . PHE A 1 145 ? 4.606   -4.627  10.213  1.00 20.54 ? 126  PHE A CZ    1 
ATOM   1099 N N     . PHE A 1 146 ? 7.534   -7.037  6.025   1.00 18.44 ? 127  PHE A N     1 
ATOM   1100 C CA    . PHE A 1 146 ? 8.682   -6.262  5.595   1.00 18.99 ? 127  PHE A CA    1 
ATOM   1101 C C     . PHE A 1 146 ? 8.642   -4.965  6.351   1.00 19.37 ? 127  PHE A C     1 
ATOM   1102 O O     . PHE A 1 146 ? 7.642   -4.219  6.292   1.00 20.00 ? 127  PHE A O     1 
ATOM   1103 C CB    . PHE A 1 146 ? 8.637   -5.970  4.098   1.00 19.01 ? 127  PHE A CB    1 
ATOM   1104 C CG    . PHE A 1 146 ? 8.956   -7.147  3.225   1.00 20.51 ? 127  PHE A CG    1 
ATOM   1105 C CD1   . PHE A 1 146 ? 10.256  -7.634  3.128   1.00 21.52 ? 127  PHE A CD1   1 
ATOM   1106 C CD2   . PHE A 1 146 ? 7.963   -7.747  2.462   1.00 21.74 ? 127  PHE A CD2   1 
ATOM   1107 C CE1   . PHE A 1 146 ? 10.546  -8.707  2.294   1.00 21.57 ? 127  PHE A CE1   1 
ATOM   1108 C CE2   . PHE A 1 146 ? 8.253   -8.809  1.622   1.00 23.24 ? 127  PHE A CE2   1 
ATOM   1109 C CZ    . PHE A 1 146 ? 9.549   -9.297  1.546   1.00 22.99 ? 127  PHE A CZ    1 
ATOM   1110 N N     . VAL A 1 147 ? 9.728   -4.679  7.053   1.00 19.52 ? 128  VAL A N     1 
ATOM   1111 C CA    . VAL A 1 147 ? 9.820   -3.444  7.817   1.00 19.56 ? 128  VAL A CA    1 
ATOM   1112 C C     . VAL A 1 147 ? 10.748  -2.475  7.087   1.00 20.07 ? 128  VAL A C     1 
ATOM   1113 O O     . VAL A 1 147 ? 11.902  -2.806  6.780   1.00 20.38 ? 128  VAL A O     1 
ATOM   1114 C CB    . VAL A 1 147 ? 10.322  -3.730  9.245   1.00 20.10 ? 128  VAL A CB    1 
ATOM   1115 C CG1   . VAL A 1 147 ? 10.463  -2.451  10.059  1.00 20.78 ? 128  VAL A CG1   1 
ATOM   1116 C CG2   . VAL A 1 147 ? 9.419   -4.754  9.941   1.00 22.03 ? 128  VAL A CG2   1 
ATOM   1117 N N     . GLY A 1 148 ? 10.236  -1.289  6.791   1.00 21.19 ? 129  GLY A N     1 
ATOM   1118 C CA    . GLY A 1 148 ? 11.010  -0.322  6.019   1.00 22.43 ? 129  GLY A CA    1 
ATOM   1119 C C     . GLY A 1 148 ? 11.236  1.001   6.704   1.00 22.76 ? 129  GLY A C     1 
ATOM   1120 O O     . GLY A 1 148 ? 10.290  1.664   7.164   1.00 23.28 ? 129  GLY A O     1 
ATOM   1121 N N     . GLU A 1 149 ? 12.506  1.398   6.778   1.00 23.47 ? 130  GLU A N     1 
ATOM   1122 C CA    . GLU A 1 149 ? 12.856  2.731   7.213   1.00 23.81 ? 130  GLU A CA    1 
ATOM   1123 C C     . GLU A 1 149 ? 12.464  3.684   6.100   1.00 22.51 ? 130  GLU A C     1 
ATOM   1124 O O     . GLU A 1 149 ? 12.750  3.432   4.919   1.00 23.18 ? 130  GLU A O     1 
ATOM   1125 C CB    . GLU A 1 149 ? 14.364  2.829   7.532   1.00 25.89 ? 130  GLU A CB    1 
ATOM   1126 C CG    . GLU A 1 149 ? 14.790  4.174   8.112   1.00 29.62 ? 130  GLU A CG    1 
ATOM   1127 C CD    . GLU A 1 149 ? 16.274  4.253   8.433   0.50 29.94 ? 130  GLU A CD    1 
ATOM   1128 O OE1   . GLU A 1 149 ? 16.671  3.793   9.521   0.50 31.84 ? 130  GLU A OE1   1 
ATOM   1129 O OE2   . GLU A 1 149 ? 17.038  4.798   7.604   0.50 31.48 ? 130  GLU A OE2   1 
ATOM   1130 N N     . VAL A 1 150 ? 11.790  4.765   6.471   1.00 22.36 ? 131  VAL A N     1 
ATOM   1131 C CA    . VAL A 1 150 ? 11.396  5.771   5.504   1.00 22.58 ? 131  VAL A CA    1 
ATOM   1132 C C     . VAL A 1 150 ? 12.564  6.722   5.220   1.00 25.04 ? 131  VAL A C     1 
ATOM   1133 O O     . VAL A 1 150 ? 13.094  7.377   6.117   1.00 26.76 ? 131  VAL A O     1 
ATOM   1134 C CB    . VAL A 1 150 ? 10.128  6.499   5.949   1.00 22.08 ? 131  VAL A CB    1 
ATOM   1135 C CG1   . VAL A 1 150 ? 9.722   7.550   4.938   1.00 21.55 ? 131  VAL A CG1   1 
ATOM   1136 C CG2   . VAL A 1 150 ? 8.999   5.481   6.131   1.00 21.16 ? 131  VAL A CG2   1 
ATOM   1137 N N     . VAL A 1 151 ? 12.973  6.767   3.959   1.00 25.80 ? 132  VAL A N     1 
ATOM   1138 C CA    . VAL A 1 151 ? 14.131  7.585   3.575   1.00 27.11 ? 132  VAL A CA    1 
ATOM   1139 C C     . VAL A 1 151 ? 13.729  8.727   2.650   1.00 27.65 ? 132  VAL A C     1 
ATOM   1140 O O     . VAL A 1 151 ? 14.567  9.540   2.242   1.00 30.28 ? 132  VAL A O     1 
ATOM   1141 C CB    . VAL A 1 151 ? 15.227  6.731   2.910   1.00 28.01 ? 132  VAL A CB    1 
ATOM   1142 C CG1   . VAL A 1 151 ? 15.768  5.705   3.889   1.00 28.42 ? 132  VAL A CG1   1 
ATOM   1143 C CG2   . VAL A 1 151 ? 14.696  6.068   1.647   1.00 27.34 ? 132  VAL A CG2   1 
ATOM   1144 N N     . GLY A 1 152 ? 12.445  8.789   2.318   1.00 26.25 ? 133  GLY A N     1 
ATOM   1145 C CA    . GLY A 1 152 ? 11.906  9.908   1.566   1.00 26.48 ? 133  GLY A CA    1 
ATOM   1146 C C     . GLY A 1 152 ? 10.401  9.845   1.449   1.00 26.87 ? 133  GLY A C     1 
ATOM   1147 O O     . GLY A 1 152 ? 9.793   8.788   1.650   1.00 24.16 ? 133  GLY A O     1 
ATOM   1148 N N     . TYR A 1 153 ? 9.781   10.978  1.151   1.00 26.31 ? 134  TYR A N     1 
ATOM   1149 C CA    . TYR A 1 153 ? 8.381   10.966  0.760   1.00 26.87 ? 134  TYR A CA    1 
ATOM   1150 C C     . TYR A 1 153 ? 7.966   12.191  -0.025  1.00 27.84 ? 134  TYR A C     1 
ATOM   1151 O O     . TYR A 1 153 ? 8.559   13.263  0.101   1.00 29.63 ? 134  TYR A O     1 
ATOM   1152 C CB    . TYR A 1 153 ? 7.447   10.768  1.962   1.00 26.30 ? 134  TYR A CB    1 
ATOM   1153 C CG    . TYR A 1 153 ? 7.682   11.691  3.138   1.00 26.14 ? 134  TYR A CG    1 
ATOM   1154 C CD1   . TYR A 1 153 ? 7.323   13.037  3.082   1.00 26.04 ? 134  TYR A CD1   1 
ATOM   1155 C CD2   . TYR A 1 153 ? 8.206   11.200  4.324   1.00 27.46 ? 134  TYR A CD2   1 
ATOM   1156 C CE1   . TYR A 1 153 ? 7.513   13.877  4.174   1.00 27.92 ? 134  TYR A CE1   1 
ATOM   1157 C CE2   . TYR A 1 153 ? 8.408   12.027  5.414   1.00 28.02 ? 134  TYR A CE2   1 
ATOM   1158 C CZ    . TYR A 1 153 ? 8.061   13.359  5.337   1.00 27.86 ? 134  TYR A CZ    1 
ATOM   1159 O OH    . TYR A 1 153 ? 8.268   14.157  6.425   1.00 30.27 ? 134  TYR A OH    1 
ATOM   1160 N N     . THR A 1 154 ? 6.926   12.018  -0.830  1.00 27.28 ? 135  THR A N     1 
ATOM   1161 C CA    . THR A 1 154 ? 6.307   13.112  -1.534  1.00 26.49 ? 135  THR A CA    1 
ATOM   1162 C C     . THR A 1 154 ? 4.810   12.991  -1.343  1.00 27.59 ? 135  THR A C     1 
ATOM   1163 O O     . THR A 1 154 ? 4.297   11.910  -1.027  1.00 25.45 ? 135  THR A O     1 
ATOM   1164 C CB    . THR A 1 154 ? 6.643   13.080  -3.039  1.00 27.71 ? 135  THR A CB    1 
ATOM   1165 O OG1   . THR A 1 154 ? 6.359   11.780  -3.568  1.00 31.45 ? 135  THR A OG1   1 
ATOM   1166 C CG2   . THR A 1 154 ? 8.106   13.385  -3.260  1.00 27.51 ? 135  THR A CG2   1 
ATOM   1167 N N     . TYR A 1 155 ? 4.098   14.094  -1.506  1.00 26.79 ? 136  TYR A N     1 
ATOM   1168 C CA    . TYR A 1 155 ? 2.655   14.044  -1.388  1.00 27.77 ? 136  TYR A CA    1 
ATOM   1169 C C     . TYR A 1 155 ? 1.989   15.189  -2.127  1.00 30.62 ? 136  TYR A C     1 
ATOM   1170 O O     . TYR A 1 155 ? 2.631   16.198  -2.462  1.00 30.46 ? 136  TYR A O     1 
ATOM   1171 C CB    . TYR A 1 155 ? 2.216   14.010  0.085   1.00 28.82 ? 136  TYR A CB    1 
ATOM   1172 C CG    . TYR A 1 155 ? 2.663   15.185  0.917   1.00 30.91 ? 136  TYR A CG    1 
ATOM   1173 C CD1   . TYR A 1 155 ? 3.897   15.171  1.567   1.00 31.90 ? 136  TYR A CD1   1 
ATOM   1174 C CD2   . TYR A 1 155 ? 1.845   16.312  1.060   1.00 31.37 ? 136  TYR A CD2   1 
ATOM   1175 C CE1   . TYR A 1 155 ? 4.310   16.249  2.336   1.00 35.63 ? 136  TYR A CE1   1 
ATOM   1176 C CE2   . TYR A 1 155 ? 2.250   17.394  1.826   1.00 34.18 ? 136  TYR A CE2   1 
ATOM   1177 C CZ    . TYR A 1 155 ? 3.478   17.351  2.461   1.00 35.14 ? 136  TYR A CZ    1 
ATOM   1178 O OH    . TYR A 1 155 ? 3.888   18.415  3.224   1.00 40.31 ? 136  TYR A OH    1 
ATOM   1179 N N     . LYS A 1 156 ? 0.699   15.029  -2.375  1.00 31.17 ? 137  LYS A N     1 
ATOM   1180 C CA    . LYS A 1 156 ? -0.087  16.106  -2.964  1.00 34.91 ? 137  LYS A CA    1 
ATOM   1181 C C     . LYS A 1 156 ? -0.515  17.067  -1.882  1.00 35.55 ? 137  LYS A C     1 
ATOM   1182 O O     . LYS A 1 156 ? -1.195  16.686  -0.928  1.00 34.24 ? 137  LYS A O     1 
ATOM   1183 C CB    . LYS A 1 156 ? -1.285  15.560  -3.734  1.00 34.07 ? 137  LYS A CB    1 
ATOM   1184 C CG    . LYS A 1 156 ? -0.866  14.923  -5.047  1.00 38.80 ? 137  LYS A CG    1 
ATOM   1185 C CD    . LYS A 1 156 ? -2.050  14.504  -5.894  1.00 43.15 ? 137  LYS A CD    1 
ATOM   1186 C CE    . LYS A 1 156 ? -1.591  13.630  -7.053  1.00 46.67 ? 137  LYS A CE    1 
ATOM   1187 N NZ    . LYS A 1 156 ? -0.584  14.314  -7.915  1.00 49.31 ? 137  LYS A NZ    1 
ATOM   1188 N N     . ASP A 1 157 ? -0.120  18.326  -2.047  1.00 38.77 ? 138  ASP A N     1 
ATOM   1189 C CA    . ASP A 1 157 ? -0.354  19.332  -1.018  1.00 40.63 ? 138  ASP A CA    1 
ATOM   1190 C C     . ASP A 1 157 ? -1.803  19.496  -0.603  1.00 39.29 ? 138  ASP A C     1 
ATOM   1191 O O     . ASP A 1 157 ? -2.071  19.654  0.592   1.00 39.44 ? 138  ASP A O     1 
ATOM   1192 C CB    . ASP A 1 157 ? 0.284   20.672  -1.385  1.00 45.91 ? 138  ASP A CB    1 
ATOM   1193 C CG    . ASP A 1 157 ? 1.582   20.902  -0.643  1.00 51.16 ? 138  ASP A CG    1 
ATOM   1194 O OD1   . ASP A 1 157 ? 1.518   21.244  0.562   1.00 52.77 ? 138  ASP A OD1   1 
ATOM   1195 O OD2   . ASP A 1 157 ? 2.662   20.718  -1.251  1.00 53.14 ? 138  ASP A OD2   1 
ATOM   1196 N N     . TYR A 1 158 ? -2.727  19.423  -1.565  1.00 38.33 ? 139  TYR A N     1 
ATOM   1197 C CA    . TYR A 1 158 ? -4.157  19.536  -1.266  1.00 39.08 ? 139  TYR A CA    1 
ATOM   1198 C C     . TYR A 1 158 ? -4.677  18.360  -0.445  1.00 38.20 ? 139  TYR A C     1 
ATOM   1199 O O     . TYR A 1 158 ? -5.630  18.516  0.319   1.00 40.48 ? 139  TYR A O     1 
ATOM   1200 C CB    . TYR A 1 158 ? -4.997  19.695  -2.543  1.00 41.41 ? 139  TYR A CB    1 
ATOM   1201 C CG    . TYR A 1 158 ? -5.336  18.390  -3.231  1.00 44.43 ? 139  TYR A CG    1 
ATOM   1202 C CD1   . TYR A 1 158 ? -4.454  17.819  -4.157  1.00 44.73 ? 139  TYR A CD1   1 
ATOM   1203 C CD2   . TYR A 1 158 ? -6.538  17.722  -2.959  1.00 44.57 ? 139  TYR A CD2   1 
ATOM   1204 C CE1   . TYR A 1 158 ? -4.758  16.621  -4.788  1.00 47.01 ? 139  TYR A CE1   1 
ATOM   1205 C CE2   . TYR A 1 158 ? -6.849  16.522  -3.587  1.00 46.36 ? 139  TYR A CE2   1 
ATOM   1206 C CZ    . TYR A 1 158 ? -5.956  15.976  -4.501  1.00 47.71 ? 139  TYR A CZ    1 
ATOM   1207 O OH    . TYR A 1 158 ? -6.245  14.783  -5.130  1.00 50.73 ? 139  TYR A OH    1 
ATOM   1208 N N     . ALA A 1 159 ? -4.069  17.181  -0.612  1.00 35.64 ? 140  ALA A N     1 
ATOM   1209 C CA    . ALA A 1 159 ? -4.508  16.005  0.145   1.00 33.05 ? 140  ALA A CA    1 
ATOM   1210 C C     . ALA A 1 159 ? -4.134  16.114  1.623   1.00 30.59 ? 140  ALA A C     1 
ATOM   1211 O O     . ALA A 1 159 ? -4.793  15.512  2.465   1.00 30.17 ? 140  ALA A O     1 
ATOM   1212 C CB    . ALA A 1 159 ? -3.953  14.728  -0.467  1.00 31.00 ? 140  ALA A CB    1 
ATOM   1213 N N     . PHE A 1 160 ? -3.103  16.907  1.926   1.00 29.50 ? 141  PHE A N     1 
ATOM   1214 C CA    . PHE A 1 160 ? -2.613  17.095  3.292   1.00 31.55 ? 141  PHE A CA    1 
ATOM   1215 C C     . PHE A 1 160 ? -2.418  18.572  3.671   1.00 34.69 ? 141  PHE A C     1 
ATOM   1216 O O     . PHE A 1 160 ? -1.466  18.919  4.371   1.00 33.74 ? 141  PHE A O     1 
ATOM   1217 C CB    . PHE A 1 160 ? -1.313  16.312  3.508   1.00 28.88 ? 141  PHE A CB    1 
ATOM   1218 C CG    . PHE A 1 160 ? -1.465  14.836  3.296   1.00 29.10 ? 141  PHE A CG    1 
ATOM   1219 C CD1   . PHE A 1 160 ? -1.855  14.007  4.348   1.00 28.47 ? 141  PHE A CD1   1 
ATOM   1220 C CD2   . PHE A 1 160 ? -1.229  14.271  2.040   1.00 28.08 ? 141  PHE A CD2   1 
ATOM   1221 C CE1   . PHE A 1 160 ? -2.008  12.643  4.155   1.00 27.14 ? 141  PHE A CE1   1 
ATOM   1222 C CE2   . PHE A 1 160 ? -1.378  12.901  1.847   1.00 28.33 ? 141  PHE A CE2   1 
ATOM   1223 C CZ    . PHE A 1 160 ? -1.772  12.097  2.905   1.00 26.82 ? 141  PHE A CZ    1 
ATOM   1224 N N     . GLU A 1 161 ? -3.321  19.430  3.210   1.00 39.66 ? 142  GLU A N     1 
ATOM   1225 C CA    . GLU A 1 161 ? -3.234  20.863  3.505   1.00 45.73 ? 142  GLU A CA    1 
ATOM   1226 C C     . GLU A 1 161 ? -3.382  21.115  5.003   1.00 46.72 ? 142  GLU A C     1 
ATOM   1227 O O     . GLU A 1 161 ? -4.158  20.436  5.689   1.00 45.91 ? 142  GLU A O     1 
ATOM   1228 C CB    . GLU A 1 161 ? -4.271  21.667  2.704   1.00 46.71 ? 142  GLU A CB    1 
ATOM   1229 C CG    . GLU A 1 161 ? -5.729  21.357  3.033   1.00 52.08 ? 142  GLU A CG    1 
ATOM   1230 C CD    . GLU A 1 161 ? -6.687  22.461  2.603   1.00 54.71 ? 142  GLU A CD    1 
ATOM   1231 O OE1   . GLU A 1 161 ? -6.223  23.488  2.056   1.00 55.15 ? 142  GLU A OE1   1 
ATOM   1232 O OE2   . GLU A 1 161 ? -7.910  22.302  2.814   1.00 52.93 ? 142  GLU A OE2   1 
ATOM   1233 N N     . LYS A 1 162 ? -2.624  22.089  5.503   1.00 49.94 ? 143  LYS A N     1 
ATOM   1234 C CA    . LYS A 1 162 ? -2.606  22.447  6.931   1.00 52.43 ? 143  LYS A CA    1 
ATOM   1235 C C     . LYS A 1 162 ? -2.085  21.310  7.836   1.00 50.35 ? 143  LYS A C     1 
ATOM   1236 O O     . LYS A 1 162 ? -2.382  21.265  9.030   1.00 50.82 ? 143  LYS A O     1 
ATOM   1237 C CB    . LYS A 1 162 ? -3.964  23.028  7.407   1.00 54.12 ? 143  LYS A CB    1 
ATOM   1238 C CG    . LYS A 1 162 ? -5.046  22.009  7.774   1.00 57.01 ? 143  LYS A CG    1 
ATOM   1239 C CD    . LYS A 1 162 ? -6.388  22.650  8.111   1.00 61.18 ? 143  LYS A CD    1 
ATOM   1240 C CE    . LYS A 1 162 ? -7.269  22.820  6.880   1.00 62.46 ? 143  LYS A CE    1 
ATOM   1241 N NZ    . LYS A 1 162 ? -8.694  23.057  7.245   1.00 65.24 ? 143  LYS A NZ    1 
ATOM   1242 N N     . GLY A 1 163 ? -1.318  20.390  7.251   1.00 48.45 ? 144  GLY A N     1 
ATOM   1243 C CA    . GLY A 1 163 ? -0.634  19.349  8.021   1.00 44.20 ? 144  GLY A CA    1 
ATOM   1244 C C     . GLY A 1 163 ? -1.457  18.161  8.497   1.00 42.69 ? 144  GLY A C     1 
ATOM   1245 O O     . GLY A 1 163 ? -1.015  17.400  9.360   1.00 41.20 ? 144  GLY A O     1 
ATOM   1246 N N     . LYS A 1 164 ? -2.653  17.989  7.944   1.00 38.16 ? 145  LYS A N     1 
ATOM   1247 C CA    . LYS A 1 164 ? -3.450  16.822  8.255   1.00 36.67 ? 145  LYS A CA    1 
ATOM   1248 C C     . LYS A 1 164 ? -4.156  16.339  6.985   1.00 32.86 ? 145  LYS A C     1 
ATOM   1249 O O     . LYS A 1 164 ? -4.268  17.103  6.024   1.00 32.03 ? 145  LYS A O     1 
ATOM   1250 C CB    . LYS A 1 164 ? -4.433  17.115  9.397   1.00 39.71 ? 145  LYS A CB    1 
ATOM   1251 C CG    . LYS A 1 164 ? -5.330  18.331  9.210   1.00 43.98 ? 145  LYS A CG    1 
ATOM   1252 C CD    . LYS A 1 164 ? -6.582  18.199  10.068  1.00 46.82 ? 145  LYS A CD    1 
ATOM   1253 C CE    . LYS A 1 164 ? -7.541  19.375  9.902   1.00 48.81 ? 145  LYS A CE    1 
ATOM   1254 N NZ    . LYS A 1 164 ? -7.397  20.402  10.981  1.00 49.56 ? 145  LYS A NZ    1 
ATOM   1255 N N     . PRO A 1 165 ? -4.623  15.073  6.964   1.00 30.99 ? 146  PRO A N     1 
ATOM   1256 C CA    . PRO A 1 165 ? -5.295  14.588  5.763   1.00 29.25 ? 146  PRO A CA    1 
ATOM   1257 C C     . PRO A 1 165 ? -6.527  15.424  5.479   1.00 29.26 ? 146  PRO A C     1 
ATOM   1258 O O     . PRO A 1 165 ? -7.256  15.773  6.405   1.00 30.90 ? 146  PRO A O     1 
ATOM   1259 C CB    . PRO A 1 165 ? -5.734  13.163  6.137   1.00 29.56 ? 146  PRO A CB    1 
ATOM   1260 C CG    . PRO A 1 165 ? -4.886  12.788  7.296   1.00 29.90 ? 146  PRO A CG    1 
ATOM   1261 C CD    . PRO A 1 165 ? -4.603  14.058  8.032   1.00 29.73 ? 146  PRO A CD    1 
ATOM   1262 N N     . ASN A 1 166 ? -6.747  15.732  4.204   1.00 28.49 ? 147  ASN A N     1 
ATOM   1263 C CA    . ASN A 1 166 ? -7.939  16.457  3.750   1.00 28.36 ? 147  ASN A CA    1 
ATOM   1264 C C     . ASN A 1 166 ? -8.951  15.454  3.229   1.00 27.25 ? 147  ASN A C     1 
ATOM   1265 O O     . ASN A 1 166 ? -8.753  14.872  2.166   1.00 29.64 ? 147  ASN A O     1 
ATOM   1266 C CB    . ASN A 1 166 ? -7.543  17.448  2.650   1.00 29.96 ? 147  ASN A CB    1 
ATOM   1267 C CG    . ASN A 1 166 ? -8.737  18.102  1.979   1.00 31.79 ? 147  ASN A CG    1 
ATOM   1268 O OD1   . ASN A 1 166 ? -9.871  17.947  2.409   1.00 31.94 ? 147  ASN A OD1   1 
ATOM   1269 N ND2   . ASN A 1 166 ? -8.473  18.852  0.911   1.00 33.66 ? 147  ASN A ND2   1 
ATOM   1270 N N     . LEU A 1 167 ? -10.040 15.262  3.966   1.00 26.01 ? 148  LEU A N     1 
ATOM   1271 C CA    . LEU A 1 167 ? -10.961 14.164  3.700   1.00 27.50 ? 148  LEU A CA    1 
ATOM   1272 C C     . LEU A 1 167 ? -11.662 14.272  2.344   1.00 30.68 ? 148  LEU A C     1 
ATOM   1273 O O     . LEU A 1 167 ? -12.284 13.309  1.876   1.00 30.15 ? 148  LEU A O     1 
ATOM   1274 C CB    . LEU A 1 167 ? -11.983 14.029  4.828   1.00 28.98 ? 148  LEU A CB    1 
ATOM   1275 C CG    . LEU A 1 167 ? -11.425 13.631  6.200   1.00 30.10 ? 148  LEU A CG    1 
ATOM   1276 C CD1   . LEU A 1 167 ? -12.491 13.896  7.238   1.00 30.36 ? 148  LEU A CD1   1 
ATOM   1277 C CD2   . LEU A 1 167 ? -11.029 12.162  6.215   1.00 27.92 ? 148  LEU A CD2   1 
ATOM   1278 N N     . LYS A 1 168 ? -11.542 15.439  1.710   1.00 32.27 ? 149  LYS A N     1 
ATOM   1279 C CA    . LYS A 1 168 ? -12.081 15.627  0.369   1.00 34.28 ? 149  LYS A CA    1 
ATOM   1280 C C     . LYS A 1 168 ? -11.270 14.877  -0.676  1.00 32.84 ? 149  LYS A C     1 
ATOM   1281 O O     . LYS A 1 168 ? -11.766 14.615  -1.765  1.00 33.85 ? 149  LYS A O     1 
ATOM   1282 C CB    . LYS A 1 168 ? -12.172 17.112  0.021   1.00 37.93 ? 149  LYS A CB    1 
ATOM   1283 C CG    . LYS A 1 168 ? -13.446 17.758  0.534   1.00 40.72 ? 149  LYS A CG    1 
ATOM   1284 C CD    . LYS A 1 168 ? -13.368 19.282  0.563   1.00 44.87 ? 149  LYS A CD    1 
ATOM   1285 C CE    . LYS A 1 168 ? -13.107 19.886  -0.809  1.00 44.75 ? 149  LYS A CE    1 
ATOM   1286 N NZ    . LYS A 1 168 ? -13.358 21.355  -0.812  1.00 45.31 ? 149  LYS A NZ    1 
ATOM   1287 N N     . ALA A 1 169 ? -10.035 14.510  -0.327  1.00 30.82 ? 150  ALA A N     1 
ATOM   1288 C CA    . ALA A 1 169 ? -9.136  13.801  -1.241  1.00 29.78 ? 150  ALA A CA    1 
ATOM   1289 C C     . ALA A 1 169 ? -9.543  12.341  -1.487  1.00 28.10 ? 150  ALA A C     1 
ATOM   1290 O O     . ALA A 1 169 ? -8.907  11.659  -2.291  1.00 28.60 ? 150  ALA A O     1 
ATOM   1291 C CB    . ALA A 1 169 ? -7.688  13.882  -0.747  1.00 29.58 ? 150  ALA A CB    1 
ATOM   1292 N N     . LYS A 1 170 ? -10.585 11.878  -0.788  1.00 26.76 ? 151  LYS A N     1 
ATOM   1293 C CA    . LYS A 1 170 ? -11.183 10.538  -0.971  1.00 26.36 ? 151  LYS A CA    1 
ATOM   1294 C C     . LYS A 1 170 ? -10.214 9.368   -0.725  1.00 24.91 ? 151  LYS A C     1 
ATOM   1295 O O     . LYS A 1 170 ? -10.016 8.503   -1.588  1.00 24.33 ? 151  LYS A O     1 
ATOM   1296 C CB    . LYS A 1 170 ? -11.845 10.404  -2.352  1.00 28.71 ? 151  LYS A CB    1 
ATOM   1297 C CG    . LYS A 1 170 ? -13.117 11.247  -2.495  1.00 31.61 ? 151  LYS A CG    1 
ATOM   1298 C CD    . LYS A 1 170 ? -13.669 11.154  -3.906  1.00 36.72 ? 151  LYS A CD    1 
ATOM   1299 C CE    . LYS A 1 170 ? -14.815 12.132  -4.123  1.00 40.79 ? 151  LYS A CE    1 
ATOM   1300 N NZ    . LYS A 1 170 ? -15.256 12.081  -5.547  1.00 43.48 ? 151  LYS A NZ    1 
ATOM   1301 N N     . PHE A 1 171 ? -9.616  9.353   0.458   1.00 23.52 ? 152  PHE A N     1 
ATOM   1302 C CA    . PHE A 1 171 ? -8.768  8.226   0.885   1.00 21.82 ? 152  PHE A CA    1 
ATOM   1303 C C     . PHE A 1 171 ? -9.513  6.899   0.817   1.00 22.21 ? 152  PHE A C     1 
ATOM   1304 O O     . PHE A 1 171 ? -10.683 6.823   1.148   1.00 21.65 ? 152  PHE A O     1 
ATOM   1305 C CB    . PHE A 1 171 ? -8.274  8.478   2.304   1.00 21.19 ? 152  PHE A CB    1 
ATOM   1306 C CG    . PHE A 1 171 ? -7.416  9.690   2.422   1.00 21.79 ? 152  PHE A CG    1 
ATOM   1307 C CD1   . PHE A 1 171 ? -6.064  9.621   2.170   1.00 21.51 ? 152  PHE A CD1   1 
ATOM   1308 C CD2   . PHE A 1 171 ? -7.972  10.916  2.774   1.00 22.51 ? 152  PHE A CD2   1 
ATOM   1309 C CE1   . PHE A 1 171 ? -5.257  10.744  2.284   1.00 23.09 ? 152  PHE A CE1   1 
ATOM   1310 C CE2   . PHE A 1 171 ? -7.182  12.043  2.867   1.00 22.97 ? 152  PHE A CE2   1 
ATOM   1311 C CZ    . PHE A 1 171 ? -5.821  11.956  2.626   1.00 21.50 ? 152  PHE A CZ    1 
ATOM   1312 N N     . LEU A 1 172 ? -8.815  5.848   0.394   1.00 21.66 ? 153  LEU A N     1 
ATOM   1313 C CA    . LEU A 1 172 ? -9.482  4.580   0.095   1.00 20.25 ? 153  LEU A CA    1 
ATOM   1314 C C     . LEU A 1 172 ? -9.432  3.611   1.266   1.00 20.82 ? 153  LEU A C     1 
ATOM   1315 O O     . LEU A 1 172 ? -8.388  3.459   1.907   1.00 19.72 ? 153  LEU A O     1 
ATOM   1316 C CB    . LEU A 1 172 ? -8.819  3.938   -1.118  1.00 21.24 ? 153  LEU A CB    1 
ATOM   1317 C CG    . LEU A 1 172 ? -9.432  2.665   -1.707  1.00 20.32 ? 153  LEU A CG    1 
ATOM   1318 C CD1   . LEU A 1 172 ? -10.871 2.914   -2.172  1.00 21.75 ? 153  LEU A CD1   1 
ATOM   1319 C CD2   . LEU A 1 172 ? -8.539  2.200   -2.858  1.00 20.41 ? 153  LEU A CD2   1 
ATOM   1320 N N     . ALA A 1 173 ? -10.556 2.954   1.527   1.00 20.21 ? 154  ALA A N     1 
ATOM   1321 C CA    . ALA A 1 173 ? -10.589 1.867   2.475   1.00 21.23 ? 154  ALA A CA    1 
ATOM   1322 C C     . ALA A 1 173 ? -11.300 0.644   1.878   1.00 21.53 ? 154  ALA A C     1 
ATOM   1323 O O     . ALA A 1 173 ? -12.161 0.752   0.985   1.00 22.55 ? 154  ALA A O     1 
ATOM   1324 C CB    . ALA A 1 173 ? -11.214 2.305   3.789   1.00 21.11 ? 154  ALA A CB    1 
ATOM   1325 N N     . HIS A 1 174 ? -10.911 -0.525  2.366   1.00 21.77 ? 155  HIS A N     1 
ATOM   1326 C CA    . HIS A 1 174 ? -11.421 -1.796  1.880   1.00 21.68 ? 155  HIS A CA    1 
ATOM   1327 C C     . HIS A 1 174 ? -12.406 -2.369  2.895   1.00 22.59 ? 155  HIS A C     1 
ATOM   1328 O O     . HIS A 1 174 ? -12.074 -2.472  4.056   1.00 20.33 ? 155  HIS A O     1 
ATOM   1329 C CB    . HIS A 1 174 ? -10.217 -2.736  1.711   1.00 22.62 ? 155  HIS A CB    1 
ATOM   1330 C CG    . HIS A 1 174 ? -10.495 -3.962  0.909   1.00 23.38 ? 155  HIS A CG    1 
ATOM   1331 N ND1   . HIS A 1 174 ? -9.649  -5.052  0.917   1.00 22.93 ? 155  HIS A ND1   1 
ATOM   1332 C CD2   . HIS A 1 174 ? -11.516 -4.280  0.077   1.00 24.15 ? 155  HIS A CD2   1 
ATOM   1333 C CE1   . HIS A 1 174 ? -10.137 -5.988  0.122   1.00 25.29 ? 155  HIS A CE1   1 
ATOM   1334 N NE2   . HIS A 1 174 ? -11.267 -5.544  -0.398  1.00 25.49 ? 155  HIS A NE2   1 
ATOM   1335 N N     . VAL A 1 175 ? -13.629 -2.713  2.473   1.00 23.98 ? 156  VAL A N     1 
ATOM   1336 C CA    . VAL A 1 175 ? -14.647 -3.235  3.395   1.00 26.28 ? 156  VAL A CA    1 
ATOM   1337 C C     . VAL A 1 175 ? -14.630 -4.759  3.414   1.00 29.21 ? 156  VAL A C     1 
ATOM   1338 O O     . VAL A 1 175 ? -14.545 -5.368  4.480   1.00 30.51 ? 156  VAL A O     1 
ATOM   1339 C CB    . VAL A 1 175 ? -16.074 -2.751  3.037   1.00 27.63 ? 156  VAL A CB    1 
ATOM   1340 C CG1   . VAL A 1 175 ? -17.104 -3.339  3.992   1.00 27.28 ? 156  VAL A CG1   1 
ATOM   1341 C CG2   . VAL A 1 175 ? -16.157 -1.233  3.060   1.00 27.77 ? 156  VAL A CG2   1 
ATOM   1342 N N     . SER A 1 176 ? -14.756 -5.351  2.231   1.00 31.57 ? 157  SER A N     1 
ATOM   1343 C CA    . SER A 1 176 ? -14.679 -6.796  2.024   1.00 34.92 ? 157  SER A CA    1 
ATOM   1344 C C     . SER A 1 176 ? -14.403 -6.990  0.545   1.00 34.85 ? 157  SER A C     1 
ATOM   1345 O O     . SER A 1 176 ? -14.425 -6.022  -0.208  1.00 34.78 ? 157  SER A O     1 
ATOM   1346 C CB    . SER A 1 176 ? -15.965 -7.516  2.458   1.00 38.01 ? 157  SER A CB    1 
ATOM   1347 O OG    . SER A 1 176 ? -17.083 -7.109  1.689   1.00 42.82 ? 157  SER A OG    1 
ATOM   1348 N N     . TRP A 1 177 ? -14.171 -8.228  0.119   1.00 35.99 ? 158  TRP A N     1 
ATOM   1349 C CA    . TRP A 1 177 ? -13.449 -8.480  -1.139  1.00 38.75 ? 158  TRP A CA    1 
ATOM   1350 C C     . TRP A 1 177 ? -13.461 -7.393  -2.230  1.00 38.94 ? 158  TRP A C     1 
ATOM   1351 O O     . TRP A 1 177 ? -12.413 -6.805  -2.514  1.00 42.30 ? 158  TRP A O     1 
ATOM   1352 C CB    . TRP A 1 177 ? -13.726 -9.873  -1.734  1.00 43.39 ? 158  TRP A CB    1 
ATOM   1353 C CG    . TRP A 1 177 ? -12.747 -10.211 -2.862  1.00 47.28 ? 158  TRP A CG    1 
ATOM   1354 C CD1   . TRP A 1 177 ? -13.053 -10.725 -4.092  1.00 46.14 ? 158  TRP A CD1   1 
ATOM   1355 C CD2   . TRP A 1 177 ? -11.312 -10.006 -2.859  1.00 48.71 ? 158  TRP A CD2   1 
ATOM   1356 N NE1   . TRP A 1 177 ? -11.908 -10.874 -4.843  1.00 48.73 ? 158  TRP A NE1   1 
ATOM   1357 C CE2   . TRP A 1 177 ? -10.827 -10.440 -4.116  1.00 49.43 ? 158  TRP A CE2   1 
ATOM   1358 C CE3   . TRP A 1 177 ? -10.393 -9.501  -1.915  1.00 49.48 ? 158  TRP A CE3   1 
ATOM   1359 C CZ2   . TRP A 1 177 ? -9.459  -10.386 -4.459  1.00 50.42 ? 158  TRP A CZ2   1 
ATOM   1360 C CZ3   . TRP A 1 177 ? -9.033  -9.446  -2.254  1.00 49.57 ? 158  TRP A CZ3   1 
ATOM   1361 C CH2   . TRP A 1 177 ? -8.582  -9.890  -3.517  1.00 50.95 ? 158  TRP A CH2   1 
ATOM   1362 N N     . SER A 1 178 ? -14.605 -7.124  -2.850  1.00 36.43 ? 159  SER A N     1 
ATOM   1363 C CA    . SER A 1 178 ? -14.612 -6.168  -3.968  1.00 35.82 ? 159  SER A CA    1 
ATOM   1364 C C     . SER A 1 178 ? -15.199 -4.802  -3.608  1.00 34.08 ? 159  SER A C     1 
ATOM   1365 O O     . SER A 1 178 ? -15.345 -3.936  -4.475  1.00 33.32 ? 159  SER A O     1 
ATOM   1366 C CB    . SER A 1 178 ? -15.348 -6.757  -5.173  1.00 38.21 ? 159  SER A CB    1 
ATOM   1367 O OG    . SER A 1 178 ? -16.689 -7.064  -4.831  1.00 41.11 ? 159  SER A OG    1 
ATOM   1368 N N     . GLU A 1 179 ? -15.495 -4.611  -2.324  1.00 31.32 ? 160  GLU A N     1 
ATOM   1369 C CA    . GLU A 1 179 ? -16.216 -3.442  -1.831  1.00 30.13 ? 160  GLU A CA    1 
ATOM   1370 C C     . GLU A 1 179 ? -15.279 -2.465  -1.144  1.00 28.26 ? 160  GLU A C     1 
ATOM   1371 O O     . GLU A 1 179 ? -14.518 -2.853  -0.262  1.00 25.81 ? 160  GLU A O     1 
ATOM   1372 C CB    . GLU A 1 179 ? -17.311 -3.884  -0.849  1.00 35.06 ? 160  GLU A CB    1 
ATOM   1373 C CG    . GLU A 1 179 ? -18.324 -4.871  -1.434  1.00 41.28 ? 160  GLU A CG    1 
ATOM   1374 C CD    . GLU A 1 179 ? -19.548 -5.103  -0.548  1.00 47.94 ? 160  GLU A CD    1 
ATOM   1375 O OE1   . GLU A 1 179 ? -19.904 -4.224  0.276   1.00 49.24 ? 160  GLU A OE1   1 
ATOM   1376 O OE2   . GLU A 1 179 ? -20.172 -6.180  -0.684  1.00 52.72 ? 160  GLU A OE2   1 
ATOM   1377 N N     . PHE A 1 180 ? -15.331 -1.204  -1.556  1.00 25.54 ? 161  PHE A N     1 
ATOM   1378 C CA    . PHE A 1 180 ? -14.478 -0.162  -0.982  1.00 26.16 ? 161  PHE A CA    1 
ATOM   1379 C C     . PHE A 1 180 ? -15.337 1.015   -0.543  1.00 28.20 ? 161  PHE A C     1 
ATOM   1380 O O     . PHE A 1 180 ? -16.461 1.184   -1.043  1.00 28.73 ? 161  PHE A O     1 
ATOM   1381 C CB    . PHE A 1 180 ? -13.435 0.291   -2.009  1.00 24.09 ? 161  PHE A CB    1 
ATOM   1382 C CG    . PHE A 1 180 ? -12.476 -0.799  -2.396  1.00 23.98 ? 161  PHE A CG    1 
ATOM   1383 C CD1   . PHE A 1 180 ? -12.853 -1.798  -3.303  1.00 24.38 ? 161  PHE A CD1   1 
ATOM   1384 C CD2   . PHE A 1 180 ? -11.198 -0.850  -1.828  1.00 23.98 ? 161  PHE A CD2   1 
ATOM   1385 C CE1   . PHE A 1 180 ? -11.974 -2.820  -3.630  1.00 26.27 ? 161  PHE A CE1   1 
ATOM   1386 C CE2   . PHE A 1 180 ? -10.318 -1.854  -2.169  1.00 23.91 ? 161  PHE A CE2   1 
ATOM   1387 C CZ    . PHE A 1 180 ? -10.706 -2.847  -3.066  1.00 25.24 ? 161  PHE A CZ    1 
ATOM   1388 N N     . VAL A 1 181 ? -14.808 1.812   0.385   1.00 27.06 ? 162  VAL A N     1 
ATOM   1389 C CA    . VAL A 1 181 ? -15.465 3.038   0.848   1.00 29.16 ? 162  VAL A CA    1 
ATOM   1390 C C     . VAL A 1 181 ? -14.472 4.174   1.025   1.00 27.46 ? 162  VAL A C     1 
ATOM   1391 O O     . VAL A 1 181 ? -13.254 3.976   1.014   1.00 25.44 ? 162  VAL A O     1 
ATOM   1392 C CB    . VAL A 1 181 ? -16.200 2.856   2.197   1.00 30.76 ? 162  VAL A CB    1 
ATOM   1393 C CG1   . VAL A 1 181 ? -17.453 2.012   2.022   1.00 33.80 ? 162  VAL A CG1   1 
ATOM   1394 C CG2   . VAL A 1 181 ? -15.260 2.303   3.271   1.00 30.77 ? 162  VAL A CG2   1 
ATOM   1395 N N     . THR A 1 182 ? -14.992 5.382   1.191   1.00 27.60 ? 163  THR A N     1 
ATOM   1396 C CA    . THR A 1 182 ? -14.156 6.434   1.715   1.00 26.26 ? 163  THR A CA    1 
ATOM   1397 C C     . THR A 1 182 ? -14.718 6.911   3.056   1.00 25.59 ? 163  THR A C     1 
ATOM   1398 O O     . THR A 1 182 ? -15.628 6.290   3.616   1.00 24.85 ? 163  THR A O     1 
ATOM   1399 C CB    . THR A 1 182 ? -13.875 7.567   0.691   1.00 28.93 ? 163  THR A CB    1 
ATOM   1400 O OG1   . THR A 1 182 ? -12.770 8.362   1.147   1.00 28.80 ? 163  THR A OG1   1 
ATOM   1401 C CG2   . THR A 1 182 ? -15.109 8.452   0.448   1.00 29.22 ? 163  THR A CG2   1 
ATOM   1402 N N     . PHE A 1 183 ? -14.136 7.974   3.583   1.00 24.95 ? 164  PHE A N     1 
ATOM   1403 C CA    . PHE A 1 183 ? -14.518 8.501   4.867   1.00 26.21 ? 164  PHE A CA    1 
ATOM   1404 C C     . PHE A 1 183 ? -15.583 9.573   4.711   1.00 27.66 ? 164  PHE A C     1 
ATOM   1405 O O     . PHE A 1 183 ? -15.641 10.267  3.701   1.00 27.95 ? 164  PHE A O     1 
ATOM   1406 C CB    . PHE A 1 183 ? -13.313 9.118   5.569   1.00 25.05 ? 164  PHE A CB    1 
ATOM   1407 C CG    . PHE A 1 183 ? -12.262 8.124   5.933   1.00 22.89 ? 164  PHE A CG    1 
ATOM   1408 C CD1   . PHE A 1 183 ? -12.412 7.321   7.063   1.00 22.69 ? 164  PHE A CD1   1 
ATOM   1409 C CD2   . PHE A 1 183 ? -11.143 7.973   5.131   1.00 23.73 ? 164  PHE A CD2   1 
ATOM   1410 C CE1   . PHE A 1 183 ? -11.446 6.375   7.389   1.00 22.27 ? 164  PHE A CE1   1 
ATOM   1411 C CE2   . PHE A 1 183 ? -10.172 7.032   5.452   1.00 22.08 ? 164  PHE A CE2   1 
ATOM   1412 C CZ    . PHE A 1 183 ? -10.333 6.247   6.577   1.00 21.67 ? 164  PHE A CZ    1 
ATOM   1413 N N     . SER A 1 184 ? -16.418 9.675   5.732   1.00 30.77 ? 165  SER A N     1 
ATOM   1414 C CA    . SER A 1 184 ? -17.288 10.824  5.909   1.00 33.56 ? 165  SER A CA    1 
ATOM   1415 C C     . SER A 1 184 ? -16.441 12.079  6.073   1.00 35.15 ? 165  SER A C     1 
ATOM   1416 O O     . SER A 1 184 ? -15.308 12.022  6.556   1.00 35.83 ? 165  SER A O     1 
ATOM   1417 C CB    . SER A 1 184 ? -18.159 10.607  7.138   1.00 33.80 ? 165  SER A CB    1 
ATOM   1418 O OG    . SER A 1 184 ? -18.695 11.831  7.584   1.00 39.21 ? 165  SER A OG    1 
ATOM   1419 N N     . GLU A 1 185 ? -16.981 13.221  5.661   1.00 38.85 ? 166  GLU A N     1 
ATOM   1420 C CA    . GLU A 1 185 ? -16.262 14.479  5.828   1.00 40.92 ? 166  GLU A CA    1 
ATOM   1421 C C     . GLU A 1 185 ? -16.548 15.141  7.175   1.00 42.12 ? 166  GLU A C     1 
ATOM   1422 O O     . GLU A 1 185 ? -15.837 16.067  7.566   1.00 42.28 ? 166  GLU A O     1 
ATOM   1423 C CB    . GLU A 1 185 ? -16.548 15.442  4.678   1.00 44.77 ? 166  GLU A CB    1 
ATOM   1424 C CG    . GLU A 1 185 ? -15.882 15.053  3.369   1.00 47.68 ? 166  GLU A CG    1 
ATOM   1425 C CD    . GLU A 1 185 ? -16.246 15.985  2.227   1.00 51.79 ? 166  GLU A CD    1 
ATOM   1426 O OE1   . GLU A 1 185 ? -15.933 17.193  2.301   1.00 55.88 ? 166  GLU A OE1   1 
ATOM   1427 O OE2   . GLU A 1 185 ? -16.848 15.507  1.247   1.00 53.21 ? 166  GLU A OE2   1 
ATOM   1428 N N     . LYS A 1 186 ? -17.571 14.669  7.886   1.00 42.87 ? 167  LYS A N     1 
ATOM   1429 C CA    . LYS A 1 186 ? -17.880 15.257  9.189   1.00 45.42 ? 167  LYS A CA    1 
ATOM   1430 C C     . LYS A 1 186 ? -16.917 14.764  10.273  1.00 44.15 ? 167  LYS A C     1 
ATOM   1431 O O     . LYS A 1 186 ? -16.898 13.582  10.635  1.00 43.46 ? 167  LYS A O     1 
ATOM   1432 C CB    . LYS A 1 186 ? -19.362 15.123  9.584   1.00 49.08 ? 167  LYS A CB    1 
ATOM   1433 C CG    . LYS A 1 186 ? -19.890 13.709  9.760   1.00 53.16 ? 167  LYS A CG    1 
ATOM   1434 C CD    . LYS A 1 186 ? -21.407 13.700  9.910   1.00 58.70 ? 167  LYS A CD    1 
ATOM   1435 C CE    . LYS A 1 186 ? -22.110 13.685  8.556   1.00 60.33 ? 167  LYS A CE    1 
ATOM   1436 N NZ    . LYS A 1 186 ? -23.595 13.768  8.682   1.00 60.52 ? 167  LYS A NZ    1 
ATOM   1437 N N     . VAL A 1 187 ? -16.110 15.697  10.760  1.00 41.43 ? 168  VAL A N     1 
ATOM   1438 C CA    . VAL A 1 187 ? -15.081 15.426  11.752  1.00 39.57 ? 168  VAL A CA    1 
ATOM   1439 C C     . VAL A 1 187 ? -15.687 15.500  13.158  1.00 38.97 ? 168  VAL A C     1 
ATOM   1440 O O     . VAL A 1 187 ? -16.412 16.445  13.473  1.00 39.08 ? 168  VAL A O     1 
ATOM   1441 C CB    . VAL A 1 187 ? -13.917 16.422  11.562  1.00 37.26 ? 168  VAL A CB    1 
ATOM   1442 C CG1   . VAL A 1 187 ? -12.974 16.435  12.759  1.00 39.12 ? 168  VAL A CG1   1 
ATOM   1443 C CG2   . VAL A 1 187 ? -13.149 16.088  10.292  1.00 38.09 ? 168  VAL A CG2   1 
ATOM   1444 N N     . HIS A 1 188 ? -15.428 14.483  13.977  1.00 36.21 ? 169  HIS A N     1 
ATOM   1445 C CA    . HIS A 1 188 ? -15.835 14.488  15.384  1.00 36.02 ? 169  HIS A CA    1 
ATOM   1446 C C     . HIS A 1 188 ? -14.636 14.820  16.263  1.00 37.18 ? 169  HIS A C     1 
ATOM   1447 O O     . HIS A 1 188 ? -13.579 14.180  16.160  1.00 33.55 ? 169  HIS A O     1 
ATOM   1448 C CB    . HIS A 1 188 ? -16.412 13.137  15.801  1.00 36.29 ? 169  HIS A CB    1 
ATOM   1449 C CG    . HIS A 1 188 ? -17.671 12.770  15.081  1.00 40.02 ? 169  HIS A CG    1 
ATOM   1450 N ND1   . HIS A 1 188 ? -18.902 12.755  15.701  1.00 42.12 ? 169  HIS A ND1   1 
ATOM   1451 C CD2   . HIS A 1 188 ? -17.891 12.404  13.796  1.00 40.19 ? 169  HIS A CD2   1 
ATOM   1452 C CE1   . HIS A 1 188 ? -19.827 12.391  14.831  1.00 42.06 ? 169  HIS A CE1   1 
ATOM   1453 N NE2   . HIS A 1 188 ? -19.241 12.178  13.666  1.00 42.92 ? 169  HIS A NE2   1 
ATOM   1454 N N     . LYS A 1 189 ? -14.811 15.814  17.129  1.00 38.41 ? 170  LYS A N     1 
ATOM   1455 C CA    . LYS A 1 189 ? -13.748 16.303  18.000  1.00 41.44 ? 170  LYS A CA    1 
ATOM   1456 C C     . LYS A 1 189 ? -13.806 15.635  19.365  1.00 41.19 ? 170  LYS A C     1 
ATOM   1457 O O     . LYS A 1 189 ? -14.864 15.565  19.990  1.00 40.01 ? 170  LYS A O     1 
ATOM   1458 C CB    . LYS A 1 189 ? -13.855 17.821  18.141  1.00 45.31 ? 170  LYS A CB    1 
ATOM   1459 C CG    . LYS A 1 189 ? -13.027 18.600  17.128  1.00 50.71 ? 170  LYS A CG    1 
ATOM   1460 C CD    . LYS A 1 189 ? -11.921 19.415  17.799  1.00 55.20 ? 170  LYS A CD    1 
ATOM   1461 C CE    . LYS A 1 189 ? -11.199 18.624  18.884  1.00 57.26 ? 170  LYS A CE    1 
ATOM   1462 N NZ    . LYS A 1 189 ? -10.177 19.415  19.630  1.00 59.40 ? 170  LYS A NZ    1 
ATOM   1463 N N     . ALA A 1 190 ? -12.666 15.131  19.828  1.00 38.81 ? 171  ALA A N     1 
ATOM   1464 C CA    . ALA A 1 190 ? -12.631 14.417  21.101  1.00 41.30 ? 171  ALA A CA    1 
ATOM   1465 C C     . ALA A 1 190 ? -12.425 15.369  22.278  1.00 44.31 ? 171  ALA A C     1 
ATOM   1466 O O     . ALA A 1 190 ? -12.857 15.089  23.397  1.00 45.31 ? 171  ALA A O     1 
ATOM   1467 C CB    . ALA A 1 190 ? -11.572 13.325  21.074  1.00 40.07 ? 171  ALA A CB    1 
ATOM   1468 N N     . GLU A 1 191 ? -11.767 16.495  22.013  1.00 49.66 ? 172  GLU A N     1 
ATOM   1469 C CA    . GLU A 1 191 ? -11.616 17.563  23.004  1.00 55.67 ? 172  GLU A CA    1 
ATOM   1470 C C     . GLU A 1 191 ? -11.822 18.932  22.355  1.00 56.78 ? 172  GLU A C     1 
ATOM   1471 O O     . GLU A 1 191 ? -12.281 19.875  22.995  1.00 58.83 ? 172  GLU A O     1 
ATOM   1472 C CB    . GLU A 1 191 ? -10.241 17.501  23.674  1.00 55.61 ? 172  GLU A CB    1 
ATOM   1473 C CG    . GLU A 1 191 ? -9.110  18.001  22.789  1.00 58.67 ? 172  GLU A CG    1 
ATOM   1474 C CD    . GLU A 1 191 ? -7.759  17.981  23.476  1.00 63.47 ? 172  GLU A CD    1 
ATOM   1475 O OE1   . GLU A 1 191 ? -7.706  17.711  24.699  1.00 64.27 ? 172  GLU A OE1   1 
ATOM   1476 O OE2   . GLU A 1 191 ? -6.748  18.235  22.780  1.00 67.05 ? 172  GLU A OE2   1 
HETATM 1477 N N1    . FMN B 2 .   ? -1.578  -9.165  -0.579  1.00 15.76 ? 173  FMN A N1    1 
HETATM 1478 C C2    . FMN B 2 .   ? -0.648  -9.139  0.441   1.00 16.34 ? 173  FMN A C2    1 
HETATM 1479 O O2    . FMN B 2 .   ? 0.303   -9.910  0.418   1.00 16.90 ? 173  FMN A O2    1 
HETATM 1480 N N3    . FMN B 2 .   ? -0.766  -8.232  1.501   1.00 15.23 ? 173  FMN A N3    1 
HETATM 1481 C C4    . FMN B 2 .   ? -1.830  -7.329  1.522   1.00 15.66 ? 173  FMN A C4    1 
HETATM 1482 O O4    . FMN B 2 .   ? -1.899  -6.544  2.471   1.00 15.43 ? 173  FMN A O4    1 
HETATM 1483 C C4A   . FMN B 2 .   ? -2.768  -7.363  0.493   1.00 15.54 ? 173  FMN A C4A   1 
HETATM 1484 N N5    . FMN B 2 .   ? -3.828  -6.480  0.495   1.00 15.51 ? 173  FMN A N5    1 
HETATM 1485 C C5A   . FMN B 2 .   ? -4.683  -6.451  -0.574  1.00 15.42 ? 173  FMN A C5A   1 
HETATM 1486 C C6    . FMN B 2 .   ? -5.668  -5.478  -0.575  1.00 15.75 ? 173  FMN A C6    1 
HETATM 1487 C C7    . FMN B 2 .   ? -6.535  -5.444  -1.647  1.00 15.46 ? 173  FMN A C7    1 
HETATM 1488 C C7M   . FMN B 2 .   ? -7.621  -4.363  -1.645  1.00 14.92 ? 173  FMN A C7M   1 
HETATM 1489 C C8    . FMN B 2 .   ? -6.437  -6.366  -2.698  1.00 15.66 ? 173  FMN A C8    1 
HETATM 1490 C C8M   . FMN B 2 .   ? -7.410  -6.303  -3.865  1.00 17.13 ? 173  FMN A C8M   1 
HETATM 1491 C C9    . FMN B 2 .   ? -5.445  -7.343  -2.706  1.00 15.46 ? 173  FMN A C9    1 
HETATM 1492 C C9A   . FMN B 2 .   ? -4.564  -7.368  -1.630  1.00 15.52 ? 173  FMN A C9A   1 
HETATM 1493 N N10   . FMN B 2 .   ? -3.536  -8.317  -1.582  1.00 15.71 ? 173  FMN A N10   1 
HETATM 1494 C C10   . FMN B 2 .   ? -2.640  -8.279  -0.550  1.00 15.67 ? 173  FMN A C10   1 
HETATM 1495 C "C1'" . FMN B 2 .   ? -3.314  -9.238  -2.729  1.00 16.12 ? 173  FMN A "C1'" 1 
HETATM 1496 C "C2'" . FMN B 2 .   ? -2.328  -8.713  -3.780  1.00 16.74 ? 173  FMN A "C2'" 1 
HETATM 1497 O "O2'" . FMN B 2 .   ? -2.493  -7.300  -4.035  1.00 15.91 ? 173  FMN A "O2'" 1 
HETATM 1498 C "C3'" . FMN B 2 .   ? -2.556  -9.520  -5.079  1.00 18.39 ? 173  FMN A "C3'" 1 
HETATM 1499 O "O3'" . FMN B 2 .   ? -2.226  -10.884 -4.768  1.00 17.94 ? 173  FMN A "O3'" 1 
HETATM 1500 C "C4'" . FMN B 2 .   ? -1.713  -9.032  -6.277  1.00 19.03 ? 173  FMN A "C4'" 1 
HETATM 1501 O "O4'" . FMN B 2 .   ? -2.184  -9.663  -7.496  1.00 20.72 ? 173  FMN A "O4'" 1 
HETATM 1502 C "C5'" . FMN B 2 .   ? -0.215  -9.330  -6.124  1.00 19.19 ? 173  FMN A "C5'" 1 
HETATM 1503 O "O5'" . FMN B 2 .   ? 0.390   -9.011  -7.337  1.00 19.26 ? 173  FMN A "O5'" 1 
HETATM 1504 P P     . FMN B 2 .   ? 1.902   -9.237  -7.549  1.00 20.51 ? 173  FMN A P     1 
HETATM 1505 O O1P   . FMN B 2 .   ? 2.281   -8.483  -8.896  1.00 21.23 ? 173  FMN A O1P   1 
HETATM 1506 O O2P   . FMN B 2 .   ? 1.988   -10.825 -7.718  1.00 19.87 ? 173  FMN A O2P   1 
HETATM 1507 O O3P   . FMN B 2 .   ? 2.770   -8.795  -6.430  1.00 20.51 ? 173  FMN A O3P   1 
HETATM 1508 C C1    A A2Q C 3 .   ? -3.669  -10.682 1.595   0.50 16.86 ? 200  A2Q A C1    1 
HETATM 1509 C C1    B A2Q C 3 .   ? -6.432  -8.751  1.492   0.50 28.60 ? 200  A2Q A C1    1 
HETATM 1510 C C2    A A2Q C 3 .   ? -4.713  -10.843 0.683   0.50 17.28 ? 200  A2Q A C2    1 
HETATM 1511 C C2    B A2Q C 3 .   ? -6.400  -9.536  0.338   0.50 28.58 ? 200  A2Q A C2    1 
HETATM 1512 C C3    A A2Q C 3 .   ? -5.672  -9.641  0.587   0.50 16.97 ? 200  A2Q A C3    1 
HETATM 1513 C C3    B A2Q C 3 .   ? -5.684  -10.838 0.603   0.50 30.46 ? 200  A2Q A C3    1 
HETATM 1514 C C4    A A2Q C 3 .   ? -5.924  -8.925  1.918   0.50 17.53 ? 200  A2Q A C4    1 
HETATM 1515 C C4    B A2Q C 3 .   ? -4.290  -10.558 1.152   0.50 29.37 ? 200  A2Q A C4    1 
HETATM 1516 C C5    A A2Q C 3 .   ? -4.806  -8.875  2.748   0.50 17.01 ? 200  A2Q A C5    1 
HETATM 1517 C C5    B A2Q C 3 .   ? -4.374  -9.747  2.283   0.50 29.63 ? 200  A2Q A C5    1 
HETATM 1518 C C6    A A2Q C 3 .   ? -3.731  -9.744  2.621   0.50 16.92 ? 200  A2Q A C6    1 
HETATM 1519 C C6    B A2Q C 3 .   ? -5.427  -8.854  2.449   0.50 29.07 ? 200  A2Q A C6    1 
HETATM 1520 O O1    A A2Q C 3 .   ? -2.687  -11.414 1.527   0.50 16.32 ? 200  A2Q A O1    1 
HETATM 1521 O O1    B A2Q C 3 .   ? -7.344  -7.951  1.673   0.50 26.07 ? 200  A2Q A O1    1 
HETATM 1522 O O     . HOH D 4 .   ? -19.392 -20.650 9.454   1.00 42.46 ? 2001 HOH A O     1 
HETATM 1523 O O     . HOH D 4 .   ? -12.313 -17.998 9.712   1.00 46.26 ? 2002 HOH A O     1 
HETATM 1524 O O     . HOH D 4 .   ? -8.179  -14.722 9.591   1.00 31.47 ? 2003 HOH A O     1 
HETATM 1525 O O     . HOH D 4 .   ? 12.940  -14.359 -3.844  1.00 37.50 ? 2004 HOH A O     1 
HETATM 1526 O O     . HOH D 4 .   ? -6.853  1.675   8.597   0.50 31.59 ? 2005 HOH A O     1 
HETATM 1527 O O     . HOH D 4 .   ? -4.517  -0.554  6.517   1.00 18.72 ? 2006 HOH A O     1 
HETATM 1528 O O     . HOH D 4 .   ? -5.770  4.919   0.399   1.00 19.05 ? 2007 HOH A O     1 
HETATM 1529 O O     . HOH D 4 .   ? -3.062  8.124   3.697   1.00 18.67 ? 2008 HOH A O     1 
HETATM 1530 O O     . HOH D 4 .   ? -3.940  2.014   7.987   1.00 31.06 ? 2009 HOH A O     1 
HETATM 1531 O O     . HOH D 4 .   ? 4.923   -4.289  -6.154  1.00 23.32 ? 2010 HOH A O     1 
HETATM 1532 O O     . HOH D 4 .   ? 11.885  -3.553  -4.839  1.00 23.01 ? 2011 HOH A O     1 
HETATM 1533 O O     . HOH D 4 .   ? -2.345  -5.051  -21.787 1.00 52.34 ? 2012 HOH A O     1 
HETATM 1534 O O     . HOH D 4 .   ? 19.133  -2.599  -9.996  0.50 31.08 ? 2013 HOH A O     1 
HETATM 1535 O O     . HOH D 4 .   ? 6.792   -2.879  -15.336 1.00 38.01 ? 2014 HOH A O     1 
HETATM 1536 O O     . HOH D 4 .   ? 4.175   -19.082 3.467   1.00 36.70 ? 2015 HOH A O     1 
HETATM 1537 O O     . HOH D 4 .   ? -2.669  0.190   10.659  1.00 40.35 ? 2016 HOH A O     1 
HETATM 1538 O O     . HOH D 4 .   ? 9.929   11.628  12.657  1.00 45.90 ? 2017 HOH A O     1 
HETATM 1539 O O     . HOH D 4 .   ? 14.283  5.506   18.085  1.00 38.99 ? 2018 HOH A O     1 
HETATM 1540 O O     . HOH D 4 .   ? 12.676  9.540   10.315  1.00 39.36 ? 2019 HOH A O     1 
HETATM 1541 O O     . HOH D 4 .   ? 13.171  7.278   8.820   1.00 35.54 ? 2020 HOH A O     1 
HETATM 1542 O O     . HOH D 4 .   ? 2.279   -17.345 -0.252  1.00 35.05 ? 2021 HOH A O     1 
HETATM 1543 O O     . HOH D 4 .   ? 8.831   -15.788 -2.611  1.00 42.52 ? 2022 HOH A O     1 
HETATM 1544 O O     . HOH D 4 .   ? 10.755  -13.906 -2.392  1.00 34.55 ? 2023 HOH A O     1 
HETATM 1545 O O     . HOH D 4 .   ? 13.995  -12.229 -4.784  1.00 38.32 ? 2024 HOH A O     1 
HETATM 1546 O O     . HOH D 4 .   ? 14.910  -7.022  1.259   1.00 46.03 ? 2025 HOH A O     1 
HETATM 1547 O O     . HOH D 4 .   ? 14.188  -8.991  3.170   1.00 46.89 ? 2026 HOH A O     1 
HETATM 1548 O O     . HOH D 4 .   ? -4.688  8.639   -6.158  1.00 29.38 ? 2027 HOH A O     1 
HETATM 1549 O O     . HOH D 4 .   ? -11.037 4.256   -11.002 1.00 35.77 ? 2028 HOH A O     1 
HETATM 1550 O O     . HOH D 4 .   ? -10.170 -2.569  -12.597 1.00 38.39 ? 2029 HOH A O     1 
HETATM 1551 O O     . HOH D 4 .   ? -8.897  -8.037  -12.611 1.00 42.87 ? 2030 HOH A O     1 
HETATM 1552 O O     . HOH D 4 .   ? -1.908  -11.453 -14.003 1.00 40.70 ? 2031 HOH A O     1 
HETATM 1553 O O     . HOH D 4 .   ? 3.699   -9.797  -15.420 1.00 40.51 ? 2032 HOH A O     1 
HETATM 1554 O O     . HOH D 4 .   ? 2.789   -12.765 -14.221 1.00 44.19 ? 2033 HOH A O     1 
HETATM 1555 O O     . HOH D 4 .   ? -1.270  -6.554  -19.404 1.00 47.78 ? 2034 HOH A O     1 
HETATM 1556 O O     . HOH D 4 .   ? -6.133  6.245   -18.338 1.00 30.35 ? 2035 HOH A O     1 
HETATM 1557 O O     . HOH D 4 .   ? -4.656  7.984   -13.059 1.00 41.77 ? 2036 HOH A O     1 
HETATM 1558 O O     . HOH D 4 .   ? 9.046   11.522  -6.286  1.00 37.40 ? 2037 HOH A O     1 
HETATM 1559 O O     . HOH D 4 .   ? 9.657   12.693  -9.512  1.00 42.73 ? 2038 HOH A O     1 
HETATM 1560 O O     . HOH D 4 .   ? 12.911  6.091   -8.852  1.00 38.91 ? 2039 HOH A O     1 
HETATM 1561 O O     . HOH D 4 .   ? 16.622  3.184   -11.120 0.50 52.01 ? 2040 HOH A O     1 
HETATM 1562 O O     . HOH D 4 .   ? 8.356   10.057  -3.920  1.00 34.65 ? 2041 HOH A O     1 
HETATM 1563 O O     . HOH D 4 .   ? 2.095   12.113  -3.975  1.00 35.43 ? 2042 HOH A O     1 
HETATM 1564 O O     . HOH D 4 .   ? 18.610  -1.191  5.308   1.00 43.68 ? 2043 HOH A O     1 
HETATM 1565 O O     . HOH D 4 .   ? 11.143  -14.994 10.502  1.00 34.74 ? 2044 HOH A O     1 
HETATM 1566 O O     . HOH D 4 .   ? 7.185   -15.600 4.939   1.00 30.72 ? 2045 HOH A O     1 
HETATM 1567 O O     . HOH D 4 .   ? 5.033   -16.998 5.132   1.00 32.46 ? 2046 HOH A O     1 
HETATM 1568 O O     . HOH D 4 .   ? 7.906   -7.738  14.155  1.00 74.83 ? 2047 HOH A O     1 
HETATM 1569 O O     . HOH D 4 .   ? 4.484   -17.596 12.628  1.00 43.06 ? 2048 HOH A O     1 
HETATM 1570 O O     . HOH D 4 .   ? 1.950   -17.956 2.369   1.00 45.27 ? 2049 HOH A O     1 
HETATM 1571 O O     . HOH D 4 .   ? -2.081  -19.747 4.162   1.00 44.18 ? 2050 HOH A O     1 
HETATM 1572 O O     . HOH D 4 .   ? 3.767   -11.071 8.306   1.00 31.54 ? 2051 HOH A O     1 
HETATM 1573 O O     . HOH D 4 .   ? -8.221  13.122  -4.527  1.00 37.12 ? 2052 HOH A O     1 
HETATM 1574 O O     . HOH D 4 .   ? -6.503  19.135  5.794   1.00 48.52 ? 2053 HOH A O     1 
HETATM 1575 O O     . HOH D 4 .   ? -11.704 19.693  3.171   1.00 44.97 ? 2054 HOH A O     1 
HETATM 1576 O O     . HOH D 4 .   ? -11.055 17.244  5.974   1.00 31.20 ? 2055 HOH A O     1 
HETATM 1577 O O     . HOH D 4 .   ? -11.352 10.707  2.393   1.00 27.84 ? 2056 HOH A O     1 
HETATM 1578 O O     . HOH D 4 .   ? -14.324 20.986  -3.382  1.00 44.17 ? 2057 HOH A O     1 
HETATM 1579 O O     . HOH D 4 .   ? -17.565 5.804   0.259   1.00 40.70 ? 2058 HOH A O     1 
HETATM 1580 O O     . HOH D 4 .   ? -19.364 13.807  4.057   1.00 48.25 ? 2059 HOH A O     1 
HETATM 1581 O O     . HOH D 4 .   ? -20.554 10.780  11.361  1.00 49.08 ? 2060 HOH A O     1 
HETATM 1582 O O     . HOH D 4 .   ? -17.411 16.941  17.455  1.00 39.91 ? 2061 HOH A O     1 
HETATM 1583 O O     . HOH D 4 .   ? -4.733  -11.981 -4.131  1.00 37.33 ? 2062 HOH A O     1 
# 
loop_
_pdbx_poly_seq_scheme.asym_id 
_pdbx_poly_seq_scheme.entity_id 
_pdbx_poly_seq_scheme.seq_id 
_pdbx_poly_seq_scheme.mon_id 
_pdbx_poly_seq_scheme.ndb_seq_num 
_pdbx_poly_seq_scheme.pdb_seq_num 
_pdbx_poly_seq_scheme.auth_seq_num 
_pdbx_poly_seq_scheme.pdb_mon_id 
_pdbx_poly_seq_scheme.auth_mon_id 
_pdbx_poly_seq_scheme.pdb_strand_id 
_pdbx_poly_seq_scheme.pdb_ins_code 
_pdbx_poly_seq_scheme.hetero 
A 1 1   MET 1   -18 ?   ?   ?   A . n 
A 1 2   GLY 2   -17 ?   ?   ?   A . n 
A 1 3   SER 3   -16 ?   ?   ?   A . n 
A 1 4   ASP 4   -15 ?   ?   ?   A . n 
A 1 5   LYS 5   -14 ?   ?   ?   A . n 
A 1 6   ILE 6   -13 ?   ?   ?   A . n 
A 1 7   HIS 7   -12 ?   ?   ?   A . n 
A 1 8   HIS 8   -11 ?   ?   ?   A . n 
A 1 9   HIS 9   -10 ?   ?   ?   A . n 
A 1 10  HIS 10  -9  ?   ?   ?   A . n 
A 1 11  HIS 11  -8  ?   ?   ?   A . n 
A 1 12  HIS 12  -7  -7  HIS HIS A . n 
A 1 13  GLU 13  -6  -6  GLU GLU A . n 
A 1 14  ASN 14  -5  -5  ASN ASN A . n 
A 1 15  LEU 15  -4  -4  LEU LEU A . n 
A 1 16  TYR 16  -3  -3  TYR TYR A . n 
A 1 17  PHE 17  -2  -2  PHE PHE A . n 
A 1 18  GLN 18  -1  -1  GLN GLN A . n 
A 1 19  GLY 19  0   0   GLY GLY A . n 
A 1 20  MET 20  1   1   MET MET A . n 
A 1 21  GLU 21  2   2   GLU GLU A . n 
A 1 22  GLY 22  3   3   GLY GLY A . n 
A 1 23  TYR 23  4   4   TYR TYR A . n 
A 1 24  ARG 24  5   5   ARG ARG A . n 
A 1 25  LEU 25  6   6   LEU LEU A . n 
A 1 26  LEU 26  7   7   LEU LEU A . n 
A 1 27  TYR 27  8   8   TYR TYR A . n 
A 1 28  PRO 28  9   9   PRO PRO A . n 
A 1 29  MET 29  10  10  MET MET A . n 
A 1 30  ARG 30  11  11  ARG ARG A . n 
A 1 31  THR 31  12  12  THR THR A . n 
A 1 32  TYR 32  13  13  TYR TYR A . n 
A 1 33  LEU 33  14  14  LEU LEU A . n 
A 1 34  ILE 34  15  15  ILE ILE A . n 
A 1 35  VAL 35  16  16  VAL VAL A . n 
A 1 36  SER 36  17  17  SER SER A . n 
A 1 37  GLY 37  18  18  GLY GLY A . n 
A 1 38  HIS 38  19  19  HIS HIS A . n 
A 1 39  GLY 39  20  20  GLY GLY A . n 
A 1 40  GLU 40  21  21  GLU GLU A . n 
A 1 41  GLU 41  22  22  GLU GLU A . n 
A 1 42  THR 42  23  23  THR THR A . n 
A 1 43  ASN 43  24  24  ASN ASN A . n 
A 1 44  VAL 44  25  25  VAL VAL A . n 
A 1 45  MET 45  26  26  MET MET A . n 
A 1 46  ALA 46  27  27  ALA ALA A . n 
A 1 47  ALA 47  28  28  ALA ALA A . n 
A 1 48  ASP 48  29  29  ASP ASP A . n 
A 1 49  TRP 49  30  30  TRP TRP A . n 
A 1 50  VAL 50  31  31  VAL VAL A . n 
A 1 51  THR 51  32  32  THR THR A . n 
A 1 52  VAL 52  33  33  VAL VAL A . n 
A 1 53  VAL 53  34  34  VAL VAL A . n 
A 1 54  SER 54  35  35  SER SER A . n 
A 1 55  PHE 55  36  36  PHE PHE A . n 
A 1 56  ASP 56  37  37  ASP ASP A . n 
A 1 57  PRO 57  38  38  PRO PRO A . n 
A 1 58  PHE 58  39  39  PHE PHE A . n 
A 1 59  ILE 59  40  40  ILE ILE A . n 
A 1 60  VAL 60  41  41  VAL VAL A . n 
A 1 61  GLY 61  42  42  GLY GLY A . n 
A 1 62  VAL 62  43  43  VAL VAL A . n 
A 1 63  ALA 63  44  44  ALA ALA A . n 
A 1 64  VAL 64  45  45  VAL VAL A . n 
A 1 65  ALA 65  46  46  ALA ALA A . n 
A 1 66  PRO 66  47  47  PRO PRO A . n 
A 1 67  LYS 67  48  48  LYS LYS A . n 
A 1 68  ARG 68  49  49  ARG ARG A . n 
A 1 69  THR 69  50  50  THR THR A . n 
A 1 70  THR 70  51  51  THR THR A . n 
A 1 71  HIS 71  52  52  HIS HIS A . n 
A 1 72  LYS 72  53  53  LYS LYS A . n 
A 1 73  LEU 73  54  54  LEU LEU A . n 
A 1 74  ILE 74  55  55  ILE ILE A . n 
A 1 75  LYS 75  56  56  LYS LYS A . n 
A 1 76  LYS 76  57  57  LYS LYS A . n 
A 1 77  TYR 77  58  58  TYR TYR A . n 
A 1 78  GLY 78  59  59  GLY GLY A . n 
A 1 79  GLU 79  60  60  GLU GLU A . n 
A 1 80  PHE 80  61  61  PHE PHE A . n 
A 1 81  VAL 81  62  62  VAL VAL A . n 
A 1 82  ILE 82  63  63  ILE ILE A . n 
A 1 83  SER 83  64  64  SER SER A . n 
A 1 84  VAL 84  65  65  VAL VAL A . n 
A 1 85  PRO 85  66  66  PRO PRO A . n 
A 1 86  SER 86  67  67  SER SER A . n 
A 1 87  LEU 87  68  68  LEU LEU A . n 
A 1 88  ASP 88  69  69  ASP ASP A . n 
A 1 89  VAL 89  70  70  VAL VAL A . n 
A 1 90  LEU 90  71  71  LEU LEU A . n 
A 1 91  ARG 91  72  72  ARG ARG A . n 
A 1 92  ASP 92  73  73  ASP ASP A . n 
A 1 93  VAL 93  74  74  VAL VAL A . n 
A 1 94  TRP 94  75  75  TRP TRP A . n 
A 1 95  ILE 95  76  76  ILE ILE A . n 
A 1 96  ALA 96  77  77  ALA ALA A . n 
A 1 97  GLY 97  78  78  GLY GLY A . n 
A 1 98  THR 98  79  79  THR THR A . n 
A 1 99  LYS 99  80  80  LYS LYS A . n 
A 1 100 LYS 100 81  81  LYS LYS A . n 
A 1 101 GLY 101 82  82  GLY GLY A . n 
A 1 102 PRO 102 83  83  PRO PRO A . n 
A 1 103 SER 103 84  84  SER SER A . n 
A 1 104 LYS 104 85  85  LYS LYS A . n 
A 1 105 LEU 105 86  86  LEU LEU A . n 
A 1 106 LYS 106 87  87  LYS LYS A . n 
A 1 107 GLU 107 88  88  GLU GLU A . n 
A 1 108 MET 108 89  89  MET MET A . n 
A 1 109 SER 109 90  90  SER SER A . n 
A 1 110 VAL 110 91  91  VAL VAL A . n 
A 1 111 THR 111 92  92  THR THR A . n 
A 1 112 LEU 112 93  93  LEU LEU A . n 
A 1 113 ILE 113 94  94  ILE ILE A . n 
A 1 114 PRO 114 95  95  PRO PRO A . n 
A 1 115 SER 115 96  96  SER SER A . n 
A 1 116 LYS 116 97  97  LYS LYS A . n 
A 1 117 LYS 117 98  98  LYS LYS A . n 
A 1 118 VAL 118 99  99  VAL VAL A . n 
A 1 119 LYS 119 100 100 LYS LYS A . n 
A 1 120 VAL 120 101 101 VAL VAL A . n 
A 1 121 PRO 121 102 102 PRO PRO A . n 
A 1 122 SER 122 103 103 SER SER A . n 
A 1 123 ILE 123 104 104 ILE ILE A . n 
A 1 124 GLU 124 105 105 GLU GLU A . n 
A 1 125 GLU 125 106 106 GLU GLU A . n 
A 1 126 ALA 126 107 107 ALA ALA A . n 
A 1 127 LEU 127 108 108 LEU LEU A . n 
A 1 128 ALA 128 109 109 ALA ALA A . n 
A 1 129 ASN 129 110 110 ASN ASN A . n 
A 1 130 ILE 130 111 111 ILE ILE A . n 
A 1 131 GLU 131 112 112 GLU GLU A . n 
A 1 132 CYS 132 113 113 CYS CYS A . n 
A 1 133 ARG 133 114 114 ARG ARG A . n 
A 1 134 VAL 134 115 115 VAL VAL A . n 
A 1 135 ILE 135 116 116 ILE ILE A . n 
A 1 136 ASP 136 117 117 ASP ASP A . n 
A 1 137 ALA 137 118 118 ALA ALA A . n 
A 1 138 ARG 138 119 119 ARG ARG A . n 
A 1 139 SER 139 120 120 SER SER A . n 
A 1 140 TYR 140 121 121 TYR TYR A . n 
A 1 141 GLY 141 122 122 GLY GLY A . n 
A 1 142 ASP 142 123 123 ASP ASP A . n 
A 1 143 HIS 143 124 124 HIS HIS A . n 
A 1 144 THR 144 125 125 THR THR A . n 
A 1 145 PHE 145 126 126 PHE PHE A . n 
A 1 146 PHE 146 127 127 PHE PHE A . n 
A 1 147 VAL 147 128 128 VAL VAL A . n 
A 1 148 GLY 148 129 129 GLY GLY A . n 
A 1 149 GLU 149 130 130 GLU GLU A . n 
A 1 150 VAL 150 131 131 VAL VAL A . n 
A 1 151 VAL 151 132 132 VAL VAL A . n 
A 1 152 GLY 152 133 133 GLY GLY A . n 
A 1 153 TYR 153 134 134 TYR TYR A . n 
A 1 154 THR 154 135 135 THR THR A . n 
A 1 155 TYR 155 136 136 TYR TYR A . n 
A 1 156 LYS 156 137 137 LYS LYS A . n 
A 1 157 ASP 157 138 138 ASP ASP A . n 
A 1 158 TYR 158 139 139 TYR TYR A . n 
A 1 159 ALA 159 140 140 ALA ALA A . n 
A 1 160 PHE 160 141 141 PHE PHE A . n 
A 1 161 GLU 161 142 142 GLU GLU A . n 
A 1 162 LYS 162 143 143 LYS LYS A . n 
A 1 163 GLY 163 144 144 GLY GLY A . n 
A 1 164 LYS 164 145 145 LYS LYS A . n 
A 1 165 PRO 165 146 146 PRO PRO A . n 
A 1 166 ASN 166 147 147 ASN ASN A . n 
A 1 167 LEU 167 148 148 LEU LEU A . n 
A 1 168 LYS 168 149 149 LYS LYS A . n 
A 1 169 ALA 169 150 150 ALA ALA A . n 
A 1 170 LYS 170 151 151 LYS LYS A . n 
A 1 171 PHE 171 152 152 PHE PHE A . n 
A 1 172 LEU 172 153 153 LEU LEU A . n 
A 1 173 ALA 173 154 154 ALA ALA A . n 
A 1 174 HIS 174 155 155 HIS HIS A . n 
A 1 175 VAL 175 156 156 VAL VAL A . n 
A 1 176 SER 176 157 157 SER SER A . n 
A 1 177 TRP 177 158 158 TRP TRP A . n 
A 1 178 SER 178 159 159 SER SER A . n 
A 1 179 GLU 179 160 160 GLU GLU A . n 
A 1 180 PHE 180 161 161 PHE PHE A . n 
A 1 181 VAL 181 162 162 VAL VAL A . n 
A 1 182 THR 182 163 163 THR THR A . n 
A 1 183 PHE 183 164 164 PHE PHE A . n 
A 1 184 SER 184 165 165 SER SER A . n 
A 1 185 GLU 185 166 166 GLU GLU A . n 
A 1 186 LYS 186 167 167 LYS LYS A . n 
A 1 187 VAL 187 168 168 VAL VAL A . n 
A 1 188 HIS 188 169 169 HIS HIS A . n 
A 1 189 LYS 189 170 170 LYS LYS A . n 
A 1 190 ALA 190 171 171 ALA ALA A . n 
A 1 191 GLU 191 172 172 GLU GLU A . n 
# 
loop_
_pdbx_nonpoly_scheme.asym_id 
_pdbx_nonpoly_scheme.entity_id 
_pdbx_nonpoly_scheme.mon_id 
_pdbx_nonpoly_scheme.ndb_seq_num 
_pdbx_nonpoly_scheme.pdb_seq_num 
_pdbx_nonpoly_scheme.auth_seq_num 
_pdbx_nonpoly_scheme.pdb_mon_id 
_pdbx_nonpoly_scheme.auth_mon_id 
_pdbx_nonpoly_scheme.pdb_strand_id 
_pdbx_nonpoly_scheme.pdb_ins_code 
B 2 FMN 1  173  173  FMN FMN A . 
C 3 A2Q 1  200  200  A2Q A2Q A . 
D 4 HOH 1  2001 2001 HOH HOH A . 
D 4 HOH 2  2002 2002 HOH HOH A . 
D 4 HOH 3  2003 2003 HOH HOH A . 
D 4 HOH 4  2004 2004 HOH HOH A . 
D 4 HOH 5  2005 2005 HOH HOH A . 
D 4 HOH 6  2006 2006 HOH HOH A . 
D 4 HOH 7  2007 2007 HOH HOH A . 
D 4 HOH 8  2008 2008 HOH HOH A . 
D 4 HOH 9  2009 2009 HOH HOH A . 
D 4 HOH 10 2010 2010 HOH HOH A . 
D 4 HOH 11 2011 2011 HOH HOH A . 
D 4 HOH 12 2012 2012 HOH HOH A . 
D 4 HOH 13 2013 2013 HOH HOH A . 
D 4 HOH 14 2014 2014 HOH HOH A . 
D 4 HOH 15 2015 2015 HOH HOH A . 
D 4 HOH 16 2016 2016 HOH HOH A . 
D 4 HOH 17 2017 2017 HOH HOH A . 
D 4 HOH 18 2018 2018 HOH HOH A . 
D 4 HOH 19 2019 2019 HOH HOH A . 
D 4 HOH 20 2020 2020 HOH HOH A . 
D 4 HOH 21 2021 2021 HOH HOH A . 
D 4 HOH 22 2022 2022 HOH HOH A . 
D 4 HOH 23 2023 2023 HOH HOH A . 
D 4 HOH 24 2024 2024 HOH HOH A . 
D 4 HOH 25 2025 2025 HOH HOH A . 
D 4 HOH 26 2026 2026 HOH HOH A . 
D 4 HOH 27 2027 2027 HOH HOH A . 
D 4 HOH 28 2028 2028 HOH HOH A . 
D 4 HOH 29 2029 2029 HOH HOH A . 
D 4 HOH 30 2030 2030 HOH HOH A . 
D 4 HOH 31 2031 2031 HOH HOH A . 
D 4 HOH 32 2032 2032 HOH HOH A . 
D 4 HOH 33 2033 2033 HOH HOH A . 
D 4 HOH 34 2034 2034 HOH HOH A . 
D 4 HOH 35 2035 2035 HOH HOH A . 
D 4 HOH 36 2036 2036 HOH HOH A . 
D 4 HOH 37 2037 2037 HOH HOH A . 
D 4 HOH 38 2038 2038 HOH HOH A . 
D 4 HOH 39 2039 2039 HOH HOH A . 
D 4 HOH 40 2040 2040 HOH HOH A . 
D 4 HOH 41 2041 2041 HOH HOH A . 
D 4 HOH 42 2042 2042 HOH HOH A . 
D 4 HOH 43 2043 2043 HOH HOH A . 
D 4 HOH 44 2044 2044 HOH HOH A . 
D 4 HOH 45 2045 2045 HOH HOH A . 
D 4 HOH 46 2046 2046 HOH HOH A . 
D 4 HOH 47 2047 2047 HOH HOH A . 
D 4 HOH 48 2048 2048 HOH HOH A . 
D 4 HOH 49 2049 2049 HOH HOH A . 
D 4 HOH 50 2050 2050 HOH HOH A . 
D 4 HOH 51 2051 2051 HOH HOH A . 
D 4 HOH 52 2052 2052 HOH HOH A . 
D 4 HOH 53 2053 2053 HOH HOH A . 
D 4 HOH 54 2054 2054 HOH HOH A . 
D 4 HOH 55 2055 2055 HOH HOH A . 
D 4 HOH 56 2056 2056 HOH HOH A . 
D 4 HOH 57 2057 2057 HOH HOH A . 
D 4 HOH 58 2058 2058 HOH HOH A . 
D 4 HOH 59 2059 2059 HOH HOH A . 
D 4 HOH 60 2060 2060 HOH HOH A . 
D 4 HOH 61 2061 2061 HOH HOH A . 
D 4 HOH 62 2062 2062 HOH HOH A . 
# 
_pdbx_struct_assembly.id                   1 
_pdbx_struct_assembly.details              author_and_software_defined_assembly 
_pdbx_struct_assembly.method_details       PISA 
_pdbx_struct_assembly.oligomeric_details   dimeric 
_pdbx_struct_assembly.oligomeric_count     2 
# 
_pdbx_struct_assembly_gen.assembly_id       1 
_pdbx_struct_assembly_gen.oper_expression   1,2 
_pdbx_struct_assembly_gen.asym_id_list      A,B,C,D 
# 
loop_
_pdbx_struct_assembly_prop.biol_id 
_pdbx_struct_assembly_prop.type 
_pdbx_struct_assembly_prop.value 
_pdbx_struct_assembly_prop.details 
1 'ABSA (A^2)' 7930  ? 
1 MORE         -63.8 ? 
1 'SSA (A^2)'  14690 ? 
# 
loop_
_pdbx_struct_oper_list.id 
_pdbx_struct_oper_list.type 
_pdbx_struct_oper_list.name 
_pdbx_struct_oper_list.symmetry_operation 
_pdbx_struct_oper_list.matrix[1][1] 
_pdbx_struct_oper_list.matrix[1][2] 
_pdbx_struct_oper_list.matrix[1][3] 
_pdbx_struct_oper_list.vector[1] 
_pdbx_struct_oper_list.matrix[2][1] 
_pdbx_struct_oper_list.matrix[2][2] 
_pdbx_struct_oper_list.matrix[2][3] 
_pdbx_struct_oper_list.vector[2] 
_pdbx_struct_oper_list.matrix[3][1] 
_pdbx_struct_oper_list.matrix[3][2] 
_pdbx_struct_oper_list.matrix[3][3] 
_pdbx_struct_oper_list.vector[3] 
1 'identity operation'         1_555  x,y,z            1.0000000000 0.0000000000  0.0000000000 0.0000000000  0.0000000000  1.0000000000  0.0000000000  0.0000000000  0.0000000000 0.0000000000  1.0000000000  0.0000000000  
2 'crystal symmetry operation' 10_664 -y+1,-x+1,-z-1/6 0.3539573543 -0.8409960299 0.4091941705 -6.5359766881 -0.8409960299 -0.4776243728 -0.2541665524 -1.1019398752 0.4091941705 -0.2541665524 -0.8763329815 19.3617290175 
# 
loop_
_pdbx_struct_special_symmetry.id 
_pdbx_struct_special_symmetry.PDB_model_num 
_pdbx_struct_special_symmetry.auth_asym_id 
_pdbx_struct_special_symmetry.auth_comp_id 
_pdbx_struct_special_symmetry.auth_seq_id 
_pdbx_struct_special_symmetry.PDB_ins_code 
_pdbx_struct_special_symmetry.label_asym_id 
_pdbx_struct_special_symmetry.label_comp_id 
_pdbx_struct_special_symmetry.label_seq_id 
1 1 A HOH 2005 ? D HOH . 
2 1 A HOH 2040 ? D HOH . 
# 
loop_
_pdbx_audit_revision_history.ordinal 
_pdbx_audit_revision_history.data_content_type 
_pdbx_audit_revision_history.major_revision 
_pdbx_audit_revision_history.minor_revision 
_pdbx_audit_revision_history.revision_date 
1 'Structure model' 1 0 2014-05-14 
2 'Structure model' 1 1 2014-07-02 
3 'Structure model' 1 2 2019-03-06 
4 'Structure model' 1 3 2023-12-20 
# 
_pdbx_audit_revision_details.ordinal             1 
_pdbx_audit_revision_details.revision_ordinal    1 
_pdbx_audit_revision_details.data_content_type   'Structure model' 
_pdbx_audit_revision_details.provider            repository 
_pdbx_audit_revision_details.type                'Initial release' 
_pdbx_audit_revision_details.description         ? 
_pdbx_audit_revision_details.details             ? 
# 
loop_
_pdbx_audit_revision_group.ordinal 
_pdbx_audit_revision_group.revision_ordinal 
_pdbx_audit_revision_group.data_content_type 
_pdbx_audit_revision_group.group 
1 2 'Structure model' 'Database references'      
2 3 'Structure model' 'Data collection'          
3 3 'Structure model' 'Experimental preparation' 
4 3 'Structure model' Other                      
5 4 'Structure model' 'Data collection'          
6 4 'Structure model' 'Database references'      
7 4 'Structure model' 'Derived calculations'     
8 4 'Structure model' Other                      
9 4 'Structure model' 'Refinement description'   
# 
loop_
_pdbx_audit_revision_category.ordinal 
_pdbx_audit_revision_category.revision_ordinal 
_pdbx_audit_revision_category.data_content_type 
_pdbx_audit_revision_category.category 
1  3 'Structure model' database_PDB_rev              
2  3 'Structure model' database_PDB_rev_record       
3  3 'Structure model' exptl_crystal_grow            
4  3 'Structure model' pdbx_database_proc            
5  3 'Structure model' pdbx_database_status          
6  4 'Structure model' chem_comp_atom                
7  4 'Structure model' chem_comp_bond                
8  4 'Structure model' database_2                    
9  4 'Structure model' pdbx_database_status          
10 4 'Structure model' pdbx_initial_refinement_model 
11 4 'Structure model' struct_site                   
# 
loop_
_pdbx_audit_revision_item.ordinal 
_pdbx_audit_revision_item.revision_ordinal 
_pdbx_audit_revision_item.data_content_type 
_pdbx_audit_revision_item.item 
1 3 'Structure model' '_exptl_crystal_grow.method'                  
2 3 'Structure model' '_exptl_crystal_grow.temp'                    
3 3 'Structure model' '_pdbx_database_status.recvd_author_approval' 
4 4 'Structure model' '_database_2.pdbx_DOI'                        
5 4 'Structure model' '_database_2.pdbx_database_accession'         
6 4 'Structure model' '_pdbx_database_status.status_code_sf'        
7 4 'Structure model' '_struct_site.pdbx_auth_asym_id'              
8 4 'Structure model' '_struct_site.pdbx_auth_comp_id'              
9 4 'Structure model' '_struct_site.pdbx_auth_seq_id'               
# 
loop_
_software.name 
_software.classification 
_software.version 
_software.citation_id 
_software.pdbx_ordinal 
REFMAC refinement       5.7.0029 ? 1 
XDS    'data reduction' .        ? 2 
PHASER phasing          .        ? 3 
# 
_pdbx_validate_symm_contact.id                1 
_pdbx_validate_symm_contact.PDB_model_num     1 
_pdbx_validate_symm_contact.auth_atom_id_1    O 
_pdbx_validate_symm_contact.auth_asym_id_1    A 
_pdbx_validate_symm_contact.auth_comp_id_1    HOH 
_pdbx_validate_symm_contact.auth_seq_id_1     2047 
_pdbx_validate_symm_contact.PDB_ins_code_1    ? 
_pdbx_validate_symm_contact.label_alt_id_1    ? 
_pdbx_validate_symm_contact.site_symmetry_1   1_555 
_pdbx_validate_symm_contact.auth_atom_id_2    O 
_pdbx_validate_symm_contact.auth_asym_id_2    A 
_pdbx_validate_symm_contact.auth_comp_id_2    HOH 
_pdbx_validate_symm_contact.auth_seq_id_2     2047 
_pdbx_validate_symm_contact.PDB_ins_code_2    ? 
_pdbx_validate_symm_contact.label_alt_id_2    ? 
_pdbx_validate_symm_contact.site_symmetry_2   10_664 
_pdbx_validate_symm_contact.dist              2.10 
# 
loop_
_pdbx_validate_torsion.id 
_pdbx_validate_torsion.PDB_model_num 
_pdbx_validate_torsion.auth_comp_id 
_pdbx_validate_torsion.auth_asym_id 
_pdbx_validate_torsion.auth_seq_id 
_pdbx_validate_torsion.PDB_ins_code 
_pdbx_validate_torsion.label_alt_id 
_pdbx_validate_torsion.phi 
_pdbx_validate_torsion.psi 
1 1 ASN A -5  ? ? 90.67  16.99  
2 1 TRP A 158 ? ? -24.74 -67.91 
# 
loop_
_pdbx_unobs_or_zero_occ_residues.id 
_pdbx_unobs_or_zero_occ_residues.PDB_model_num 
_pdbx_unobs_or_zero_occ_residues.polymer_flag 
_pdbx_unobs_or_zero_occ_residues.occupancy_flag 
_pdbx_unobs_or_zero_occ_residues.auth_asym_id 
_pdbx_unobs_or_zero_occ_residues.auth_comp_id 
_pdbx_unobs_or_zero_occ_residues.auth_seq_id 
_pdbx_unobs_or_zero_occ_residues.PDB_ins_code 
_pdbx_unobs_or_zero_occ_residues.label_asym_id 
_pdbx_unobs_or_zero_occ_residues.label_comp_id 
_pdbx_unobs_or_zero_occ_residues.label_seq_id 
1  1 Y 1 A MET -18 ? A MET 1  
2  1 Y 1 A GLY -17 ? A GLY 2  
3  1 Y 1 A SER -16 ? A SER 3  
4  1 Y 1 A ASP -15 ? A ASP 4  
5  1 Y 1 A LYS -14 ? A LYS 5  
6  1 Y 1 A ILE -13 ? A ILE 6  
7  1 Y 1 A HIS -12 ? A HIS 7  
8  1 Y 1 A HIS -11 ? A HIS 8  
9  1 Y 1 A HIS -10 ? A HIS 9  
10 1 Y 1 A HIS -9  ? A HIS 10 
11 1 Y 1 A HIS -8  ? A HIS 11 
# 
loop_
_chem_comp_atom.comp_id 
_chem_comp_atom.atom_id 
_chem_comp_atom.type_symbol 
_chem_comp_atom.pdbx_aromatic_flag 
_chem_comp_atom.pdbx_stereo_config 
_chem_comp_atom.pdbx_ordinal 
A2Q C1     C N N 1   
A2Q C2     C N N 2   
A2Q C3     C N N 3   
A2Q C4     C N N 4   
A2Q C5     C N N 5   
A2Q C6     C N N 6   
A2Q O1     O N N 7   
A2Q H21C   H N N 8   
A2Q H22C   H N N 9   
A2Q H6     H N N 10  
A2Q H31C   H N N 11  
A2Q H32C   H N N 12  
A2Q H41C   H N N 13  
A2Q H42C   H N N 14  
A2Q H5     H N N 15  
ALA N      N N N 16  
ALA CA     C N S 17  
ALA C      C N N 18  
ALA O      O N N 19  
ALA CB     C N N 20  
ALA OXT    O N N 21  
ALA H      H N N 22  
ALA H2     H N N 23  
ALA HA     H N N 24  
ALA HB1    H N N 25  
ALA HB2    H N N 26  
ALA HB3    H N N 27  
ALA HXT    H N N 28  
ARG N      N N N 29  
ARG CA     C N S 30  
ARG C      C N N 31  
ARG O      O N N 32  
ARG CB     C N N 33  
ARG CG     C N N 34  
ARG CD     C N N 35  
ARG NE     N N N 36  
ARG CZ     C N N 37  
ARG NH1    N N N 38  
ARG NH2    N N N 39  
ARG OXT    O N N 40  
ARG H      H N N 41  
ARG H2     H N N 42  
ARG HA     H N N 43  
ARG HB2    H N N 44  
ARG HB3    H N N 45  
ARG HG2    H N N 46  
ARG HG3    H N N 47  
ARG HD2    H N N 48  
ARG HD3    H N N 49  
ARG HE     H N N 50  
ARG HH11   H N N 51  
ARG HH12   H N N 52  
ARG HH21   H N N 53  
ARG HH22   H N N 54  
ARG HXT    H N N 55  
ASN N      N N N 56  
ASN CA     C N S 57  
ASN C      C N N 58  
ASN O      O N N 59  
ASN CB     C N N 60  
ASN CG     C N N 61  
ASN OD1    O N N 62  
ASN ND2    N N N 63  
ASN OXT    O N N 64  
ASN H      H N N 65  
ASN H2     H N N 66  
ASN HA     H N N 67  
ASN HB2    H N N 68  
ASN HB3    H N N 69  
ASN HD21   H N N 70  
ASN HD22   H N N 71  
ASN HXT    H N N 72  
ASP N      N N N 73  
ASP CA     C N S 74  
ASP C      C N N 75  
ASP O      O N N 76  
ASP CB     C N N 77  
ASP CG     C N N 78  
ASP OD1    O N N 79  
ASP OD2    O N N 80  
ASP OXT    O N N 81  
ASP H      H N N 82  
ASP H2     H N N 83  
ASP HA     H N N 84  
ASP HB2    H N N 85  
ASP HB3    H N N 86  
ASP HD2    H N N 87  
ASP HXT    H N N 88  
CYS N      N N N 89  
CYS CA     C N R 90  
CYS C      C N N 91  
CYS O      O N N 92  
CYS CB     C N N 93  
CYS SG     S N N 94  
CYS OXT    O N N 95  
CYS H      H N N 96  
CYS H2     H N N 97  
CYS HA     H N N 98  
CYS HB2    H N N 99  
CYS HB3    H N N 100 
CYS HG     H N N 101 
CYS HXT    H N N 102 
FMN N1     N N N 103 
FMN C2     C N N 104 
FMN O2     O N N 105 
FMN N3     N N N 106 
FMN C4     C N N 107 
FMN O4     O N N 108 
FMN C4A    C N N 109 
FMN N5     N N N 110 
FMN C5A    C Y N 111 
FMN C6     C Y N 112 
FMN C7     C Y N 113 
FMN C7M    C N N 114 
FMN C8     C Y N 115 
FMN C8M    C N N 116 
FMN C9     C Y N 117 
FMN C9A    C Y N 118 
FMN N10    N N N 119 
FMN C10    C N N 120 
FMN "C1'"  C N N 121 
FMN "C2'"  C N S 122 
FMN "O2'"  O N N 123 
FMN "C3'"  C N S 124 
FMN "O3'"  O N N 125 
FMN "C4'"  C N R 126 
FMN "O4'"  O N N 127 
FMN "C5'"  C N N 128 
FMN "O5'"  O N N 129 
FMN P      P N N 130 
FMN O1P    O N N 131 
FMN O2P    O N N 132 
FMN O3P    O N N 133 
FMN HN3    H N N 134 
FMN H6     H N N 135 
FMN HM71   H N N 136 
FMN HM72   H N N 137 
FMN HM73   H N N 138 
FMN HM81   H N N 139 
FMN HM82   H N N 140 
FMN HM83   H N N 141 
FMN H9     H N N 142 
FMN "H1'1" H N N 143 
FMN "H1'2" H N N 144 
FMN "H2'"  H N N 145 
FMN "HO2'" H N N 146 
FMN "H3'"  H N N 147 
FMN "HO3'" H N N 148 
FMN "H4'"  H N N 149 
FMN "HO4'" H N N 150 
FMN "H5'1" H N N 151 
FMN "H5'2" H N N 152 
FMN HOP2   H N N 153 
FMN HOP3   H N N 154 
GLN N      N N N 155 
GLN CA     C N S 156 
GLN C      C N N 157 
GLN O      O N N 158 
GLN CB     C N N 159 
GLN CG     C N N 160 
GLN CD     C N N 161 
GLN OE1    O N N 162 
GLN NE2    N N N 163 
GLN OXT    O N N 164 
GLN H      H N N 165 
GLN H2     H N N 166 
GLN HA     H N N 167 
GLN HB2    H N N 168 
GLN HB3    H N N 169 
GLN HG2    H N N 170 
GLN HG3    H N N 171 
GLN HE21   H N N 172 
GLN HE22   H N N 173 
GLN HXT    H N N 174 
GLU N      N N N 175 
GLU CA     C N S 176 
GLU C      C N N 177 
GLU O      O N N 178 
GLU CB     C N N 179 
GLU CG     C N N 180 
GLU CD     C N N 181 
GLU OE1    O N N 182 
GLU OE2    O N N 183 
GLU OXT    O N N 184 
GLU H      H N N 185 
GLU H2     H N N 186 
GLU HA     H N N 187 
GLU HB2    H N N 188 
GLU HB3    H N N 189 
GLU HG2    H N N 190 
GLU HG3    H N N 191 
GLU HE2    H N N 192 
GLU HXT    H N N 193 
GLY N      N N N 194 
GLY CA     C N N 195 
GLY C      C N N 196 
GLY O      O N N 197 
GLY OXT    O N N 198 
GLY H      H N N 199 
GLY H2     H N N 200 
GLY HA2    H N N 201 
GLY HA3    H N N 202 
GLY HXT    H N N 203 
HIS N      N N N 204 
HIS CA     C N S 205 
HIS C      C N N 206 
HIS O      O N N 207 
HIS CB     C N N 208 
HIS CG     C Y N 209 
HIS ND1    N Y N 210 
HIS CD2    C Y N 211 
HIS CE1    C Y N 212 
HIS NE2    N Y N 213 
HIS OXT    O N N 214 
HIS H      H N N 215 
HIS H2     H N N 216 
HIS HA     H N N 217 
HIS HB2    H N N 218 
HIS HB3    H N N 219 
HIS HD1    H N N 220 
HIS HD2    H N N 221 
HIS HE1    H N N 222 
HIS HE2    H N N 223 
HIS HXT    H N N 224 
HOH O      O N N 225 
HOH H1     H N N 226 
HOH H2     H N N 227 
ILE N      N N N 228 
ILE CA     C N S 229 
ILE C      C N N 230 
ILE O      O N N 231 
ILE CB     C N S 232 
ILE CG1    C N N 233 
ILE CG2    C N N 234 
ILE CD1    C N N 235 
ILE OXT    O N N 236 
ILE H      H N N 237 
ILE H2     H N N 238 
ILE HA     H N N 239 
ILE HB     H N N 240 
ILE HG12   H N N 241 
ILE HG13   H N N 242 
ILE HG21   H N N 243 
ILE HG22   H N N 244 
ILE HG23   H N N 245 
ILE HD11   H N N 246 
ILE HD12   H N N 247 
ILE HD13   H N N 248 
ILE HXT    H N N 249 
LEU N      N N N 250 
LEU CA     C N S 251 
LEU C      C N N 252 
LEU O      O N N 253 
LEU CB     C N N 254 
LEU CG     C N N 255 
LEU CD1    C N N 256 
LEU CD2    C N N 257 
LEU OXT    O N N 258 
LEU H      H N N 259 
LEU H2     H N N 260 
LEU HA     H N N 261 
LEU HB2    H N N 262 
LEU HB3    H N N 263 
LEU HG     H N N 264 
LEU HD11   H N N 265 
LEU HD12   H N N 266 
LEU HD13   H N N 267 
LEU HD21   H N N 268 
LEU HD22   H N N 269 
LEU HD23   H N N 270 
LEU HXT    H N N 271 
LYS N      N N N 272 
LYS CA     C N S 273 
LYS C      C N N 274 
LYS O      O N N 275 
LYS CB     C N N 276 
LYS CG     C N N 277 
LYS CD     C N N 278 
LYS CE     C N N 279 
LYS NZ     N N N 280 
LYS OXT    O N N 281 
LYS H      H N N 282 
LYS H2     H N N 283 
LYS HA     H N N 284 
LYS HB2    H N N 285 
LYS HB3    H N N 286 
LYS HG2    H N N 287 
LYS HG3    H N N 288 
LYS HD2    H N N 289 
LYS HD3    H N N 290 
LYS HE2    H N N 291 
LYS HE3    H N N 292 
LYS HZ1    H N N 293 
LYS HZ2    H N N 294 
LYS HZ3    H N N 295 
LYS HXT    H N N 296 
MET N      N N N 297 
MET CA     C N S 298 
MET C      C N N 299 
MET O      O N N 300 
MET CB     C N N 301 
MET CG     C N N 302 
MET SD     S N N 303 
MET CE     C N N 304 
MET OXT    O N N 305 
MET H      H N N 306 
MET H2     H N N 307 
MET HA     H N N 308 
MET HB2    H N N 309 
MET HB3    H N N 310 
MET HG2    H N N 311 
MET HG3    H N N 312 
MET HE1    H N N 313 
MET HE2    H N N 314 
MET HE3    H N N 315 
MET HXT    H N N 316 
PHE N      N N N 317 
PHE CA     C N S 318 
PHE C      C N N 319 
PHE O      O N N 320 
PHE CB     C N N 321 
PHE CG     C Y N 322 
PHE CD1    C Y N 323 
PHE CD2    C Y N 324 
PHE CE1    C Y N 325 
PHE CE2    C Y N 326 
PHE CZ     C Y N 327 
PHE OXT    O N N 328 
PHE H      H N N 329 
PHE H2     H N N 330 
PHE HA     H N N 331 
PHE HB2    H N N 332 
PHE HB3    H N N 333 
PHE HD1    H N N 334 
PHE HD2    H N N 335 
PHE HE1    H N N 336 
PHE HE2    H N N 337 
PHE HZ     H N N 338 
PHE HXT    H N N 339 
PRO N      N N N 340 
PRO CA     C N S 341 
PRO C      C N N 342 
PRO O      O N N 343 
PRO CB     C N N 344 
PRO CG     C N N 345 
PRO CD     C N N 346 
PRO OXT    O N N 347 
PRO H      H N N 348 
PRO HA     H N N 349 
PRO HB2    H N N 350 
PRO HB3    H N N 351 
PRO HG2    H N N 352 
PRO HG3    H N N 353 
PRO HD2    H N N 354 
PRO HD3    H N N 355 
PRO HXT    H N N 356 
SER N      N N N 357 
SER CA     C N S 358 
SER C      C N N 359 
SER O      O N N 360 
SER CB     C N N 361 
SER OG     O N N 362 
SER OXT    O N N 363 
SER H      H N N 364 
SER H2     H N N 365 
SER HA     H N N 366 
SER HB2    H N N 367 
SER HB3    H N N 368 
SER HG     H N N 369 
SER HXT    H N N 370 
THR N      N N N 371 
THR CA     C N S 372 
THR C      C N N 373 
THR O      O N N 374 
THR CB     C N R 375 
THR OG1    O N N 376 
THR CG2    C N N 377 
THR OXT    O N N 378 
THR H      H N N 379 
THR H2     H N N 380 
THR HA     H N N 381 
THR HB     H N N 382 
THR HG1    H N N 383 
THR HG21   H N N 384 
THR HG22   H N N 385 
THR HG23   H N N 386 
THR HXT    H N N 387 
TRP N      N N N 388 
TRP CA     C N S 389 
TRP C      C N N 390 
TRP O      O N N 391 
TRP CB     C N N 392 
TRP CG     C Y N 393 
TRP CD1    C Y N 394 
TRP CD2    C Y N 395 
TRP NE1    N Y N 396 
TRP CE2    C Y N 397 
TRP CE3    C Y N 398 
TRP CZ2    C Y N 399 
TRP CZ3    C Y N 400 
TRP CH2    C Y N 401 
TRP OXT    O N N 402 
TRP H      H N N 403 
TRP H2     H N N 404 
TRP HA     H N N 405 
TRP HB2    H N N 406 
TRP HB3    H N N 407 
TRP HD1    H N N 408 
TRP HE1    H N N 409 
TRP HE3    H N N 410 
TRP HZ2    H N N 411 
TRP HZ3    H N N 412 
TRP HH2    H N N 413 
TRP HXT    H N N 414 
TYR N      N N N 415 
TYR CA     C N S 416 
TYR C      C N N 417 
TYR O      O N N 418 
TYR CB     C N N 419 
TYR CG     C Y N 420 
TYR CD1    C Y N 421 
TYR CD2    C Y N 422 
TYR CE1    C Y N 423 
TYR CE2    C Y N 424 
TYR CZ     C Y N 425 
TYR OH     O N N 426 
TYR OXT    O N N 427 
TYR H      H N N 428 
TYR H2     H N N 429 
TYR HA     H N N 430 
TYR HB2    H N N 431 
TYR HB3    H N N 432 
TYR HD1    H N N 433 
TYR HD2    H N N 434 
TYR HE1    H N N 435 
TYR HE2    H N N 436 
TYR HH     H N N 437 
TYR HXT    H N N 438 
VAL N      N N N 439 
VAL CA     C N S 440 
VAL C      C N N 441 
VAL O      O N N 442 
VAL CB     C N N 443 
VAL CG1    C N N 444 
VAL CG2    C N N 445 
VAL OXT    O N N 446 
VAL H      H N N 447 
VAL H2     H N N 448 
VAL HA     H N N 449 
VAL HB     H N N 450 
VAL HG11   H N N 451 
VAL HG12   H N N 452 
VAL HG13   H N N 453 
VAL HG21   H N N 454 
VAL HG22   H N N 455 
VAL HG23   H N N 456 
VAL HXT    H N N 457 
# 
loop_
_chem_comp_bond.comp_id 
_chem_comp_bond.atom_id_1 
_chem_comp_bond.atom_id_2 
_chem_comp_bond.value_order 
_chem_comp_bond.pdbx_aromatic_flag 
_chem_comp_bond.pdbx_stereo_config 
_chem_comp_bond.pdbx_ordinal 
A2Q C1    C2     sing N N 1   
A2Q C1    C6     sing N N 2   
A2Q C1    O1     doub N N 3   
A2Q C2    C3     sing N N 4   
A2Q C3    C4     sing N N 5   
A2Q C4    C5     sing N N 6   
A2Q C5    C6     doub N N 7   
A2Q C2    H21C   sing N N 8   
A2Q C2    H22C   sing N N 9   
A2Q C6    H6     sing N N 10  
A2Q C3    H31C   sing N N 11  
A2Q C3    H32C   sing N N 12  
A2Q C4    H41C   sing N N 13  
A2Q C4    H42C   sing N N 14  
A2Q C5    H5     sing N N 15  
ALA N     CA     sing N N 16  
ALA N     H      sing N N 17  
ALA N     H2     sing N N 18  
ALA CA    C      sing N N 19  
ALA CA    CB     sing N N 20  
ALA CA    HA     sing N N 21  
ALA C     O      doub N N 22  
ALA C     OXT    sing N N 23  
ALA CB    HB1    sing N N 24  
ALA CB    HB2    sing N N 25  
ALA CB    HB3    sing N N 26  
ALA OXT   HXT    sing N N 27  
ARG N     CA     sing N N 28  
ARG N     H      sing N N 29  
ARG N     H2     sing N N 30  
ARG CA    C      sing N N 31  
ARG CA    CB     sing N N 32  
ARG CA    HA     sing N N 33  
ARG C     O      doub N N 34  
ARG C     OXT    sing N N 35  
ARG CB    CG     sing N N 36  
ARG CB    HB2    sing N N 37  
ARG CB    HB3    sing N N 38  
ARG CG    CD     sing N N 39  
ARG CG    HG2    sing N N 40  
ARG CG    HG3    sing N N 41  
ARG CD    NE     sing N N 42  
ARG CD    HD2    sing N N 43  
ARG CD    HD3    sing N N 44  
ARG NE    CZ     sing N N 45  
ARG NE    HE     sing N N 46  
ARG CZ    NH1    sing N N 47  
ARG CZ    NH2    doub N N 48  
ARG NH1   HH11   sing N N 49  
ARG NH1   HH12   sing N N 50  
ARG NH2   HH21   sing N N 51  
ARG NH2   HH22   sing N N 52  
ARG OXT   HXT    sing N N 53  
ASN N     CA     sing N N 54  
ASN N     H      sing N N 55  
ASN N     H2     sing N N 56  
ASN CA    C      sing N N 57  
ASN CA    CB     sing N N 58  
ASN CA    HA     sing N N 59  
ASN C     O      doub N N 60  
ASN C     OXT    sing N N 61  
ASN CB    CG     sing N N 62  
ASN CB    HB2    sing N N 63  
ASN CB    HB3    sing N N 64  
ASN CG    OD1    doub N N 65  
ASN CG    ND2    sing N N 66  
ASN ND2   HD21   sing N N 67  
ASN ND2   HD22   sing N N 68  
ASN OXT   HXT    sing N N 69  
ASP N     CA     sing N N 70  
ASP N     H      sing N N 71  
ASP N     H2     sing N N 72  
ASP CA    C      sing N N 73  
ASP CA    CB     sing N N 74  
ASP CA    HA     sing N N 75  
ASP C     O      doub N N 76  
ASP C     OXT    sing N N 77  
ASP CB    CG     sing N N 78  
ASP CB    HB2    sing N N 79  
ASP CB    HB3    sing N N 80  
ASP CG    OD1    doub N N 81  
ASP CG    OD2    sing N N 82  
ASP OD2   HD2    sing N N 83  
ASP OXT   HXT    sing N N 84  
CYS N     CA     sing N N 85  
CYS N     H      sing N N 86  
CYS N     H2     sing N N 87  
CYS CA    C      sing N N 88  
CYS CA    CB     sing N N 89  
CYS CA    HA     sing N N 90  
CYS C     O      doub N N 91  
CYS C     OXT    sing N N 92  
CYS CB    SG     sing N N 93  
CYS CB    HB2    sing N N 94  
CYS CB    HB3    sing N N 95  
CYS SG    HG     sing N N 96  
CYS OXT   HXT    sing N N 97  
FMN N1    C2     sing N N 98  
FMN N1    C10    doub N N 99  
FMN C2    O2     doub N N 100 
FMN C2    N3     sing N N 101 
FMN N3    C4     sing N N 102 
FMN N3    HN3    sing N N 103 
FMN C4    O4     doub N N 104 
FMN C4    C4A    sing N N 105 
FMN C4A   N5     doub N N 106 
FMN C4A   C10    sing N N 107 
FMN N5    C5A    sing N N 108 
FMN C5A   C6     doub Y N 109 
FMN C5A   C9A    sing Y N 110 
FMN C6    C7     sing Y N 111 
FMN C6    H6     sing N N 112 
FMN C7    C7M    sing N N 113 
FMN C7    C8     doub Y N 114 
FMN C7M   HM71   sing N N 115 
FMN C7M   HM72   sing N N 116 
FMN C7M   HM73   sing N N 117 
FMN C8    C8M    sing N N 118 
FMN C8    C9     sing Y N 119 
FMN C8M   HM81   sing N N 120 
FMN C8M   HM82   sing N N 121 
FMN C8M   HM83   sing N N 122 
FMN C9    C9A    doub Y N 123 
FMN C9    H9     sing N N 124 
FMN C9A   N10    sing N N 125 
FMN N10   C10    sing N N 126 
FMN N10   "C1'"  sing N N 127 
FMN "C1'" "C2'"  sing N N 128 
FMN "C1'" "H1'1" sing N N 129 
FMN "C1'" "H1'2" sing N N 130 
FMN "C2'" "O2'"  sing N N 131 
FMN "C2'" "C3'"  sing N N 132 
FMN "C2'" "H2'"  sing N N 133 
FMN "O2'" "HO2'" sing N N 134 
FMN "C3'" "O3'"  sing N N 135 
FMN "C3'" "C4'"  sing N N 136 
FMN "C3'" "H3'"  sing N N 137 
FMN "O3'" "HO3'" sing N N 138 
FMN "C4'" "O4'"  sing N N 139 
FMN "C4'" "C5'"  sing N N 140 
FMN "C4'" "H4'"  sing N N 141 
FMN "O4'" "HO4'" sing N N 142 
FMN "C5'" "O5'"  sing N N 143 
FMN "C5'" "H5'1" sing N N 144 
FMN "C5'" "H5'2" sing N N 145 
FMN "O5'" P      sing N N 146 
FMN P     O1P    doub N N 147 
FMN P     O2P    sing N N 148 
FMN P     O3P    sing N N 149 
FMN O2P   HOP2   sing N N 150 
FMN O3P   HOP3   sing N N 151 
GLN N     CA     sing N N 152 
GLN N     H      sing N N 153 
GLN N     H2     sing N N 154 
GLN CA    C      sing N N 155 
GLN CA    CB     sing N N 156 
GLN CA    HA     sing N N 157 
GLN C     O      doub N N 158 
GLN C     OXT    sing N N 159 
GLN CB    CG     sing N N 160 
GLN CB    HB2    sing N N 161 
GLN CB    HB3    sing N N 162 
GLN CG    CD     sing N N 163 
GLN CG    HG2    sing N N 164 
GLN CG    HG3    sing N N 165 
GLN CD    OE1    doub N N 166 
GLN CD    NE2    sing N N 167 
GLN NE2   HE21   sing N N 168 
GLN NE2   HE22   sing N N 169 
GLN OXT   HXT    sing N N 170 
GLU N     CA     sing N N 171 
GLU N     H      sing N N 172 
GLU N     H2     sing N N 173 
GLU CA    C      sing N N 174 
GLU CA    CB     sing N N 175 
GLU CA    HA     sing N N 176 
GLU C     O      doub N N 177 
GLU C     OXT    sing N N 178 
GLU CB    CG     sing N N 179 
GLU CB    HB2    sing N N 180 
GLU CB    HB3    sing N N 181 
GLU CG    CD     sing N N 182 
GLU CG    HG2    sing N N 183 
GLU CG    HG3    sing N N 184 
GLU CD    OE1    doub N N 185 
GLU CD    OE2    sing N N 186 
GLU OE2   HE2    sing N N 187 
GLU OXT   HXT    sing N N 188 
GLY N     CA     sing N N 189 
GLY N     H      sing N N 190 
GLY N     H2     sing N N 191 
GLY CA    C      sing N N 192 
GLY CA    HA2    sing N N 193 
GLY CA    HA3    sing N N 194 
GLY C     O      doub N N 195 
GLY C     OXT    sing N N 196 
GLY OXT   HXT    sing N N 197 
HIS N     CA     sing N N 198 
HIS N     H      sing N N 199 
HIS N     H2     sing N N 200 
HIS CA    C      sing N N 201 
HIS CA    CB     sing N N 202 
HIS CA    HA     sing N N 203 
HIS C     O      doub N N 204 
HIS C     OXT    sing N N 205 
HIS CB    CG     sing N N 206 
HIS CB    HB2    sing N N 207 
HIS CB    HB3    sing N N 208 
HIS CG    ND1    sing Y N 209 
HIS CG    CD2    doub Y N 210 
HIS ND1   CE1    doub Y N 211 
HIS ND1   HD1    sing N N 212 
HIS CD2   NE2    sing Y N 213 
HIS CD2   HD2    sing N N 214 
HIS CE1   NE2    sing Y N 215 
HIS CE1   HE1    sing N N 216 
HIS NE2   HE2    sing N N 217 
HIS OXT   HXT    sing N N 218 
HOH O     H1     sing N N 219 
HOH O     H2     sing N N 220 
ILE N     CA     sing N N 221 
ILE N     H      sing N N 222 
ILE N     H2     sing N N 223 
ILE CA    C      sing N N 224 
ILE CA    CB     sing N N 225 
ILE CA    HA     sing N N 226 
ILE C     O      doub N N 227 
ILE C     OXT    sing N N 228 
ILE CB    CG1    sing N N 229 
ILE CB    CG2    sing N N 230 
ILE CB    HB     sing N N 231 
ILE CG1   CD1    sing N N 232 
ILE CG1   HG12   sing N N 233 
ILE CG1   HG13   sing N N 234 
ILE CG2   HG21   sing N N 235 
ILE CG2   HG22   sing N N 236 
ILE CG2   HG23   sing N N 237 
ILE CD1   HD11   sing N N 238 
ILE CD1   HD12   sing N N 239 
ILE CD1   HD13   sing N N 240 
ILE OXT   HXT    sing N N 241 
LEU N     CA     sing N N 242 
LEU N     H      sing N N 243 
LEU N     H2     sing N N 244 
LEU CA    C      sing N N 245 
LEU CA    CB     sing N N 246 
LEU CA    HA     sing N N 247 
LEU C     O      doub N N 248 
LEU C     OXT    sing N N 249 
LEU CB    CG     sing N N 250 
LEU CB    HB2    sing N N 251 
LEU CB    HB3    sing N N 252 
LEU CG    CD1    sing N N 253 
LEU CG    CD2    sing N N 254 
LEU CG    HG     sing N N 255 
LEU CD1   HD11   sing N N 256 
LEU CD1   HD12   sing N N 257 
LEU CD1   HD13   sing N N 258 
LEU CD2   HD21   sing N N 259 
LEU CD2   HD22   sing N N 260 
LEU CD2   HD23   sing N N 261 
LEU OXT   HXT    sing N N 262 
LYS N     CA     sing N N 263 
LYS N     H      sing N N 264 
LYS N     H2     sing N N 265 
LYS CA    C      sing N N 266 
LYS CA    CB     sing N N 267 
LYS CA    HA     sing N N 268 
LYS C     O      doub N N 269 
LYS C     OXT    sing N N 270 
LYS CB    CG     sing N N 271 
LYS CB    HB2    sing N N 272 
LYS CB    HB3    sing N N 273 
LYS CG    CD     sing N N 274 
LYS CG    HG2    sing N N 275 
LYS CG    HG3    sing N N 276 
LYS CD    CE     sing N N 277 
LYS CD    HD2    sing N N 278 
LYS CD    HD3    sing N N 279 
LYS CE    NZ     sing N N 280 
LYS CE    HE2    sing N N 281 
LYS CE    HE3    sing N N 282 
LYS NZ    HZ1    sing N N 283 
LYS NZ    HZ2    sing N N 284 
LYS NZ    HZ3    sing N N 285 
LYS OXT   HXT    sing N N 286 
MET N     CA     sing N N 287 
MET N     H      sing N N 288 
MET N     H2     sing N N 289 
MET CA    C      sing N N 290 
MET CA    CB     sing N N 291 
MET CA    HA     sing N N 292 
MET C     O      doub N N 293 
MET C     OXT    sing N N 294 
MET CB    CG     sing N N 295 
MET CB    HB2    sing N N 296 
MET CB    HB3    sing N N 297 
MET CG    SD     sing N N 298 
MET CG    HG2    sing N N 299 
MET CG    HG3    sing N N 300 
MET SD    CE     sing N N 301 
MET CE    HE1    sing N N 302 
MET CE    HE2    sing N N 303 
MET CE    HE3    sing N N 304 
MET OXT   HXT    sing N N 305 
PHE N     CA     sing N N 306 
PHE N     H      sing N N 307 
PHE N     H2     sing N N 308 
PHE CA    C      sing N N 309 
PHE CA    CB     sing N N 310 
PHE CA    HA     sing N N 311 
PHE C     O      doub N N 312 
PHE C     OXT    sing N N 313 
PHE CB    CG     sing N N 314 
PHE CB    HB2    sing N N 315 
PHE CB    HB3    sing N N 316 
PHE CG    CD1    doub Y N 317 
PHE CG    CD2    sing Y N 318 
PHE CD1   CE1    sing Y N 319 
PHE CD1   HD1    sing N N 320 
PHE CD2   CE2    doub Y N 321 
PHE CD2   HD2    sing N N 322 
PHE CE1   CZ     doub Y N 323 
PHE CE1   HE1    sing N N 324 
PHE CE2   CZ     sing Y N 325 
PHE CE2   HE2    sing N N 326 
PHE CZ    HZ     sing N N 327 
PHE OXT   HXT    sing N N 328 
PRO N     CA     sing N N 329 
PRO N     CD     sing N N 330 
PRO N     H      sing N N 331 
PRO CA    C      sing N N 332 
PRO CA    CB     sing N N 333 
PRO CA    HA     sing N N 334 
PRO C     O      doub N N 335 
PRO C     OXT    sing N N 336 
PRO CB    CG     sing N N 337 
PRO CB    HB2    sing N N 338 
PRO CB    HB3    sing N N 339 
PRO CG    CD     sing N N 340 
PRO CG    HG2    sing N N 341 
PRO CG    HG3    sing N N 342 
PRO CD    HD2    sing N N 343 
PRO CD    HD3    sing N N 344 
PRO OXT   HXT    sing N N 345 
SER N     CA     sing N N 346 
SER N     H      sing N N 347 
SER N     H2     sing N N 348 
SER CA    C      sing N N 349 
SER CA    CB     sing N N 350 
SER CA    HA     sing N N 351 
SER C     O      doub N N 352 
SER C     OXT    sing N N 353 
SER CB    OG     sing N N 354 
SER CB    HB2    sing N N 355 
SER CB    HB3    sing N N 356 
SER OG    HG     sing N N 357 
SER OXT   HXT    sing N N 358 
THR N     CA     sing N N 359 
THR N     H      sing N N 360 
THR N     H2     sing N N 361 
THR CA    C      sing N N 362 
THR CA    CB     sing N N 363 
THR CA    HA     sing N N 364 
THR C     O      doub N N 365 
THR C     OXT    sing N N 366 
THR CB    OG1    sing N N 367 
THR CB    CG2    sing N N 368 
THR CB    HB     sing N N 369 
THR OG1   HG1    sing N N 370 
THR CG2   HG21   sing N N 371 
THR CG2   HG22   sing N N 372 
THR CG2   HG23   sing N N 373 
THR OXT   HXT    sing N N 374 
TRP N     CA     sing N N 375 
TRP N     H      sing N N 376 
TRP N     H2     sing N N 377 
TRP CA    C      sing N N 378 
TRP CA    CB     sing N N 379 
TRP CA    HA     sing N N 380 
TRP C     O      doub N N 381 
TRP C     OXT    sing N N 382 
TRP CB    CG     sing N N 383 
TRP CB    HB2    sing N N 384 
TRP CB    HB3    sing N N 385 
TRP CG    CD1    doub Y N 386 
TRP CG    CD2    sing Y N 387 
TRP CD1   NE1    sing Y N 388 
TRP CD1   HD1    sing N N 389 
TRP CD2   CE2    doub Y N 390 
TRP CD2   CE3    sing Y N 391 
TRP NE1   CE2    sing Y N 392 
TRP NE1   HE1    sing N N 393 
TRP CE2   CZ2    sing Y N 394 
TRP CE3   CZ3    doub Y N 395 
TRP CE3   HE3    sing N N 396 
TRP CZ2   CH2    doub Y N 397 
TRP CZ2   HZ2    sing N N 398 
TRP CZ3   CH2    sing Y N 399 
TRP CZ3   HZ3    sing N N 400 
TRP CH2   HH2    sing N N 401 
TRP OXT   HXT    sing N N 402 
TYR N     CA     sing N N 403 
TYR N     H      sing N N 404 
TYR N     H2     sing N N 405 
TYR CA    C      sing N N 406 
TYR CA    CB     sing N N 407 
TYR CA    HA     sing N N 408 
TYR C     O      doub N N 409 
TYR C     OXT    sing N N 410 
TYR CB    CG     sing N N 411 
TYR CB    HB2    sing N N 412 
TYR CB    HB3    sing N N 413 
TYR CG    CD1    doub Y N 414 
TYR CG    CD2    sing Y N 415 
TYR CD1   CE1    sing Y N 416 
TYR CD1   HD1    sing N N 417 
TYR CD2   CE2    doub Y N 418 
TYR CD2   HD2    sing N N 419 
TYR CE1   CZ     doub Y N 420 
TYR CE1   HE1    sing N N 421 
TYR CE2   CZ     sing Y N 422 
TYR CE2   HE2    sing N N 423 
TYR CZ    OH     sing N N 424 
TYR OH    HH     sing N N 425 
TYR OXT   HXT    sing N N 426 
VAL N     CA     sing N N 427 
VAL N     H      sing N N 428 
VAL N     H2     sing N N 429 
VAL CA    C      sing N N 430 
VAL CA    CB     sing N N 431 
VAL CA    HA     sing N N 432 
VAL C     O      doub N N 433 
VAL C     OXT    sing N N 434 
VAL CB    CG1    sing N N 435 
VAL CB    CG2    sing N N 436 
VAL CB    HB     sing N N 437 
VAL CG1   HG11   sing N N 438 
VAL CG1   HG12   sing N N 439 
VAL CG1   HG13   sing N N 440 
VAL CG2   HG21   sing N N 441 
VAL CG2   HG22   sing N N 442 
VAL CG2   HG23   sing N N 443 
VAL OXT   HXT    sing N N 444 
# 
loop_
_pdbx_entity_nonpoly.entity_id 
_pdbx_entity_nonpoly.name 
_pdbx_entity_nonpoly.comp_id 
2 'FLAVIN MONONUCLEOTIDE' FMN 
3 cyclohex-2-en-1-one     A2Q 
4 water                   HOH 
# 
_pdbx_initial_refinement_model.id               1 
_pdbx_initial_refinement_model.entity_id_list   ? 
_pdbx_initial_refinement_model.type             'experimental model' 
_pdbx_initial_refinement_model.source_name      PDB 
_pdbx_initial_refinement_model.accession_code   1USC 
_pdbx_initial_refinement_model.details          'PDB ENTRY 1USC' 
# 
